data_1SJQ
#
_entry.id   1SJQ
#
_entity_poly.entity_id   1
_entity_poly.type   'polypeptide(L)'
_entity_poly.pdbx_seq_one_letter_code
;MRGSHHHHHHGSGVPSRVIHIRKLPIDVTEGEVISLGLPFGKVTNLLMLKGKNQAFIEMNTEEAANTMVNYYTSVTPVLR
GQPIYIQFSNHKELKTDSSPNQARA
;
_entity_poly.pdbx_strand_id   A
#
# COMPACT_ATOMS: atom_id res chain seq x y z
N SER A 12 21.31 1.39 -4.01
CA SER A 12 20.71 2.73 -3.80
C SER A 12 19.18 2.68 -3.86
N GLY A 13 18.56 3.86 -3.86
CA GLY A 13 17.11 3.92 -3.92
C GLY A 13 16.52 2.86 -4.81
N VAL A 14 15.29 2.45 -4.52
CA VAL A 14 14.61 1.43 -5.31
C VAL A 14 13.30 1.96 -5.87
N PRO A 15 13.14 1.95 -7.20
CA PRO A 15 11.93 2.43 -7.86
C PRO A 15 10.67 1.78 -7.30
N SER A 16 10.14 2.37 -6.23
CA SER A 16 8.93 1.84 -5.60
C SER A 16 7.99 2.98 -5.20
N ARG A 17 6.95 3.19 -6.00
CA ARG A 17 5.98 4.24 -5.73
C ARG A 17 4.66 3.65 -5.27
N VAL A 18 4.24 2.56 -5.91
CA VAL A 18 2.99 1.89 -5.56
C VAL A 18 3.23 0.77 -4.56
N ILE A 19 2.36 0.71 -3.54
CA ILE A 19 2.46 -0.32 -2.51
C ILE A 19 1.36 -1.35 -2.65
N HIS A 20 1.75 -2.56 -3.05
CA HIS A 20 0.80 -3.65 -3.23
C HIS A 20 0.50 -4.34 -1.91
N ILE A 21 -0.70 -4.13 -1.39
CA ILE A 21 -1.11 -4.73 -0.12
C ILE A 21 -1.61 -6.16 -0.32
N ARG A 22 -0.97 -7.11 0.36
CA ARG A 22 -1.35 -8.51 0.25
C ARG A 22 -2.14 -8.95 1.48
N LYS A 23 -2.63 -10.19 1.45
CA LYS A 23 -3.39 -10.72 2.57
C LYS A 23 -4.39 -9.68 3.10
N LEU A 24 -5.02 -8.96 2.18
CA LEU A 24 -5.98 -7.94 2.56
C LEU A 24 -7.30 -8.14 1.81
N PRO A 25 -8.41 -8.19 2.55
CA PRO A 25 -9.74 -8.38 1.96
C PRO A 25 -10.26 -7.12 1.30
N ILE A 26 -9.66 -6.75 0.17
CA ILE A 26 -10.06 -5.56 -0.56
C ILE A 26 -11.52 -5.22 -0.30
N ASP A 27 -11.72 -4.13 0.43
CA ASP A 27 -13.05 -3.67 0.79
C ASP A 27 -12.99 -3.01 2.17
N VAL A 28 -11.93 -3.32 2.91
CA VAL A 28 -11.73 -2.76 4.24
C VAL A 28 -11.84 -1.24 4.18
N THR A 29 -11.44 -0.55 5.24
CA THR A 29 -11.53 0.89 5.27
C THR A 29 -10.19 1.54 4.96
N GLU A 30 -10.24 2.68 4.29
CA GLU A 30 -9.03 3.42 3.92
C GLU A 30 -8.39 4.04 5.16
N GLY A 31 -9.21 4.68 5.98
CA GLY A 31 -8.71 5.30 7.19
C GLY A 31 -7.67 4.44 7.88
N GLU A 32 -7.78 3.12 7.69
CA GLU A 32 -6.85 2.18 8.28
C GLU A 32 -5.61 2.05 7.41
N VAL A 33 -5.81 1.66 6.16
CA VAL A 33 -4.70 1.50 5.22
C VAL A 33 -3.83 2.75 5.21
N ILE A 34 -4.46 3.91 5.05
CA ILE A 34 -3.75 5.18 5.04
C ILE A 34 -3.20 5.50 6.42
N SER A 35 -3.99 5.19 7.45
CA SER A 35 -3.57 5.44 8.82
C SER A 35 -2.16 4.92 9.05
N LEU A 36 -1.86 3.77 8.47
CA LEU A 36 -0.55 3.16 8.61
C LEU A 36 0.48 3.93 7.79
N GLY A 37 0.07 4.39 6.62
CA GLY A 37 0.96 5.14 5.76
C GLY A 37 1.23 6.53 6.29
N LEU A 38 0.36 7.01 7.17
CA LEU A 38 0.52 8.33 7.76
C LEU A 38 1.96 8.60 8.13
N PRO A 39 2.53 7.76 9.03
CA PRO A 39 3.92 7.90 9.46
C PRO A 39 4.90 7.70 8.32
N PHE A 40 4.55 6.81 7.39
CA PHE A 40 5.39 6.52 6.24
C PHE A 40 5.60 7.78 5.40
N GLY A 41 4.59 8.64 5.38
CA GLY A 41 4.67 9.87 4.62
C GLY A 41 3.31 10.42 4.29
N LYS A 42 2.88 10.23 3.04
CA LYS A 42 1.58 10.72 2.60
C LYS A 42 1.00 9.83 1.51
N VAL A 43 -0.29 9.54 1.60
CA VAL A 43 -0.96 8.71 0.61
C VAL A 43 -1.47 9.55 -0.55
N THR A 44 -1.02 9.23 -1.75
CA THR A 44 -1.42 9.98 -2.94
C THR A 44 -2.58 9.29 -3.66
N ASN A 45 -3.00 8.15 -3.14
CA ASN A 45 -4.10 7.40 -3.74
C ASN A 45 -4.24 6.02 -3.10
N LEU A 46 -5.46 5.49 -3.10
CA LEU A 46 -5.72 4.18 -2.52
C LEU A 46 -6.80 3.44 -3.31
N LEU A 47 -6.37 2.52 -4.17
CA LEU A 47 -7.29 1.74 -4.99
C LEU A 47 -7.37 0.30 -4.50
N MET A 48 -8.53 -0.08 -4.00
CA MET A 48 -8.74 -1.45 -3.50
C MET A 48 -9.27 -2.36 -4.60
N LEU A 49 -8.36 -3.06 -5.25
CA LEU A 49 -8.73 -3.98 -6.34
C LEU A 49 -9.36 -5.24 -5.78
N LYS A 50 -10.70 -5.24 -5.69
CA LYS A 50 -11.44 -6.38 -5.18
C LYS A 50 -11.03 -7.66 -5.90
N GLY A 51 -10.42 -7.51 -7.07
CA GLY A 51 -9.99 -8.67 -7.84
C GLY A 51 -9.55 -9.82 -6.95
N LYS A 52 -8.25 -9.92 -6.72
CA LYS A 52 -7.70 -10.99 -5.89
C LYS A 52 -7.24 -10.45 -4.53
N ASN A 53 -8.16 -9.79 -3.83
CA ASN A 53 -7.86 -9.23 -2.51
C ASN A 53 -6.47 -8.59 -2.50
N GLN A 54 -6.33 -7.49 -3.24
CA GLN A 54 -5.07 -6.77 -3.33
C GLN A 54 -5.30 -5.27 -3.48
N ALA A 55 -4.63 -4.49 -2.64
CA ALA A 55 -4.78 -3.03 -2.68
C ALA A 55 -3.50 -2.39 -3.20
N PHE A 56 -3.62 -1.15 -3.67
CA PHE A 56 -2.47 -0.43 -4.20
C PHE A 56 -2.53 1.05 -3.84
N ILE A 57 -1.57 1.50 -3.04
CA ILE A 57 -1.51 2.90 -2.62
C ILE A 57 -0.27 3.58 -3.20
N GLU A 58 -0.39 4.86 -3.50
CA GLU A 58 0.72 5.62 -4.05
C GLU A 58 1.22 6.67 -3.06
N MET A 59 2.51 6.59 -2.74
CA MET A 59 3.13 7.53 -1.82
C MET A 59 3.69 8.74 -2.58
N ASN A 60 3.47 9.94 -2.04
CA ASN A 60 3.95 11.16 -2.68
C ASN A 60 5.47 11.24 -2.65
N THR A 61 6.10 10.51 -1.74
CA THR A 61 7.55 10.52 -1.63
C THR A 61 8.12 9.10 -1.62
N GLU A 62 9.31 8.94 -2.18
CA GLU A 62 9.96 7.64 -2.22
C GLU A 62 10.19 7.10 -0.81
N GLU A 63 10.69 7.95 0.08
CA GLU A 63 10.95 7.56 1.46
C GLU A 63 9.69 6.98 2.08
N ALA A 64 8.53 7.36 1.55
CA ALA A 64 7.26 6.88 2.06
C ALA A 64 6.99 5.45 1.59
N ALA A 65 7.02 5.26 0.28
CA ALA A 65 6.76 3.94 -0.31
C ALA A 65 7.66 2.88 0.33
N ASN A 66 8.96 3.13 0.35
CA ASN A 66 9.92 2.21 0.92
C ASN A 66 9.55 1.85 2.36
N THR A 67 9.63 2.83 3.25
CA THR A 67 9.30 2.63 4.65
C THR A 67 8.06 1.75 4.80
N MET A 68 7.09 1.95 3.92
CA MET A 68 5.85 1.17 3.96
C MET A 68 6.15 -0.32 3.99
N VAL A 69 6.73 -0.83 2.92
CA VAL A 69 7.06 -2.25 2.82
C VAL A 69 8.28 -2.59 3.68
N ASN A 70 9.34 -1.81 3.50
CA ASN A 70 10.57 -2.02 4.25
C ASN A 70 10.28 -2.31 5.72
N TYR A 71 9.64 -1.36 6.39
CA TYR A 71 9.30 -1.51 7.80
C TYR A 71 8.46 -2.77 8.03
N TYR A 72 7.50 -3.01 7.14
CA TYR A 72 6.64 -4.17 7.24
C TYR A 72 7.38 -5.44 6.84
N THR A 73 8.65 -5.30 6.48
CA THR A 73 9.46 -6.44 6.09
C THR A 73 9.37 -7.57 7.12
N SER A 74 9.14 -7.19 8.37
CA SER A 74 9.02 -8.16 9.44
C SER A 74 7.67 -8.03 10.14
N VAL A 75 7.37 -6.84 10.65
CA VAL A 75 6.12 -6.59 11.34
C VAL A 75 4.99 -6.35 10.34
N THR A 76 3.93 -7.13 10.46
CA THR A 76 2.78 -7.01 9.57
C THR A 76 1.63 -6.27 10.25
N PRO A 77 0.89 -5.45 9.49
CA PRO A 77 -0.24 -4.70 9.99
C PRO A 77 -1.56 -5.43 9.79
N VAL A 78 -2.39 -5.45 10.82
CA VAL A 78 -3.68 -6.11 10.74
C VAL A 78 -4.84 -5.12 10.86
N LEU A 79 -6.06 -5.62 10.75
CA LEU A 79 -7.24 -4.77 10.83
C LEU A 79 -8.27 -5.37 11.78
N ARG A 80 -8.50 -4.70 12.91
CA ARG A 80 -9.45 -5.17 13.90
C ARG A 80 -9.26 -6.64 14.18
N GLY A 81 -8.05 -7.14 13.91
CA GLY A 81 -7.75 -8.54 14.13
C GLY A 81 -7.53 -9.31 12.84
N GLN A 82 -7.44 -8.58 11.73
CA GLN A 82 -7.22 -9.21 10.43
C GLN A 82 -5.90 -8.75 9.82
N PRO A 83 -4.84 -9.57 9.99
CA PRO A 83 -3.51 -9.25 9.46
C PRO A 83 -3.50 -9.01 7.95
N ILE A 84 -3.15 -7.81 7.54
CA ILE A 84 -3.10 -7.46 6.13
C ILE A 84 -1.68 -7.06 5.73
N TYR A 85 -1.03 -7.93 4.98
CA TYR A 85 0.35 -7.69 4.54
C TYR A 85 0.42 -6.51 3.58
N ILE A 86 1.55 -5.80 3.62
CA ILE A 86 1.78 -4.65 2.77
C ILE A 86 3.07 -4.79 1.99
N GLN A 87 2.97 -5.13 0.70
CA GLN A 87 4.14 -5.31 -0.14
C GLN A 87 4.22 -4.22 -1.21
N PHE A 88 5.35 -4.18 -1.92
CA PHE A 88 5.56 -3.19 -2.97
C PHE A 88 4.68 -3.50 -4.19
N SER A 89 4.85 -2.72 -5.25
CA SER A 89 4.08 -2.91 -6.46
C SER A 89 4.87 -3.74 -7.47
N ASN A 90 4.23 -4.08 -8.58
CA ASN A 90 4.86 -4.87 -9.63
C ASN A 90 4.74 -4.19 -10.99
N HIS A 91 4.63 -2.86 -10.97
CA HIS A 91 4.50 -2.09 -12.19
C HIS A 91 4.92 -0.63 -11.97
N LYS A 92 5.25 0.05 -13.06
CA LYS A 92 5.67 1.45 -12.97
C LYS A 92 4.85 2.21 -11.93
N GLU A 93 3.72 2.76 -12.36
CA GLU A 93 2.85 3.51 -11.47
C GLU A 93 1.39 3.12 -11.68
N LEU A 94 0.54 3.49 -10.73
CA LEU A 94 -0.88 3.17 -10.80
C LEU A 94 -1.58 4.08 -11.83
N LYS A 95 -2.23 3.45 -12.81
CA LYS A 95 -2.93 4.20 -13.85
C LYS A 95 -4.37 4.49 -13.42
N THR A 96 -4.78 5.74 -13.58
CA THR A 96 -6.13 6.15 -13.21
C THR A 96 -7.11 5.88 -14.34
N ASP A 97 -7.81 4.74 -14.25
CA ASP A 97 -8.78 4.36 -15.27
C ASP A 97 -8.26 4.68 -16.66
N SER A 98 -8.57 5.88 -17.15
CA SER A 98 -8.13 6.31 -18.47
C SER A 98 -8.13 7.83 -18.58
N SER A 99 -7.74 8.48 -17.48
CA SER A 99 -7.69 9.94 -17.46
C SER A 99 -9.09 10.54 -17.42
N SER A 12 18.87 -2.87 -3.22
CA SER A 12 18.71 -2.15 -4.50
C SER A 12 18.66 -0.64 -4.28
N GLY A 13 18.02 0.06 -5.21
CA GLY A 13 17.92 1.51 -5.10
C GLY A 13 16.58 1.95 -4.56
N VAL A 14 15.58 2.00 -5.43
CA VAL A 14 14.23 2.40 -5.01
C VAL A 14 13.17 1.50 -5.64
N PRO A 15 12.25 0.99 -4.80
CA PRO A 15 11.17 0.11 -5.27
C PRO A 15 10.20 0.82 -6.21
N SER A 16 9.20 1.49 -5.63
CA SER A 16 8.21 2.21 -6.42
C SER A 16 7.20 2.91 -5.51
N ARG A 17 6.48 3.87 -6.07
CA ARG A 17 5.49 4.63 -5.31
C ARG A 17 4.22 3.81 -5.12
N VAL A 18 4.04 2.79 -5.96
CA VAL A 18 2.87 1.93 -5.88
C VAL A 18 3.12 0.74 -4.97
N ILE A 19 2.51 0.76 -3.79
CA ILE A 19 2.67 -0.32 -2.82
C ILE A 19 1.56 -1.36 -2.96
N HIS A 20 1.90 -2.53 -3.48
CA HIS A 20 0.93 -3.60 -3.65
C HIS A 20 0.68 -4.32 -2.33
N ILE A 21 -0.51 -4.12 -1.78
CA ILE A 21 -0.88 -4.75 -0.52
C ILE A 21 -1.40 -6.17 -0.74
N ARG A 22 -0.87 -7.11 0.04
CA ARG A 22 -1.27 -8.51 -0.07
C ARG A 22 -2.08 -8.92 1.17
N LYS A 23 -2.72 -10.09 1.08
CA LYS A 23 -3.52 -10.58 2.19
C LYS A 23 -4.42 -9.48 2.72
N LEU A 24 -5.05 -8.75 1.81
CA LEU A 24 -5.95 -7.66 2.18
C LEU A 24 -7.28 -7.77 1.47
N PRO A 25 -8.28 -8.38 2.13
CA PRO A 25 -9.62 -8.56 1.56
C PRO A 25 -10.21 -7.25 1.06
N ILE A 26 -9.75 -6.82 -0.11
CA ILE A 26 -10.24 -5.57 -0.70
C ILE A 26 -11.70 -5.33 -0.37
N ASP A 27 -11.96 -4.24 0.33
CA ASP A 27 -13.30 -3.86 0.74
C ASP A 27 -13.26 -3.08 2.06
N VAL A 28 -12.15 -3.24 2.78
CA VAL A 28 -11.97 -2.55 4.06
C VAL A 28 -12.13 -1.05 3.88
N THR A 29 -11.52 -0.30 4.78
CA THR A 29 -11.61 1.16 4.73
C THR A 29 -10.26 1.80 4.42
N GLU A 30 -10.29 2.90 3.69
CA GLU A 30 -9.07 3.61 3.33
C GLU A 30 -8.37 4.15 4.57
N GLY A 31 -9.17 4.54 5.57
CA GLY A 31 -8.61 5.07 6.79
C GLY A 31 -7.63 4.11 7.43
N GLU A 32 -7.94 2.81 7.35
CA GLU A 32 -7.07 1.78 7.92
C GLU A 32 -5.77 1.68 7.12
N VAL A 33 -5.88 1.40 5.84
CA VAL A 33 -4.71 1.28 4.98
C VAL A 33 -3.84 2.52 5.07
N ILE A 34 -4.47 3.70 5.03
CA ILE A 34 -3.77 4.95 5.13
C ILE A 34 -3.15 5.12 6.51
N SER A 35 -3.90 4.71 7.54
CA SER A 35 -3.42 4.80 8.91
C SER A 35 -1.96 4.35 8.98
N LEU A 36 -1.66 3.26 8.29
CA LEU A 36 -0.29 2.73 8.27
C LEU A 36 0.57 3.55 7.32
N GLY A 37 -0.07 4.19 6.34
CA GLY A 37 0.64 5.00 5.38
C GLY A 37 0.95 6.39 5.92
N LEU A 38 0.27 6.77 6.98
CA LEU A 38 0.48 8.08 7.60
C LEU A 38 1.94 8.24 8.04
N PRO A 39 2.44 7.31 8.85
CA PRO A 39 3.82 7.35 9.34
C PRO A 39 4.83 7.35 8.20
N PHE A 40 4.65 6.41 7.27
CA PHE A 40 5.54 6.30 6.12
C PHE A 40 5.63 7.64 5.38
N GLY A 41 4.54 8.38 5.39
CA GLY A 41 4.51 9.68 4.73
C GLY A 41 3.10 10.16 4.48
N LYS A 42 2.65 10.05 3.23
CA LYS A 42 1.31 10.49 2.87
C LYS A 42 0.77 9.66 1.70
N VAL A 43 -0.53 9.39 1.73
CA VAL A 43 -1.17 8.62 0.68
C VAL A 43 -1.62 9.54 -0.45
N THR A 44 -1.00 9.38 -1.62
CA THR A 44 -1.33 10.22 -2.78
C THR A 44 -2.47 9.61 -3.60
N ASN A 45 -2.90 8.41 -3.20
CA ASN A 45 -3.98 7.73 -3.91
C ASN A 45 -4.23 6.35 -3.32
N LEU A 46 -5.46 5.87 -3.42
CA LEU A 46 -5.82 4.57 -2.88
C LEU A 46 -6.72 3.81 -3.86
N LEU A 47 -6.31 2.60 -4.21
CA LEU A 47 -7.09 1.77 -5.13
C LEU A 47 -7.20 0.34 -4.61
N MET A 48 -8.43 -0.14 -4.45
CA MET A 48 -8.68 -1.49 -3.96
C MET A 48 -9.21 -2.39 -5.07
N LEU A 49 -8.49 -3.47 -5.33
CA LEU A 49 -8.89 -4.42 -6.37
C LEU A 49 -9.61 -5.62 -5.77
N LYS A 50 -10.94 -5.53 -5.68
CA LYS A 50 -11.75 -6.60 -5.13
C LYS A 50 -11.26 -7.96 -5.59
N GLY A 51 -10.64 -7.99 -6.77
CA GLY A 51 -10.12 -9.23 -7.31
C GLY A 51 -8.78 -9.60 -6.73
N LYS A 52 -8.66 -10.85 -6.26
CA LYS A 52 -7.42 -11.32 -5.66
C LYS A 52 -7.12 -10.61 -4.35
N ASN A 53 -8.13 -9.95 -3.80
CA ASN A 53 -7.98 -9.22 -2.55
C ASN A 53 -6.60 -8.56 -2.46
N GLN A 54 -6.45 -7.43 -3.16
CA GLN A 54 -5.18 -6.71 -3.15
C GLN A 54 -5.41 -5.22 -3.34
N ALA A 55 -4.75 -4.41 -2.51
CA ALA A 55 -4.88 -2.97 -2.59
C ALA A 55 -3.59 -2.33 -3.11
N PHE A 56 -3.65 -1.05 -3.46
CA PHE A 56 -2.48 -0.35 -3.97
C PHE A 56 -2.52 1.13 -3.58
N ILE A 57 -1.55 1.55 -2.78
CA ILE A 57 -1.45 2.93 -2.35
C ILE A 57 -0.29 3.63 -3.03
N GLU A 58 -0.39 4.95 -3.14
CA GLU A 58 0.65 5.74 -3.78
C GLU A 58 1.24 6.76 -2.80
N MET A 59 2.53 6.65 -2.53
CA MET A 59 3.21 7.55 -1.61
C MET A 59 3.76 8.76 -2.36
N ASN A 60 3.67 9.93 -1.75
CA ASN A 60 4.17 11.16 -2.37
C ASN A 60 5.69 11.21 -2.37
N THR A 61 6.29 10.53 -1.39
CA THR A 61 7.75 10.51 -1.28
C THR A 61 8.27 9.07 -1.28
N GLU A 62 9.37 8.85 -2.01
CA GLU A 62 9.97 7.53 -2.09
C GLU A 62 10.19 6.94 -0.70
N GLU A 63 10.59 7.80 0.24
CA GLU A 63 10.83 7.37 1.60
C GLU A 63 9.57 6.76 2.21
N ALA A 64 8.42 7.20 1.73
CA ALA A 64 7.14 6.68 2.22
C ALA A 64 6.87 5.29 1.66
N ALA A 65 7.06 5.14 0.36
CA ALA A 65 6.83 3.85 -0.29
C ALA A 65 7.73 2.77 0.28
N ASN A 66 9.03 3.01 0.24
CA ASN A 66 10.02 2.07 0.76
C ASN A 66 9.68 1.67 2.19
N THR A 67 9.83 2.61 3.11
CA THR A 67 9.53 2.36 4.52
C THR A 67 8.26 1.56 4.68
N MET A 68 7.36 1.70 3.71
CA MET A 68 6.08 0.98 3.74
C MET A 68 6.30 -0.53 3.77
N VAL A 69 6.87 -1.05 2.69
CA VAL A 69 7.14 -2.48 2.59
C VAL A 69 8.34 -2.87 3.44
N ASN A 70 9.35 -2.00 3.48
CA ASN A 70 10.55 -2.26 4.26
C ASN A 70 10.21 -2.46 5.74
N TYR A 71 9.70 -1.41 6.36
CA TYR A 71 9.34 -1.46 7.77
C TYR A 71 8.49 -2.70 8.08
N TYR A 72 7.50 -2.96 7.23
CA TYR A 72 6.63 -4.12 7.42
C TYR A 72 7.25 -5.37 6.84
N THR A 73 8.53 -5.29 6.49
CA THR A 73 9.23 -6.44 5.92
C THR A 73 9.28 -7.60 6.91
N SER A 74 9.31 -7.27 8.20
CA SER A 74 9.35 -8.28 9.25
C SER A 74 8.06 -8.29 10.05
N VAL A 75 7.53 -7.10 10.32
CA VAL A 75 6.31 -6.96 11.10
C VAL A 75 5.13 -6.59 10.19
N THR A 76 4.03 -7.33 10.31
CA THR A 76 2.84 -7.07 9.51
C THR A 76 1.82 -6.25 10.30
N PRO A 77 1.13 -5.32 9.64
CA PRO A 77 0.13 -4.48 10.27
C PRO A 77 -1.28 -5.04 10.10
N VAL A 78 -2.07 -4.99 11.18
CA VAL A 78 -3.43 -5.50 11.14
C VAL A 78 -4.43 -4.42 11.55
N LEU A 79 -5.72 -4.78 11.55
CA LEU A 79 -6.77 -3.85 11.92
C LEU A 79 -7.82 -4.52 12.81
N ARG A 80 -7.81 -4.18 14.09
CA ARG A 80 -8.74 -4.75 15.04
C ARG A 80 -8.64 -6.26 15.07
N GLY A 81 -7.54 -6.78 14.53
CA GLY A 81 -7.34 -8.22 14.51
C GLY A 81 -7.31 -8.78 13.10
N GLN A 82 -7.29 -7.89 12.11
CA GLN A 82 -7.26 -8.32 10.71
C GLN A 82 -5.96 -7.87 10.04
N PRO A 83 -4.98 -8.79 9.96
CA PRO A 83 -3.67 -8.50 9.35
C PRO A 83 -3.73 -8.47 7.82
N ILE A 84 -3.08 -7.47 7.25
CA ILE A 84 -3.04 -7.32 5.79
C ILE A 84 -1.63 -6.95 5.33
N TYR A 85 -0.97 -7.90 4.66
CA TYR A 85 0.38 -7.69 4.17
C TYR A 85 0.47 -6.53 3.19
N ILE A 86 1.56 -5.79 3.26
CA ILE A 86 1.78 -4.65 2.39
C ILE A 86 3.11 -4.78 1.65
N GLN A 87 3.05 -5.14 0.38
CA GLN A 87 4.26 -5.30 -0.43
C GLN A 87 4.31 -4.27 -1.55
N PHE A 88 5.43 -4.23 -2.27
CA PHE A 88 5.62 -3.29 -3.37
C PHE A 88 4.76 -3.71 -4.56
N SER A 89 4.85 -2.92 -5.63
CA SER A 89 4.09 -3.19 -6.85
C SER A 89 5.02 -3.55 -8.01
N ASN A 90 4.56 -4.45 -8.86
CA ASN A 90 5.35 -4.88 -10.01
C ASN A 90 4.99 -4.08 -11.26
N HIS A 91 4.58 -2.82 -11.05
CA HIS A 91 4.20 -1.95 -12.16
C HIS A 91 4.96 -0.63 -12.09
N LYS A 92 4.76 0.22 -13.09
CA LYS A 92 5.42 1.51 -13.16
C LYS A 92 4.45 2.64 -12.81
N GLU A 93 3.21 2.49 -13.25
CA GLU A 93 2.18 3.50 -12.99
C GLU A 93 0.84 2.84 -12.67
N LEU A 94 -0.07 3.64 -12.11
CA LEU A 94 -1.40 3.14 -11.75
C LEU A 94 -2.34 3.20 -12.95
N LYS A 95 -2.69 2.02 -13.48
CA LYS A 95 -3.59 1.95 -14.62
C LYS A 95 -4.98 1.49 -14.19
N THR A 96 -6.01 2.15 -14.72
CA THR A 96 -7.38 1.81 -14.40
C THR A 96 -7.87 0.61 -15.21
N ASP A 97 -8.43 -0.38 -14.53
CA ASP A 97 -8.93 -1.58 -15.19
C ASP A 97 -10.45 -1.68 -15.05
N SER A 98 -10.96 -1.33 -13.87
CA SER A 98 -12.38 -1.38 -13.61
C SER A 98 -12.71 -0.90 -12.20
N SER A 99 -13.99 -0.72 -11.92
CA SER A 99 -14.42 -0.26 -10.60
C SER A 99 -15.61 -1.07 -10.11
N SER A 12 15.02 -4.19 -5.38
CA SER A 12 15.19 -4.10 -6.85
C SER A 12 15.42 -2.66 -7.29
N GLY A 13 16.56 -2.10 -6.89
CA GLY A 13 16.87 -0.73 -7.26
C GLY A 13 15.67 0.19 -7.16
N VAL A 14 15.33 0.58 -5.94
CA VAL A 14 14.19 1.47 -5.70
C VAL A 14 12.93 0.94 -6.40
N PRO A 15 11.93 0.50 -5.61
CA PRO A 15 10.67 -0.02 -6.15
C PRO A 15 9.87 1.05 -6.89
N SER A 16 9.06 1.80 -6.15
CA SER A 16 8.25 2.86 -6.74
C SER A 16 7.20 3.35 -5.74
N ARG A 17 6.49 4.42 -6.12
CA ARG A 17 5.46 4.99 -5.27
C ARG A 17 4.27 4.04 -5.15
N VAL A 18 4.29 2.96 -5.92
CA VAL A 18 3.21 1.98 -5.89
C VAL A 18 3.46 0.92 -4.82
N ILE A 19 2.53 0.79 -3.90
CA ILE A 19 2.65 -0.20 -2.82
C ILE A 19 1.51 -1.21 -2.86
N HIS A 20 1.86 -2.48 -3.09
CA HIS A 20 0.87 -3.54 -3.15
C HIS A 20 0.60 -4.11 -1.77
N ILE A 21 -0.59 -4.66 -1.56
CA ILE A 21 -0.96 -5.24 -0.28
C ILE A 21 -1.60 -6.62 -0.44
N ARG A 22 -0.89 -7.65 -0.01
CA ARG A 22 -1.40 -9.02 -0.11
C ARG A 22 -2.21 -9.35 1.15
N LYS A 23 -2.96 -10.45 1.11
CA LYS A 23 -3.77 -10.84 2.25
C LYS A 23 -4.47 -9.60 2.80
N LEU A 24 -5.67 -9.34 2.29
CA LEU A 24 -6.42 -8.17 2.71
C LEU A 24 -7.86 -8.23 2.25
N PRO A 25 -8.81 -8.30 3.20
CA PRO A 25 -10.24 -8.35 2.88
C PRO A 25 -10.67 -7.12 2.08
N ILE A 26 -10.28 -7.08 0.82
CA ILE A 26 -10.58 -5.96 -0.06
C ILE A 26 -11.89 -5.29 0.31
N ASP A 27 -11.99 -4.01 -0.02
CA ASP A 27 -13.18 -3.23 0.28
C ASP A 27 -13.07 -2.63 1.68
N VAL A 28 -11.88 -2.75 2.27
CA VAL A 28 -11.62 -2.20 3.60
C VAL A 28 -11.90 -0.71 3.60
N THR A 29 -11.18 0.03 4.44
CA THR A 29 -11.38 1.46 4.51
C THR A 29 -10.09 2.23 4.28
N GLU A 30 -10.22 3.43 3.73
CA GLU A 30 -9.08 4.28 3.45
C GLU A 30 -8.44 4.79 4.74
N GLY A 31 -9.28 5.27 5.65
CA GLY A 31 -8.79 5.77 6.92
C GLY A 31 -7.88 4.79 7.62
N GLU A 32 -8.21 3.50 7.51
CA GLU A 32 -7.43 2.45 8.13
C GLU A 32 -6.18 2.15 7.31
N VAL A 33 -6.38 1.65 6.10
CA VAL A 33 -5.27 1.33 5.21
C VAL A 33 -4.23 2.45 5.19
N ILE A 34 -4.72 3.67 4.93
CA ILE A 34 -3.85 4.84 4.88
C ILE A 34 -3.28 5.12 6.27
N SER A 35 -4.13 4.96 7.29
CA SER A 35 -3.70 5.20 8.66
C SER A 35 -2.28 4.68 8.86
N LEU A 36 -2.02 3.50 8.31
CA LEU A 36 -0.70 2.88 8.41
C LEU A 36 0.28 3.62 7.51
N GLY A 37 -0.18 3.98 6.32
CA GLY A 37 0.66 4.69 5.37
C GLY A 37 0.81 6.15 5.72
N LEU A 38 0.11 6.58 6.76
CA LEU A 38 0.17 7.97 7.20
C LEU A 38 1.58 8.36 7.64
N PRO A 39 2.15 7.64 8.62
CA PRO A 39 3.51 7.90 9.12
C PRO A 39 4.55 7.80 8.01
N PHE A 40 4.29 6.92 7.05
CA PHE A 40 5.21 6.72 5.93
C PHE A 40 5.42 8.03 5.17
N GLY A 41 4.41 8.89 5.21
CA GLY A 41 4.50 10.17 4.52
C GLY A 41 3.13 10.73 4.18
N LYS A 42 2.71 10.52 2.95
CA LYS A 42 1.41 11.00 2.49
C LYS A 42 0.83 10.10 1.41
N VAL A 43 -0.48 9.97 1.39
CA VAL A 43 -1.16 9.14 0.40
C VAL A 43 -1.51 9.96 -0.83
N THR A 44 -0.92 9.60 -1.97
CA THR A 44 -1.17 10.31 -3.21
C THR A 44 -2.30 9.66 -4.01
N ASN A 45 -2.72 8.49 -3.56
CA ASN A 45 -3.80 7.74 -4.22
C ASN A 45 -4.13 6.47 -3.45
N LEU A 46 -5.41 6.08 -3.48
CA LEU A 46 -5.85 4.87 -2.80
C LEU A 46 -6.72 4.02 -3.71
N LEU A 47 -6.33 2.76 -3.86
CA LEU A 47 -7.09 1.83 -4.70
C LEU A 47 -7.11 0.44 -4.06
N MET A 48 -8.26 -0.23 -4.18
CA MET A 48 -8.42 -1.57 -3.61
C MET A 48 -8.98 -2.53 -4.65
N LEU A 49 -8.10 -3.37 -5.20
CA LEU A 49 -8.52 -4.34 -6.21
C LEU A 49 -9.38 -5.43 -5.60
N LYS A 50 -10.67 -5.41 -5.89
CA LYS A 50 -11.61 -6.40 -5.36
C LYS A 50 -11.75 -7.57 -6.32
N GLY A 51 -10.80 -8.50 -6.25
CA GLY A 51 -10.83 -9.66 -7.11
C GLY A 51 -9.98 -10.79 -6.57
N LYS A 52 -8.69 -10.51 -6.37
CA LYS A 52 -7.76 -11.51 -5.84
C LYS A 52 -7.10 -11.01 -4.56
N ASN A 53 -7.72 -10.01 -3.94
CA ASN A 53 -7.20 -9.44 -2.70
C ASN A 53 -5.90 -8.69 -2.96
N GLN A 54 -6.02 -7.41 -3.32
CA GLN A 54 -4.84 -6.60 -3.58
C GLN A 54 -5.16 -5.11 -3.50
N ALA A 55 -4.38 -4.38 -2.73
CA ALA A 55 -4.56 -2.94 -2.58
C ALA A 55 -3.38 -2.19 -3.19
N PHE A 56 -3.56 -0.90 -3.44
CA PHE A 56 -2.50 -0.10 -4.03
C PHE A 56 -2.56 1.35 -3.55
N ILE A 57 -1.49 1.78 -2.87
CA ILE A 57 -1.41 3.14 -2.38
C ILE A 57 -0.24 3.88 -3.01
N GLU A 58 -0.45 5.15 -3.34
CA GLU A 58 0.59 5.96 -3.96
C GLU A 58 1.24 6.91 -2.95
N MET A 59 2.56 6.80 -2.82
CA MET A 59 3.29 7.67 -1.91
C MET A 59 3.93 8.83 -2.66
N ASN A 60 3.79 10.03 -2.12
CA ASN A 60 4.35 11.22 -2.76
C ASN A 60 5.88 11.24 -2.66
N THR A 61 6.42 10.49 -1.71
CA THR A 61 7.87 10.44 -1.52
C THR A 61 8.34 9.00 -1.31
N GLU A 62 9.36 8.61 -2.09
CA GLU A 62 9.91 7.27 -2.00
C GLU A 62 9.97 6.80 -0.55
N GLU A 63 10.53 7.64 0.32
CA GLU A 63 10.65 7.32 1.74
C GLU A 63 9.34 6.74 2.27
N ALA A 64 8.22 7.21 1.71
CA ALA A 64 6.91 6.74 2.14
C ALA A 64 6.61 5.35 1.60
N ALA A 65 6.84 5.17 0.30
CA ALA A 65 6.60 3.88 -0.34
C ALA A 65 7.57 2.82 0.18
N ASN A 66 8.86 3.07 -0.01
CA ASN A 66 9.90 2.14 0.44
C ASN A 66 9.67 1.73 1.89
N THR A 67 9.81 2.69 2.80
CA THR A 67 9.63 2.43 4.23
C THR A 67 8.45 1.50 4.48
N MET A 68 7.33 1.78 3.83
CA MET A 68 6.13 0.97 3.98
C MET A 68 6.46 -0.52 3.93
N VAL A 69 6.92 -0.98 2.76
CA VAL A 69 7.26 -2.38 2.58
C VAL A 69 8.54 -2.73 3.33
N ASN A 70 9.59 -1.95 3.10
CA ASN A 70 10.87 -2.19 3.76
C ASN A 70 10.71 -2.36 5.26
N TYR A 71 9.65 -1.77 5.81
CA TYR A 71 9.38 -1.86 7.24
C TYR A 71 8.60 -3.12 7.57
N TYR A 72 7.37 -3.21 7.07
CA TYR A 72 6.52 -4.37 7.33
C TYR A 72 7.21 -5.66 6.88
N THR A 73 8.25 -5.52 6.06
CA THR A 73 8.98 -6.67 5.57
C THR A 73 9.07 -7.77 6.63
N SER A 74 9.10 -7.35 7.89
CA SER A 74 9.18 -8.29 9.01
C SER A 74 7.89 -8.28 9.82
N VAL A 75 7.59 -7.13 10.41
CA VAL A 75 6.39 -6.97 11.22
C VAL A 75 5.18 -6.69 10.34
N THR A 76 4.16 -7.54 10.44
CA THR A 76 2.96 -7.37 9.65
C THR A 76 1.88 -6.65 10.45
N PRO A 77 1.05 -5.83 9.77
CA PRO A 77 -0.01 -5.08 10.40
C PRO A 77 -1.36 -5.77 10.27
N VAL A 78 -2.32 -5.36 11.08
CA VAL A 78 -3.65 -5.94 11.04
C VAL A 78 -4.71 -4.95 11.52
N LEU A 79 -5.93 -5.12 11.03
CA LEU A 79 -7.03 -4.25 11.41
C LEU A 79 -7.88 -4.90 12.48
N ARG A 80 -7.68 -4.49 13.73
CA ARG A 80 -8.42 -5.04 14.85
C ARG A 80 -8.04 -6.51 15.07
N GLY A 81 -8.26 -7.32 14.04
CA GLY A 81 -7.92 -8.73 14.13
C GLY A 81 -7.77 -9.38 12.77
N GLN A 82 -7.47 -8.57 11.76
CA GLN A 82 -7.29 -9.07 10.40
C GLN A 82 -5.95 -8.62 9.83
N PRO A 83 -4.94 -9.50 9.90
CA PRO A 83 -3.59 -9.21 9.39
C PRO A 83 -3.56 -9.03 7.87
N ILE A 84 -2.95 -7.94 7.43
CA ILE A 84 -2.83 -7.64 6.00
C ILE A 84 -1.42 -7.18 5.67
N TYR A 85 -0.74 -7.95 4.81
CA TYR A 85 0.63 -7.65 4.42
C TYR A 85 0.69 -6.54 3.38
N ILE A 86 1.77 -5.76 3.41
CA ILE A 86 1.96 -4.66 2.48
C ILE A 86 3.32 -4.80 1.78
N GLN A 87 3.29 -5.14 0.50
CA GLN A 87 4.53 -5.29 -0.27
C GLN A 87 4.56 -4.34 -1.46
N PHE A 88 5.69 -4.31 -2.15
CA PHE A 88 5.86 -3.44 -3.32
C PHE A 88 4.98 -3.91 -4.47
N SER A 89 4.84 -3.06 -5.49
CA SER A 89 4.03 -3.39 -6.65
C SER A 89 4.90 -3.76 -7.84
N ASN A 90 4.35 -4.57 -8.74
CA ASN A 90 5.08 -5.00 -9.93
C ASN A 90 4.75 -4.12 -11.13
N HIS A 91 4.51 -2.84 -10.87
CA HIS A 91 4.16 -1.90 -11.92
C HIS A 91 4.68 -0.50 -11.60
N LYS A 92 5.01 0.26 -12.64
CA LYS A 92 5.53 1.61 -12.46
C LYS A 92 4.44 2.53 -11.90
N GLU A 93 3.47 2.87 -12.73
CA GLU A 93 2.38 3.73 -12.31
C GLU A 93 1.11 2.94 -12.04
N LEU A 94 0.13 3.58 -11.43
CA LEU A 94 -1.14 2.92 -11.11
C LEU A 94 -1.73 2.24 -12.34
N LYS A 95 -2.33 1.09 -12.15
CA LYS A 95 -2.94 0.34 -13.24
C LYS A 95 -4.46 0.41 -13.18
N THR A 96 -5.08 0.71 -14.33
CA THR A 96 -6.53 0.81 -14.40
C THR A 96 -7.12 -0.27 -15.31
N ASP A 97 -7.64 -1.33 -14.70
CA ASP A 97 -8.23 -2.43 -15.46
C ASP A 97 -9.21 -1.91 -16.49
N SER A 98 -9.88 -0.81 -16.18
CA SER A 98 -10.84 -0.21 -17.09
C SER A 98 -10.44 1.22 -17.46
N SER A 99 -10.36 1.49 -18.75
CA SER A 99 -9.98 2.81 -19.23
C SER A 99 -8.46 2.99 -19.21
N SER A 12 22.42 -0.82 -3.00
CA SER A 12 21.99 0.57 -3.30
C SER A 12 20.48 0.71 -3.23
N GLY A 13 19.98 1.87 -3.63
CA GLY A 13 18.55 2.11 -3.61
C GLY A 13 17.81 1.31 -4.66
N VAL A 14 16.49 1.21 -4.52
CA VAL A 14 15.67 0.46 -5.46
C VAL A 14 14.39 1.21 -5.79
N PRO A 15 13.94 1.15 -7.05
CA PRO A 15 12.72 1.82 -7.49
C PRO A 15 11.52 1.50 -6.61
N SER A 16 10.82 2.55 -6.18
CA SER A 16 9.65 2.36 -5.32
C SER A 16 8.64 3.50 -5.54
N ARG A 17 7.36 3.19 -5.31
CA ARG A 17 6.30 4.17 -5.48
C ARG A 17 4.95 3.56 -5.14
N VAL A 18 4.65 2.44 -5.78
CA VAL A 18 3.38 1.75 -5.54
C VAL A 18 3.51 0.73 -4.43
N ILE A 19 2.46 0.58 -3.62
CA ILE A 19 2.49 -0.35 -2.51
C ILE A 19 1.41 -1.43 -2.67
N HIS A 20 1.83 -2.62 -3.07
CA HIS A 20 0.91 -3.73 -3.26
C HIS A 20 0.55 -4.36 -1.92
N ILE A 21 -0.68 -4.82 -1.78
CA ILE A 21 -1.13 -5.43 -0.54
C ILE A 21 -1.87 -6.74 -0.79
N ARG A 22 -1.60 -7.73 0.04
CA ARG A 22 -2.25 -9.04 -0.09
C ARG A 22 -2.95 -9.42 1.21
N LYS A 23 -3.75 -10.49 1.18
CA LYS A 23 -4.48 -10.93 2.36
C LYS A 23 -5.26 -9.77 2.95
N LEU A 24 -5.84 -8.94 2.09
CA LEU A 24 -6.61 -7.79 2.51
C LEU A 24 -8.01 -7.80 1.92
N PRO A 25 -9.04 -7.83 2.78
CA PRO A 25 -10.44 -7.81 2.33
C PRO A 25 -10.74 -6.54 1.54
N ILE A 26 -10.33 -6.55 0.27
CA ILE A 26 -10.52 -5.38 -0.60
C ILE A 26 -11.78 -4.62 -0.24
N ASP A 27 -11.78 -3.34 -0.57
CA ASP A 27 -12.91 -2.49 -0.28
C ASP A 27 -12.89 -2.06 1.18
N VAL A 28 -11.86 -2.49 1.90
CA VAL A 28 -11.72 -2.14 3.30
C VAL A 28 -11.77 -0.63 3.45
N THR A 29 -11.37 -0.11 4.60
CA THR A 29 -11.41 1.34 4.82
C THR A 29 -10.02 1.96 4.74
N GLU A 30 -9.97 3.17 4.20
CA GLU A 30 -8.71 3.88 4.06
C GLU A 30 -8.09 4.15 5.42
N GLY A 31 -8.91 4.62 6.35
CA GLY A 31 -8.41 4.90 7.69
C GLY A 31 -7.44 3.85 8.15
N GLU A 32 -7.62 2.62 7.65
CA GLU A 32 -6.74 1.51 8.00
C GLU A 32 -5.48 1.54 7.13
N VAL A 33 -5.68 1.42 5.81
CA VAL A 33 -4.56 1.44 4.89
C VAL A 33 -3.73 2.71 5.07
N ILE A 34 -4.38 3.86 4.90
CA ILE A 34 -3.72 5.14 5.05
C ILE A 34 -3.01 5.26 6.39
N SER A 35 -3.74 4.99 7.47
CA SER A 35 -3.17 5.08 8.81
C SER A 35 -1.76 4.52 8.83
N LEU A 36 -1.58 3.32 8.28
CA LEU A 36 -0.28 2.68 8.23
C LEU A 36 0.71 3.52 7.45
N GLY A 37 0.20 4.23 6.43
CA GLY A 37 1.05 5.06 5.61
C GLY A 37 1.31 6.42 6.24
N LEU A 38 0.38 6.88 7.08
CA LEU A 38 0.51 8.17 7.74
C LEU A 38 1.95 8.41 8.15
N PRO A 39 2.52 7.55 9.01
CA PRO A 39 3.89 7.67 9.47
C PRO A 39 4.90 7.41 8.35
N PHE A 40 4.43 6.69 7.33
CA PHE A 40 5.27 6.37 6.18
C PHE A 40 5.42 7.58 5.26
N GLY A 41 4.69 8.64 5.56
CA GLY A 41 4.76 9.83 4.75
C GLY A 41 3.39 10.42 4.47
N LYS A 42 2.88 10.21 3.26
CA LYS A 42 1.57 10.71 2.88
C LYS A 42 0.91 9.81 1.84
N VAL A 43 -0.39 9.58 2.01
CA VAL A 43 -1.13 8.74 1.08
C VAL A 43 -1.76 9.59 -0.01
N THR A 44 -1.01 9.79 -1.09
CA THR A 44 -1.47 10.60 -2.22
C THR A 44 -2.52 9.88 -3.04
N ASN A 45 -2.88 8.67 -2.63
CA ASN A 45 -3.89 7.89 -3.35
C ASN A 45 -3.98 6.46 -2.82
N LEU A 46 -5.11 5.81 -3.07
CA LEU A 46 -5.33 4.44 -2.62
C LEU A 46 -6.32 3.73 -3.54
N LEU A 47 -5.79 2.89 -4.43
CA LEU A 47 -6.62 2.14 -5.36
C LEU A 47 -6.94 0.75 -4.84
N MET A 48 -8.18 0.57 -4.37
CA MET A 48 -8.61 -0.72 -3.84
C MET A 48 -8.93 -1.69 -4.98
N LEU A 49 -8.07 -2.68 -5.17
CA LEU A 49 -8.26 -3.66 -6.23
C LEU A 49 -9.10 -4.84 -5.73
N LYS A 50 -10.37 -4.84 -6.10
CA LYS A 50 -11.29 -5.90 -5.68
C LYS A 50 -11.03 -7.18 -6.46
N GLY A 51 -11.95 -8.14 -6.34
CA GLY A 51 -11.79 -9.40 -7.05
C GLY A 51 -11.17 -10.47 -6.18
N LYS A 52 -9.87 -10.71 -6.37
CA LYS A 52 -9.15 -11.71 -5.59
C LYS A 52 -8.91 -11.22 -4.17
N ASN A 53 -8.03 -10.23 -4.03
CA ASN A 53 -7.71 -9.66 -2.72
C ASN A 53 -6.38 -8.92 -2.77
N GLN A 54 -6.39 -7.71 -3.31
CA GLN A 54 -5.18 -6.91 -3.40
C GLN A 54 -5.51 -5.44 -3.59
N ALA A 55 -4.53 -4.58 -3.31
CA ALA A 55 -4.73 -3.15 -3.44
C ALA A 55 -3.42 -2.45 -3.77
N PHE A 56 -3.50 -1.21 -4.24
CA PHE A 56 -2.31 -0.46 -4.59
C PHE A 56 -2.47 1.02 -4.22
N ILE A 57 -1.65 1.49 -3.29
CA ILE A 57 -1.68 2.88 -2.86
C ILE A 57 -0.50 3.65 -3.45
N GLU A 58 -0.78 4.82 -3.99
CA GLU A 58 0.26 5.65 -4.59
C GLU A 58 0.79 6.66 -3.58
N MET A 59 1.97 6.37 -3.02
CA MET A 59 2.58 7.26 -2.05
C MET A 59 2.93 8.59 -2.69
N ASN A 60 3.05 9.63 -1.86
CA ASN A 60 3.36 10.96 -2.35
C ASN A 60 4.79 11.01 -2.88
N THR A 61 5.70 10.35 -2.18
CA THR A 61 7.10 10.32 -2.57
C THR A 61 7.66 8.90 -2.54
N GLU A 62 8.86 8.72 -3.07
CA GLU A 62 9.51 7.42 -3.10
C GLU A 62 9.99 7.03 -1.72
N GLU A 63 10.47 8.01 -0.96
CA GLU A 63 10.97 7.78 0.39
C GLU A 63 9.86 7.21 1.27
N ALA A 64 8.65 7.74 1.12
CA ALA A 64 7.51 7.29 1.90
C ALA A 64 7.18 5.83 1.59
N ALA A 65 7.08 5.52 0.30
CA ALA A 65 6.77 4.16 -0.14
C ALA A 65 7.68 3.14 0.55
N ASN A 66 8.98 3.36 0.44
CA ASN A 66 9.96 2.46 1.05
C ASN A 66 9.58 2.11 2.48
N THR A 67 9.55 3.12 3.34
CA THR A 67 9.20 2.92 4.75
C THR A 67 8.04 1.94 4.89
N MET A 68 7.00 2.14 4.10
CA MET A 68 5.82 1.29 4.14
C MET A 68 6.22 -0.19 4.16
N VAL A 69 6.83 -0.64 3.08
CA VAL A 69 7.25 -2.03 2.97
C VAL A 69 8.43 -2.33 3.89
N ASN A 70 9.49 -1.54 3.75
CA ASN A 70 10.69 -1.71 4.57
C ASN A 70 10.32 -2.07 6.01
N TYR A 71 9.64 -1.16 6.69
CA TYR A 71 9.23 -1.39 8.07
C TYR A 71 8.34 -2.61 8.19
N TYR A 72 7.57 -2.88 7.13
CA TYR A 72 6.66 -4.02 7.11
C TYR A 72 7.36 -5.27 6.57
N THR A 73 8.69 -5.25 6.61
CA THR A 73 9.48 -6.38 6.12
C THR A 73 9.50 -7.51 7.15
N SER A 74 9.27 -7.14 8.41
CA SER A 74 9.25 -8.12 9.50
C SER A 74 7.93 -8.07 10.25
N VAL A 75 7.43 -6.86 10.48
CA VAL A 75 6.17 -6.67 11.19
C VAL A 75 4.99 -6.65 10.21
N THR A 76 3.98 -7.44 10.52
CA THR A 76 2.79 -7.52 9.66
C THR A 76 1.73 -6.52 10.11
N PRO A 77 0.97 -5.96 9.16
CA PRO A 77 -0.08 -5.01 9.44
C PRO A 77 -1.45 -5.66 9.54
N VAL A 78 -2.25 -5.24 10.51
CA VAL A 78 -3.58 -5.80 10.70
C VAL A 78 -4.63 -4.71 10.70
N LEU A 79 -5.85 -5.09 10.34
CA LEU A 79 -6.98 -4.17 10.31
C LEU A 79 -8.00 -4.57 11.37
N ARG A 80 -7.98 -3.89 12.51
CA ARG A 80 -8.88 -4.21 13.61
C ARG A 80 -8.62 -5.64 14.11
N GLY A 81 -8.82 -6.61 13.23
CA GLY A 81 -8.59 -7.99 13.57
C GLY A 81 -8.40 -8.87 12.35
N GLN A 82 -7.98 -8.24 11.25
CA GLN A 82 -7.75 -8.98 10.00
C GLN A 82 -6.37 -8.67 9.45
N PRO A 83 -5.39 -9.56 9.71
CA PRO A 83 -4.01 -9.38 9.25
C PRO A 83 -3.92 -9.20 7.74
N ILE A 84 -3.65 -7.96 7.32
CA ILE A 84 -3.52 -7.66 5.90
C ILE A 84 -2.06 -7.40 5.54
N TYR A 85 -1.45 -8.36 4.83
CA TYR A 85 -0.06 -8.26 4.43
C TYR A 85 0.17 -7.10 3.46
N ILE A 86 1.31 -6.43 3.62
CA ILE A 86 1.67 -5.31 2.78
C ILE A 86 3.05 -5.53 2.17
N GLN A 87 3.17 -5.27 0.87
CA GLN A 87 4.44 -5.44 0.17
C GLN A 87 4.57 -4.46 -0.99
N PHE A 88 5.75 -4.42 -1.60
CA PHE A 88 6.00 -3.52 -2.72
C PHE A 88 5.16 -3.92 -3.92
N SER A 89 5.40 -3.26 -5.06
CA SER A 89 4.66 -3.54 -6.28
C SER A 89 5.57 -3.45 -7.49
N ASN A 90 5.39 -4.37 -8.44
CA ASN A 90 6.19 -4.39 -9.65
C ASN A 90 6.51 -2.98 -10.12
N HIS A 91 5.46 -2.22 -10.43
CA HIS A 91 5.63 -0.84 -10.89
C HIS A 91 4.39 -0.36 -11.64
N LYS A 92 3.22 -0.65 -11.08
CA LYS A 92 1.96 -0.24 -11.69
C LYS A 92 1.56 1.16 -11.25
N GLU A 93 2.25 2.15 -11.77
CA GLU A 93 1.97 3.54 -11.43
C GLU A 93 0.59 3.95 -11.92
N LEU A 94 -0.14 4.70 -11.09
CA LEU A 94 -1.48 5.16 -11.45
C LEU A 94 -1.44 6.59 -11.97
N LYS A 95 -2.34 6.91 -12.90
CA LYS A 95 -2.41 8.24 -13.47
C LYS A 95 -3.32 9.15 -12.65
N THR A 96 -2.96 10.43 -12.57
CA THR A 96 -3.75 11.39 -11.82
C THR A 96 -4.94 11.89 -12.61
N ASP A 97 -6.14 11.72 -12.06
CA ASP A 97 -7.35 12.15 -12.73
C ASP A 97 -7.49 11.49 -14.10
N SER A 98 -8.47 10.60 -14.23
CA SER A 98 -8.71 9.90 -15.48
C SER A 98 -9.88 10.50 -16.24
N SER A 99 -9.59 11.15 -17.36
CA SER A 99 -10.61 11.77 -18.18
C SER A 99 -10.24 11.72 -19.66
N SER A 12 20.08 -1.54 -8.08
CA SER A 12 19.85 -0.11 -7.70
C SER A 12 18.47 0.36 -8.13
N GLY A 13 18.02 1.47 -7.55
CA GLY A 13 16.72 2.01 -7.89
C GLY A 13 15.60 1.34 -7.13
N VAL A 14 15.10 2.00 -6.09
CA VAL A 14 14.02 1.46 -5.28
C VAL A 14 12.80 2.39 -5.19
N PRO A 15 12.62 3.27 -6.18
CA PRO A 15 11.50 4.20 -6.21
C PRO A 15 10.22 3.61 -5.63
N SER A 16 9.72 2.57 -6.27
CA SER A 16 8.50 1.90 -5.83
C SER A 16 7.51 2.91 -5.27
N ARG A 17 7.04 3.81 -6.12
CA ARG A 17 6.08 4.83 -5.72
C ARG A 17 4.72 4.22 -5.44
N VAL A 18 4.55 2.96 -5.83
CA VAL A 18 3.29 2.25 -5.61
C VAL A 18 3.47 1.10 -4.64
N ILE A 19 2.46 0.88 -3.80
CA ILE A 19 2.50 -0.19 -2.81
C ILE A 19 1.27 -1.08 -2.91
N HIS A 20 1.47 -2.38 -2.70
CA HIS A 20 0.37 -3.34 -2.76
C HIS A 20 0.06 -3.89 -1.38
N ILE A 21 -1.16 -4.37 -1.19
CA ILE A 21 -1.59 -4.92 0.08
C ILE A 21 -2.20 -6.31 -0.08
N ARG A 22 -1.46 -7.33 0.34
CA ARG A 22 -1.93 -8.71 0.23
C ARG A 22 -2.81 -9.06 1.43
N LYS A 23 -3.46 -10.22 1.37
CA LYS A 23 -4.33 -10.65 2.45
C LYS A 23 -5.14 -9.48 2.98
N LEU A 24 -5.44 -8.53 2.11
CA LEU A 24 -6.19 -7.34 2.49
C LEU A 24 -7.65 -7.45 2.06
N PRO A 25 -8.56 -7.65 3.02
CA PRO A 25 -9.99 -7.75 2.73
C PRO A 25 -10.48 -6.57 1.91
N ILE A 26 -10.28 -6.64 0.60
CA ILE A 26 -10.69 -5.57 -0.31
C ILE A 26 -11.97 -4.91 0.18
N ASP A 27 -12.18 -3.67 -0.22
CA ASP A 27 -13.35 -2.92 0.18
C ASP A 27 -13.16 -2.36 1.58
N VAL A 28 -12.02 -2.67 2.19
CA VAL A 28 -11.71 -2.18 3.52
C VAL A 28 -11.80 -0.66 3.54
N THR A 29 -11.29 -0.01 4.58
CA THR A 29 -11.36 1.43 4.66
C THR A 29 -10.05 2.09 4.24
N GLU A 30 -10.17 3.24 3.59
CA GLU A 30 -8.99 3.98 3.14
C GLU A 30 -8.17 4.44 4.33
N GLY A 31 -8.85 4.89 5.38
CA GLY A 31 -8.17 5.35 6.57
C GLY A 31 -7.31 4.27 7.18
N GLU A 32 -7.69 3.01 6.95
CA GLU A 32 -6.94 1.87 7.47
C GLU A 32 -5.62 1.73 6.72
N VAL A 33 -5.71 1.43 5.42
CA VAL A 33 -4.51 1.29 4.59
C VAL A 33 -3.64 2.53 4.69
N ILE A 34 -4.28 3.70 4.63
CA ILE A 34 -3.57 4.96 4.72
C ILE A 34 -3.02 5.18 6.12
N SER A 35 -3.84 4.86 7.13
CA SER A 35 -3.42 5.01 8.51
C SER A 35 -1.98 4.57 8.68
N LEU A 36 -1.63 3.46 8.05
CA LEU A 36 -0.28 2.93 8.11
C LEU A 36 0.65 3.79 7.28
N GLY A 37 0.15 4.26 6.13
CA GLY A 37 0.94 5.09 5.26
C GLY A 37 1.07 6.52 5.77
N LEU A 38 0.25 6.85 6.77
CA LEU A 38 0.27 8.19 7.36
C LEU A 38 1.68 8.55 7.84
N PRO A 39 2.21 7.78 8.79
CA PRO A 39 3.56 8.01 9.33
C PRO A 39 4.64 7.78 8.29
N PHE A 40 4.29 7.02 7.26
CA PHE A 40 5.22 6.72 6.17
C PHE A 40 5.49 7.96 5.33
N GLY A 41 4.51 8.85 5.29
CA GLY A 41 4.65 10.07 4.52
C GLY A 41 3.31 10.68 4.16
N LYS A 42 2.86 10.43 2.94
CA LYS A 42 1.58 10.96 2.48
C LYS A 42 0.95 10.04 1.43
N VAL A 43 -0.35 9.79 1.57
CA VAL A 43 -1.06 8.94 0.63
C VAL A 43 -1.54 9.76 -0.56
N THR A 44 -1.06 9.42 -1.74
CA THR A 44 -1.43 10.13 -2.96
C THR A 44 -2.68 9.54 -3.60
N ASN A 45 -3.13 8.40 -3.09
CA ASN A 45 -4.32 7.74 -3.62
C ASN A 45 -4.49 6.35 -3.03
N LEU A 46 -5.69 5.78 -3.21
CA LEU A 46 -5.99 4.46 -2.70
C LEU A 46 -6.82 3.66 -3.70
N LEU A 47 -6.24 2.59 -4.24
CA LEU A 47 -6.91 1.75 -5.20
C LEU A 47 -6.98 0.30 -4.73
N MET A 48 -8.19 -0.22 -4.59
CA MET A 48 -8.39 -1.60 -4.13
C MET A 48 -8.86 -2.49 -5.27
N LEU A 49 -8.42 -3.74 -5.27
CA LEU A 49 -8.82 -4.69 -6.30
C LEU A 49 -9.59 -5.86 -5.69
N LYS A 50 -10.91 -5.83 -5.86
CA LYS A 50 -11.78 -6.87 -5.34
C LYS A 50 -11.63 -8.16 -6.15
N GLY A 51 -11.55 -9.29 -5.44
CA GLY A 51 -11.41 -10.56 -6.12
C GLY A 51 -10.21 -11.34 -5.63
N LYS A 52 -9.03 -10.98 -6.15
CA LYS A 52 -7.79 -11.66 -5.77
C LYS A 52 -7.23 -11.09 -4.48
N ASN A 53 -8.00 -10.22 -3.82
CA ASN A 53 -7.57 -9.61 -2.57
C ASN A 53 -6.25 -8.87 -2.75
N GLN A 54 -6.32 -7.63 -3.22
CA GLN A 54 -5.13 -6.83 -3.43
C GLN A 54 -5.46 -5.34 -3.47
N ALA A 55 -4.82 -4.58 -2.58
CA ALA A 55 -5.04 -3.14 -2.52
C ALA A 55 -3.81 -2.39 -3.02
N PHE A 56 -3.95 -1.07 -3.21
CA PHE A 56 -2.84 -0.26 -3.70
C PHE A 56 -2.90 1.15 -3.13
N ILE A 57 -1.73 1.71 -2.84
CA ILE A 57 -1.64 3.06 -2.29
C ILE A 57 -0.41 3.76 -2.84
N GLU A 58 -0.61 4.93 -3.44
CA GLU A 58 0.48 5.69 -4.02
C GLU A 58 1.02 6.71 -3.01
N MET A 59 2.32 6.68 -2.79
CA MET A 59 2.97 7.61 -1.87
C MET A 59 3.63 8.75 -2.65
N ASN A 60 3.63 9.94 -2.07
CA ASN A 60 4.22 11.09 -2.73
C ASN A 60 5.71 11.20 -2.39
N THR A 61 6.17 10.38 -1.45
CA THR A 61 7.56 10.41 -1.04
C THR A 61 8.25 9.09 -1.30
N GLU A 62 9.58 9.12 -1.34
CA GLU A 62 10.36 7.92 -1.57
C GLU A 62 10.50 7.13 -0.28
N GLU A 63 10.66 7.85 0.82
CA GLU A 63 10.80 7.22 2.14
C GLU A 63 9.46 6.62 2.56
N ALA A 64 8.38 7.15 2.00
CA ALA A 64 7.04 6.68 2.30
C ALA A 64 6.78 5.32 1.65
N ALA A 65 7.20 5.21 0.39
CA ALA A 65 7.02 3.97 -0.36
C ALA A 65 7.84 2.84 0.23
N ASN A 66 9.16 2.97 0.16
CA ASN A 66 10.06 1.95 0.70
C ASN A 66 9.71 1.61 2.14
N THR A 67 9.83 2.59 3.03
CA THR A 67 9.54 2.39 4.44
C THR A 67 8.29 1.53 4.63
N MET A 68 7.23 1.88 3.90
CA MET A 68 5.97 1.13 4.00
C MET A 68 6.22 -0.37 3.96
N VAL A 69 6.72 -0.85 2.81
CA VAL A 69 6.99 -2.27 2.64
C VAL A 69 8.15 -2.72 3.52
N ASN A 70 9.29 -2.04 3.36
CA ASN A 70 10.48 -2.38 4.14
C ASN A 70 10.15 -2.56 5.62
N TYR A 71 9.66 -1.50 6.24
CA TYR A 71 9.29 -1.55 7.66
C TYR A 71 8.55 -2.83 7.99
N TYR A 72 7.55 -3.16 7.19
CA TYR A 72 6.74 -4.36 7.41
C TYR A 72 7.45 -5.60 6.86
N THR A 73 8.69 -5.42 6.43
CA THR A 73 9.47 -6.54 5.90
C THR A 73 9.41 -7.75 6.83
N SER A 74 9.32 -7.49 8.12
CA SER A 74 9.25 -8.55 9.11
C SER A 74 7.90 -8.54 9.83
N VAL A 75 7.57 -7.40 10.43
CA VAL A 75 6.31 -7.25 11.16
C VAL A 75 5.16 -6.97 10.19
N THR A 76 4.05 -7.66 10.40
CA THR A 76 2.87 -7.49 9.56
C THR A 76 1.93 -6.44 10.15
N PRO A 77 1.16 -5.76 9.30
CA PRO A 77 0.22 -4.73 9.73
C PRO A 77 -1.17 -5.29 10.00
N VAL A 78 -1.43 -5.62 11.26
CA VAL A 78 -2.72 -6.18 11.65
C VAL A 78 -3.72 -5.07 11.96
N LEU A 79 -5.00 -5.37 11.82
CA LEU A 79 -6.06 -4.40 12.08
C LEU A 79 -7.28 -5.08 12.69
N ARG A 80 -7.42 -4.95 14.01
CA ARG A 80 -8.54 -5.55 14.72
C ARG A 80 -8.56 -7.06 14.53
N GLY A 81 -7.45 -7.60 14.05
CA GLY A 81 -7.34 -9.03 13.83
C GLY A 81 -7.18 -9.39 12.38
N GLN A 82 -7.21 -8.38 11.52
CA GLN A 82 -7.07 -8.58 10.08
C GLN A 82 -5.66 -8.21 9.61
N PRO A 83 -4.77 -9.20 9.49
CA PRO A 83 -3.39 -8.98 9.06
C PRO A 83 -3.27 -8.80 7.55
N ILE A 84 -3.23 -7.54 7.11
CA ILE A 84 -3.12 -7.24 5.68
C ILE A 84 -1.69 -6.87 5.33
N TYR A 85 -1.00 -7.77 4.63
CA TYR A 85 0.39 -7.56 4.23
C TYR A 85 0.51 -6.41 3.23
N ILE A 86 1.64 -5.72 3.28
CA ILE A 86 1.90 -4.60 2.39
C ILE A 86 3.23 -4.79 1.66
N GLN A 87 3.16 -5.02 0.35
CA GLN A 87 4.37 -5.23 -0.45
C GLN A 87 4.39 -4.31 -1.65
N PHE A 88 5.51 -4.31 -2.37
CA PHE A 88 5.67 -3.48 -3.56
C PHE A 88 4.83 -4.02 -4.72
N SER A 89 4.43 -3.13 -5.61
CA SER A 89 3.62 -3.51 -6.77
C SER A 89 3.85 -2.56 -7.93
N ASN A 90 3.10 -2.76 -9.01
CA ASN A 90 3.20 -1.91 -10.20
C ASN A 90 4.66 -1.54 -10.46
N HIS A 91 4.86 -0.51 -11.27
CA HIS A 91 6.21 -0.06 -11.62
C HIS A 91 6.55 1.23 -10.87
N LYS A 92 7.44 2.02 -11.45
CA LYS A 92 7.86 3.28 -10.83
C LYS A 92 6.69 3.94 -10.11
N GLU A 93 5.68 4.33 -10.86
CA GLU A 93 4.49 4.98 -10.29
C GLU A 93 3.22 4.41 -10.89
N LEU A 94 2.12 4.50 -10.14
CA LEU A 94 0.83 4.00 -10.60
C LEU A 94 0.03 5.11 -11.26
N LYS A 95 0.03 5.14 -12.59
CA LYS A 95 -0.70 6.15 -13.34
C LYS A 95 -1.38 5.54 -14.56
N THR A 96 -2.59 6.02 -14.86
CA THR A 96 -3.34 5.51 -16.00
C THR A 96 -3.78 6.66 -16.91
N ASP A 97 -3.02 6.88 -17.97
CA ASP A 97 -3.34 7.94 -18.92
C ASP A 97 -2.13 8.26 -19.81
N SER A 98 -2.31 9.19 -20.73
CA SER A 98 -1.24 9.58 -21.64
C SER A 98 -1.43 11.01 -22.12
N SER A 99 -1.95 11.86 -21.24
CA SER A 99 -2.18 13.26 -21.57
C SER A 99 -2.64 13.41 -23.02
N SER A 12 18.93 9.14 -7.35
CA SER A 12 18.00 8.08 -7.82
C SER A 12 18.31 6.74 -7.17
N GLY A 13 17.28 6.07 -6.69
CA GLY A 13 17.46 4.78 -6.04
C GLY A 13 16.81 3.65 -6.81
N VAL A 14 15.47 3.62 -6.81
CA VAL A 14 14.73 2.58 -7.51
C VAL A 14 13.25 2.94 -7.62
N PRO A 15 12.56 2.38 -8.61
CA PRO A 15 11.13 2.64 -8.84
C PRO A 15 10.26 2.07 -7.72
N SER A 16 9.76 2.95 -6.87
CA SER A 16 8.91 2.53 -5.75
C SER A 16 7.87 3.60 -5.44
N ARG A 17 6.63 3.36 -5.87
CA ARG A 17 5.54 4.30 -5.63
C ARG A 17 4.25 3.55 -5.35
N VAL A 18 3.88 2.65 -6.25
CA VAL A 18 2.65 1.87 -6.09
C VAL A 18 2.92 0.60 -5.28
N ILE A 19 2.50 0.61 -4.02
CA ILE A 19 2.69 -0.53 -3.14
C ILE A 19 1.53 -1.52 -3.28
N HIS A 20 1.86 -2.80 -3.39
CA HIS A 20 0.85 -3.85 -3.53
C HIS A 20 0.55 -4.49 -2.17
N ILE A 21 -0.66 -4.30 -1.68
CA ILE A 21 -1.07 -4.87 -0.41
C ILE A 21 -1.65 -6.27 -0.58
N ARG A 22 -1.08 -7.24 0.12
CA ARG A 22 -1.54 -8.62 0.05
C ARG A 22 -2.26 -9.01 1.33
N LYS A 23 -2.93 -10.16 1.30
CA LYS A 23 -3.65 -10.65 2.47
C LYS A 23 -4.54 -9.54 3.04
N LEU A 24 -5.11 -8.74 2.17
CA LEU A 24 -5.98 -7.64 2.59
C LEU A 24 -7.38 -7.79 2.00
N PRO A 25 -8.40 -7.75 2.86
CA PRO A 25 -9.80 -7.86 2.43
C PRO A 25 -10.25 -6.60 1.69
N ILE A 26 -9.83 -6.47 0.44
CA ILE A 26 -10.18 -5.31 -0.37
C ILE A 26 -11.59 -4.83 -0.04
N ASP A 27 -11.85 -3.56 -0.28
CA ASP A 27 -13.14 -2.97 0.01
C ASP A 27 -13.16 -2.48 1.46
N VAL A 28 -12.08 -2.77 2.19
CA VAL A 28 -11.96 -2.35 3.57
C VAL A 28 -12.04 -0.84 3.66
N THR A 29 -11.46 -0.26 4.71
CA THR A 29 -11.50 1.19 4.87
C THR A 29 -10.15 1.83 4.56
N GLU A 30 -10.21 3.03 3.98
CA GLU A 30 -9.02 3.77 3.63
C GLU A 30 -8.30 4.26 4.88
N GLY A 31 -9.08 4.61 5.90
CA GLY A 31 -8.50 5.08 7.14
C GLY A 31 -7.49 4.11 7.70
N GLU A 32 -7.70 2.82 7.42
CA GLU A 32 -6.80 1.78 7.90
C GLU A 32 -5.54 1.74 7.03
N VAL A 33 -5.73 1.54 5.72
CA VAL A 33 -4.61 1.49 4.80
C VAL A 33 -3.73 2.73 4.94
N ILE A 34 -4.37 3.88 5.06
CA ILE A 34 -3.65 5.15 5.21
C ILE A 34 -3.04 5.25 6.60
N SER A 35 -3.82 4.93 7.62
CA SER A 35 -3.35 4.99 9.00
C SER A 35 -1.91 4.49 9.08
N LEU A 36 -1.59 3.51 8.25
CA LEU A 36 -0.25 2.95 8.21
C LEU A 36 0.68 3.82 7.36
N GLY A 37 0.15 4.32 6.25
CA GLY A 37 0.94 5.17 5.38
C GLY A 37 1.20 6.54 5.97
N LEU A 38 0.41 6.91 6.99
CA LEU A 38 0.56 8.19 7.64
C LEU A 38 2.02 8.47 7.97
N PRO A 39 2.64 7.61 8.79
CA PRO A 39 4.04 7.76 9.17
C PRO A 39 4.99 7.58 7.99
N PHE A 40 4.58 6.74 7.04
CA PHE A 40 5.38 6.48 5.86
C PHE A 40 5.56 7.75 5.03
N GLY A 41 4.48 8.53 4.92
CA GLY A 41 4.54 9.77 4.16
C GLY A 41 3.16 10.35 3.93
N LYS A 42 2.61 10.11 2.75
CA LYS A 42 1.28 10.63 2.41
C LYS A 42 0.59 9.71 1.41
N VAL A 43 -0.72 9.56 1.57
CA VAL A 43 -1.50 8.71 0.67
C VAL A 43 -2.00 9.52 -0.51
N THR A 44 -1.13 9.68 -1.51
CA THR A 44 -1.45 10.43 -2.71
C THR A 44 -2.53 9.73 -3.53
N ASN A 45 -2.90 8.51 -3.12
CA ASN A 45 -3.92 7.75 -3.83
C ASN A 45 -4.09 6.37 -3.21
N LEU A 46 -5.33 5.88 -3.23
CA LEU A 46 -5.64 4.56 -2.68
C LEU A 46 -6.58 3.80 -3.62
N LEU A 47 -6.03 2.85 -4.36
CA LEU A 47 -6.82 2.05 -5.29
C LEU A 47 -7.05 0.65 -4.76
N MET A 48 -8.26 0.38 -4.30
CA MET A 48 -8.61 -0.94 -3.78
C MET A 48 -9.16 -1.82 -4.89
N LEU A 49 -8.31 -2.70 -5.42
CA LEU A 49 -8.71 -3.59 -6.51
C LEU A 49 -9.36 -4.85 -5.96
N LYS A 50 -10.67 -4.99 -6.19
CA LYS A 50 -11.41 -6.15 -5.73
C LYS A 50 -10.87 -7.41 -6.40
N GLY A 51 -11.55 -8.54 -6.18
CA GLY A 51 -11.11 -9.79 -6.77
C GLY A 51 -9.67 -10.11 -6.41
N LYS A 52 -9.49 -11.18 -5.65
CA LYS A 52 -8.16 -11.61 -5.22
C LYS A 52 -7.78 -10.92 -3.91
N ASN A 53 -8.44 -9.81 -3.61
CA ASN A 53 -8.18 -9.07 -2.39
C ASN A 53 -6.80 -8.43 -2.40
N GLN A 54 -6.59 -7.50 -3.33
CA GLN A 54 -5.31 -6.82 -3.44
C GLN A 54 -5.51 -5.32 -3.66
N ALA A 55 -4.88 -4.51 -2.82
CA ALA A 55 -4.99 -3.06 -2.92
C ALA A 55 -3.69 -2.44 -3.40
N PHE A 56 -3.78 -1.23 -3.91
CA PHE A 56 -2.59 -0.53 -4.41
C PHE A 56 -2.66 0.96 -4.09
N ILE A 57 -1.73 1.43 -3.26
CA ILE A 57 -1.68 2.83 -2.89
C ILE A 57 -0.45 3.52 -3.45
N GLU A 58 -0.62 4.75 -3.89
CA GLU A 58 0.49 5.51 -4.45
C GLU A 58 1.11 6.43 -3.40
N MET A 59 2.25 6.02 -2.87
CA MET A 59 2.93 6.80 -1.84
C MET A 59 3.42 8.12 -2.42
N ASN A 60 2.87 9.22 -1.89
CA ASN A 60 3.24 10.56 -2.34
C ASN A 60 4.71 10.62 -2.74
N THR A 61 5.57 10.13 -1.86
CA THR A 61 7.01 10.16 -2.12
C THR A 61 7.66 8.80 -1.93
N GLU A 62 8.98 8.78 -2.00
CA GLU A 62 9.73 7.55 -1.84
C GLU A 62 9.74 7.09 -0.37
N GLU A 63 10.22 7.97 0.51
CA GLU A 63 10.28 7.66 1.93
C GLU A 63 9.05 6.88 2.37
N ALA A 64 7.93 7.14 1.72
CA ALA A 64 6.67 6.47 2.05
C ALA A 64 6.66 5.03 1.52
N ALA A 65 6.86 4.89 0.20
CA ALA A 65 6.87 3.58 -0.43
C ALA A 65 7.86 2.64 0.25
N ASN A 66 9.11 3.06 0.33
CA ASN A 66 10.16 2.26 0.96
C ASN A 66 9.79 1.88 2.38
N THR A 67 9.80 2.87 3.27
CA THR A 67 9.47 2.63 4.67
C THR A 67 8.26 1.71 4.81
N MET A 68 7.28 1.89 3.93
CA MET A 68 6.08 1.07 3.95
C MET A 68 6.43 -0.41 4.02
N VAL A 69 7.10 -0.90 3.00
CA VAL A 69 7.48 -2.31 2.93
C VAL A 69 8.75 -2.57 3.75
N ASN A 70 9.78 -1.76 3.53
CA ASN A 70 11.04 -1.91 4.25
C ASN A 70 10.80 -2.10 5.74
N TYR A 71 9.82 -1.39 6.29
CA TYR A 71 9.51 -1.49 7.70
C TYR A 71 8.70 -2.75 8.00
N TYR A 72 7.55 -2.88 7.35
CA TYR A 72 6.68 -4.04 7.55
C TYR A 72 7.38 -5.33 7.13
N THR A 73 8.52 -5.18 6.45
CA THR A 73 9.28 -6.34 6.00
C THR A 73 9.29 -7.44 7.07
N SER A 74 9.20 -7.03 8.33
CA SER A 74 9.20 -7.97 9.45
C SER A 74 7.88 -7.91 10.20
N VAL A 75 7.41 -6.70 10.49
CA VAL A 75 6.16 -6.51 11.20
C VAL A 75 4.98 -6.46 10.24
N THR A 76 3.94 -7.22 10.55
CA THR A 76 2.75 -7.25 9.71
C THR A 76 1.66 -6.33 10.24
N PRO A 77 0.93 -5.65 9.35
CA PRO A 77 -0.14 -4.75 9.73
C PRO A 77 -1.50 -5.44 9.75
N VAL A 78 -2.22 -5.29 10.85
CA VAL A 78 -3.54 -5.90 11.00
C VAL A 78 -4.63 -4.85 11.11
N LEU A 79 -5.82 -5.20 10.63
CA LEU A 79 -6.97 -4.31 10.69
C LEU A 79 -8.02 -4.92 11.60
N ARG A 80 -8.20 -4.34 12.78
CA ARG A 80 -9.17 -4.84 13.74
C ARG A 80 -8.80 -6.26 14.18
N GLY A 81 -8.77 -7.17 13.22
CA GLY A 81 -8.43 -8.55 13.51
C GLY A 81 -8.06 -9.33 12.25
N GLN A 82 -7.62 -8.61 11.23
CA GLN A 82 -7.23 -9.24 9.97
C GLN A 82 -5.83 -8.79 9.55
N PRO A 83 -4.85 -9.70 9.62
CA PRO A 83 -3.46 -9.40 9.26
C PRO A 83 -3.30 -9.10 7.77
N ILE A 84 -3.30 -7.82 7.43
CA ILE A 84 -3.16 -7.39 6.04
C ILE A 84 -1.72 -6.94 5.76
N TYR A 85 -0.99 -7.76 5.01
CA TYR A 85 0.40 -7.47 4.68
C TYR A 85 0.50 -6.38 3.61
N ILE A 86 1.62 -5.67 3.61
CA ILE A 86 1.86 -4.60 2.66
C ILE A 86 3.19 -4.81 1.94
N GLN A 87 3.11 -5.11 0.64
CA GLN A 87 4.31 -5.34 -0.16
C GLN A 87 4.33 -4.43 -1.38
N PHE A 88 5.49 -4.34 -2.02
CA PHE A 88 5.65 -3.51 -3.21
C PHE A 88 4.74 -3.99 -4.33
N SER A 89 4.76 -3.26 -5.45
CA SER A 89 3.93 -3.61 -6.60
C SER A 89 4.74 -3.56 -7.89
N ASN A 90 4.37 -4.42 -8.84
CA ASN A 90 5.06 -4.48 -10.12
C ASN A 90 4.06 -4.62 -11.26
N HIS A 91 2.81 -4.30 -10.99
CA HIS A 91 1.75 -4.38 -11.99
C HIS A 91 1.71 -3.10 -12.83
N LYS A 92 0.54 -2.82 -13.38
CA LYS A 92 0.35 -1.63 -14.21
C LYS A 92 0.34 -0.37 -13.35
N GLU A 93 1.51 0.06 -12.90
CA GLU A 93 1.64 1.25 -12.07
C GLU A 93 0.69 2.34 -12.55
N LEU A 94 0.40 3.30 -11.67
CA LEU A 94 -0.49 4.40 -12.00
C LEU A 94 0.26 5.52 -12.69
N LYS A 95 -0.34 6.09 -13.74
CA LYS A 95 0.28 7.18 -14.49
C LYS A 95 -0.45 8.50 -14.22
N THR A 96 0.32 9.52 -13.88
CA THR A 96 -0.24 10.84 -13.60
C THR A 96 0.15 11.84 -14.68
N ASP A 97 -0.83 12.24 -15.50
CA ASP A 97 -0.59 13.19 -16.57
C ASP A 97 0.65 12.81 -17.37
N SER A 98 1.14 13.75 -18.17
CA SER A 98 2.33 13.50 -18.99
C SER A 98 2.05 12.43 -20.04
N SER A 99 2.05 12.82 -21.31
CA SER A 99 1.80 11.89 -22.40
C SER A 99 0.39 11.32 -22.32
N SER A 12 20.08 2.48 0.24
CA SER A 12 19.99 1.68 1.49
C SER A 12 18.64 0.98 1.60
N GLY A 13 17.87 0.99 0.52
CA GLY A 13 16.57 0.36 0.52
C GLY A 13 16.09 0.02 -0.88
N VAL A 14 14.78 0.07 -1.08
CA VAL A 14 14.19 -0.24 -2.38
C VAL A 14 13.24 0.87 -2.81
N PRO A 15 13.58 1.58 -3.91
CA PRO A 15 12.77 2.67 -4.43
C PRO A 15 11.48 2.16 -5.08
N SER A 16 10.35 2.62 -4.56
CA SER A 16 9.05 2.21 -5.08
C SER A 16 8.00 3.31 -4.87
N ARG A 17 6.93 3.27 -5.66
CA ARG A 17 5.86 4.26 -5.56
C ARG A 17 4.52 3.57 -5.31
N VAL A 18 4.23 2.56 -6.11
CA VAL A 18 2.97 1.83 -5.98
C VAL A 18 3.11 0.69 -4.97
N ILE A 19 2.66 0.95 -3.74
CA ILE A 19 2.73 -0.05 -2.68
C ILE A 19 1.56 -1.02 -2.75
N HIS A 20 1.86 -2.27 -3.12
CA HIS A 20 0.83 -3.30 -3.22
C HIS A 20 0.49 -3.87 -1.85
N ILE A 21 -0.70 -4.44 -1.73
CA ILE A 21 -1.15 -5.02 -0.47
C ILE A 21 -1.72 -6.41 -0.67
N ARG A 22 -0.97 -7.42 -0.22
CA ARG A 22 -1.40 -8.81 -0.35
C ARG A 22 -2.07 -9.28 0.95
N LYS A 23 -2.58 -10.50 0.94
CA LYS A 23 -3.23 -11.04 2.12
C LYS A 23 -4.14 -10.00 2.75
N LEU A 24 -4.73 -9.16 1.90
CA LEU A 24 -5.61 -8.10 2.36
C LEU A 24 -7.02 -8.27 1.80
N PRO A 25 -7.94 -8.84 2.59
CA PRO A 25 -9.32 -9.05 2.16
C PRO A 25 -10.01 -7.72 1.88
N ILE A 26 -9.54 -7.04 0.83
CA ILE A 26 -10.08 -5.75 0.42
C ILE A 26 -11.42 -5.45 1.06
N ASP A 27 -11.42 -4.45 1.94
CA ASP A 27 -12.63 -4.03 2.65
C ASP A 27 -12.30 -3.48 4.05
N VAL A 28 -11.05 -3.65 4.49
CA VAL A 28 -10.64 -3.16 5.81
C VAL A 28 -10.78 -1.66 5.91
N THR A 29 -11.00 -1.04 4.77
CA THR A 29 -11.18 0.41 4.68
C THR A 29 -9.87 1.14 4.44
N GLU A 30 -9.97 2.31 3.83
CA GLU A 30 -8.80 3.13 3.54
C GLU A 30 -8.23 3.71 4.83
N GLY A 31 -9.11 4.16 5.71
CA GLY A 31 -8.67 4.72 6.98
C GLY A 31 -7.55 3.92 7.60
N GLU A 32 -7.61 2.59 7.43
CA GLU A 32 -6.58 1.71 7.96
C GLU A 32 -5.35 1.70 7.06
N VAL A 33 -5.58 1.59 5.76
CA VAL A 33 -4.49 1.58 4.79
C VAL A 33 -3.66 2.85 4.88
N ILE A 34 -4.32 3.99 4.68
CA ILE A 34 -3.65 5.28 4.75
C ILE A 34 -3.12 5.54 6.16
N SER A 35 -3.91 5.19 7.16
CA SER A 35 -3.51 5.39 8.55
C SER A 35 -2.04 5.01 8.73
N LEU A 36 -1.66 3.90 8.13
CA LEU A 36 -0.29 3.42 8.22
C LEU A 36 0.63 4.30 7.38
N GLY A 37 0.12 4.75 6.24
CA GLY A 37 0.90 5.59 5.35
C GLY A 37 1.11 6.99 5.92
N LEU A 38 0.24 7.39 6.85
CA LEU A 38 0.33 8.70 7.48
C LEU A 38 1.77 9.02 7.86
N PRO A 39 2.36 8.20 8.75
CA PRO A 39 3.75 8.38 9.20
C PRO A 39 4.74 8.14 8.07
N PHE A 40 4.47 7.10 7.27
CA PHE A 40 5.33 6.76 6.15
C PHE A 40 5.52 7.96 5.23
N GLY A 41 4.53 8.83 5.21
CA GLY A 41 4.59 10.00 4.36
C GLY A 41 3.22 10.52 3.98
N LYS A 42 2.84 10.31 2.72
CA LYS A 42 1.54 10.75 2.24
C LYS A 42 1.04 9.86 1.12
N VAL A 43 -0.26 9.60 1.11
CA VAL A 43 -0.86 8.76 0.08
C VAL A 43 -1.23 9.59 -1.14
N THR A 44 -0.61 9.27 -2.28
CA THR A 44 -0.86 10.00 -3.51
C THR A 44 -1.98 9.35 -4.33
N ASN A 45 -2.44 8.19 -3.86
CA ASN A 45 -3.51 7.47 -4.55
C ASN A 45 -3.98 6.28 -3.72
N LEU A 46 -5.22 5.87 -3.95
CA LEU A 46 -5.80 4.74 -3.22
C LEU A 46 -6.85 4.03 -4.07
N LEU A 47 -6.55 2.78 -4.44
CA LEU A 47 -7.47 2.00 -5.25
C LEU A 47 -7.56 0.57 -4.72
N MET A 48 -8.75 0.18 -4.27
CA MET A 48 -8.99 -1.15 -3.74
C MET A 48 -9.53 -2.08 -4.82
N LEU A 49 -9.06 -3.33 -4.84
CA LEU A 49 -9.50 -4.30 -5.82
C LEU A 49 -10.01 -5.57 -5.13
N LYS A 50 -11.30 -5.61 -4.85
CA LYS A 50 -11.92 -6.76 -4.20
C LYS A 50 -11.42 -8.06 -4.82
N GLY A 51 -11.02 -7.99 -6.09
CA GLY A 51 -10.53 -9.17 -6.78
C GLY A 51 -9.15 -9.57 -6.33
N LYS A 52 -8.99 -10.84 -5.95
CA LYS A 52 -7.70 -11.35 -5.50
C LYS A 52 -7.29 -10.71 -4.18
N ASN A 53 -8.21 -9.95 -3.58
CA ASN A 53 -7.96 -9.27 -2.32
C ASN A 53 -6.60 -8.59 -2.34
N GLN A 54 -6.57 -7.37 -2.88
CA GLN A 54 -5.33 -6.60 -2.97
C GLN A 54 -5.65 -5.11 -3.13
N ALA A 55 -4.94 -4.26 -2.39
CA ALA A 55 -5.14 -2.83 -2.46
C ALA A 55 -3.96 -2.15 -3.14
N PHE A 56 -4.14 -0.89 -3.52
CA PHE A 56 -3.08 -0.14 -4.18
C PHE A 56 -3.02 1.30 -3.69
N ILE A 57 -1.89 1.65 -3.09
CA ILE A 57 -1.68 3.00 -2.57
C ILE A 57 -0.38 3.59 -3.11
N GLU A 58 -0.34 4.92 -3.22
CA GLU A 58 0.84 5.59 -3.73
C GLU A 58 1.41 6.56 -2.71
N MET A 59 2.74 6.63 -2.64
CA MET A 59 3.42 7.51 -1.71
C MET A 59 4.11 8.64 -2.47
N ASN A 60 3.88 9.87 -2.03
CA ASN A 60 4.46 11.04 -2.68
C ASN A 60 5.98 11.10 -2.50
N THR A 61 6.49 10.32 -1.54
CA THR A 61 7.93 10.30 -1.29
C THR A 61 8.45 8.87 -1.20
N GLU A 62 9.46 8.56 -2.00
CA GLU A 62 10.05 7.23 -2.01
C GLU A 62 10.24 6.72 -0.58
N GLU A 63 10.70 7.61 0.30
CA GLU A 63 10.92 7.24 1.69
C GLU A 63 9.65 6.71 2.33
N ALA A 64 8.51 7.04 1.72
CA ALA A 64 7.22 6.60 2.22
C ALA A 64 6.88 5.21 1.70
N ALA A 65 7.07 5.00 0.40
CA ALA A 65 6.79 3.71 -0.22
C ALA A 65 7.71 2.63 0.32
N ASN A 66 9.01 2.92 0.34
CA ASN A 66 10.00 1.97 0.84
C ASN A 66 9.80 1.72 2.33
N THR A 67 9.56 2.80 3.08
CA THR A 67 9.35 2.68 4.53
C THR A 67 8.13 1.82 4.82
N MET A 68 7.14 1.88 3.94
CA MET A 68 5.92 1.10 4.11
C MET A 68 6.24 -0.39 4.20
N VAL A 69 6.78 -0.94 3.12
CA VAL A 69 7.14 -2.35 3.07
C VAL A 69 8.34 -2.64 3.98
N ASN A 70 9.40 -1.86 3.82
CA ASN A 70 10.60 -2.04 4.61
C ASN A 70 10.26 -2.26 6.08
N TYR A 71 9.66 -1.24 6.70
CA TYR A 71 9.28 -1.32 8.11
C TYR A 71 8.38 -2.53 8.35
N TYR A 72 7.53 -2.84 7.39
CA TYR A 72 6.63 -3.98 7.51
C TYR A 72 7.32 -5.28 7.12
N THR A 73 8.64 -5.21 6.95
CA THR A 73 9.42 -6.38 6.58
C THR A 73 9.27 -7.49 7.62
N SER A 74 9.03 -7.08 8.87
CA SER A 74 8.87 -8.04 9.96
C SER A 74 7.54 -7.82 10.68
N VAL A 75 7.23 -6.56 10.97
CA VAL A 75 5.99 -6.23 11.65
C VAL A 75 4.83 -6.12 10.67
N THR A 76 3.91 -7.08 10.75
CA THR A 76 2.76 -7.10 9.87
C THR A 76 1.61 -6.29 10.45
N PRO A 77 0.77 -5.68 9.60
CA PRO A 77 -0.35 -4.88 10.01
C PRO A 77 -1.66 -5.67 10.04
N VAL A 78 -2.19 -5.87 11.25
CA VAL A 78 -3.43 -6.62 11.41
C VAL A 78 -4.62 -5.69 11.57
N LEU A 79 -5.82 -6.21 11.32
CA LEU A 79 -7.04 -5.42 11.45
C LEU A 79 -8.24 -6.33 11.69
N ARG A 80 -9.08 -5.98 12.65
CA ARG A 80 -10.26 -6.77 12.97
C ARG A 80 -9.93 -8.26 12.85
N GLY A 81 -8.68 -8.60 13.10
CA GLY A 81 -8.26 -9.99 13.02
C GLY A 81 -7.97 -10.43 11.60
N GLN A 82 -7.18 -9.64 10.88
CA GLN A 82 -6.83 -9.96 9.50
C GLN A 82 -5.50 -9.30 9.13
N PRO A 83 -4.40 -10.07 9.20
CA PRO A 83 -3.06 -9.57 8.88
C PRO A 83 -2.88 -9.33 7.38
N ILE A 84 -3.07 -8.08 6.96
CA ILE A 84 -2.92 -7.72 5.55
C ILE A 84 -1.51 -7.18 5.29
N TYR A 85 -0.73 -7.95 4.55
CA TYR A 85 0.65 -7.57 4.22
C TYR A 85 0.69 -6.44 3.21
N ILE A 86 1.77 -5.65 3.25
CA ILE A 86 1.95 -4.53 2.36
C ILE A 86 3.30 -4.64 1.63
N GLN A 87 3.26 -5.02 0.37
CA GLN A 87 4.47 -5.16 -0.43
C GLN A 87 4.34 -4.46 -1.77
N PHE A 88 5.44 -4.37 -2.51
CA PHE A 88 5.45 -3.72 -3.82
C PHE A 88 5.01 -4.70 -4.91
N SER A 89 4.49 -4.16 -6.00
CA SER A 89 4.03 -4.97 -7.12
C SER A 89 4.14 -4.21 -8.44
N ASN A 90 5.34 -4.18 -9.00
CA ASN A 90 5.58 -3.49 -10.26
C ASN A 90 5.12 -2.03 -10.17
N HIS A 91 5.85 -1.23 -9.41
CA HIS A 91 5.53 0.18 -9.25
C HIS A 91 5.19 0.82 -10.59
N LYS A 92 3.88 0.90 -10.88
CA LYS A 92 3.42 1.49 -12.13
C LYS A 92 2.34 2.54 -11.86
N GLU A 93 2.78 3.78 -11.69
CA GLU A 93 1.86 4.89 -11.43
C GLU A 93 0.60 4.75 -12.28
N LEU A 94 -0.55 5.01 -11.66
CA LEU A 94 -1.82 4.91 -12.36
C LEU A 94 -2.07 6.14 -13.23
N LYS A 95 -2.05 5.94 -14.54
CA LYS A 95 -2.26 7.02 -15.49
C LYS A 95 -3.73 7.15 -15.85
N THR A 96 -4.14 8.35 -16.24
CA THR A 96 -5.53 8.60 -16.62
C THR A 96 -5.80 8.16 -18.05
N ASP A 97 -6.51 7.06 -18.20
CA ASP A 97 -6.83 6.53 -19.52
C ASP A 97 -5.58 6.08 -20.25
N SER A 98 -5.76 5.49 -21.43
CA SER A 98 -4.64 5.01 -22.23
C SER A 98 -3.86 6.18 -22.84
N SER A 99 -4.58 7.03 -23.57
CA SER A 99 -3.97 8.19 -24.21
C SER A 99 -4.79 9.44 -23.97
N SER A 12 20.88 -4.59 -4.14
CA SER A 12 20.88 -3.11 -4.32
C SER A 12 19.67 -2.66 -5.13
N GLY A 13 19.27 -1.41 -4.94
CA GLY A 13 18.12 -0.88 -5.65
C GLY A 13 16.81 -1.41 -5.13
N VAL A 14 16.20 -0.68 -4.20
CA VAL A 14 14.92 -1.09 -3.61
C VAL A 14 13.84 -0.01 -3.70
N PRO A 15 13.96 0.94 -4.64
CA PRO A 15 12.99 2.02 -4.82
C PRO A 15 11.62 1.50 -5.27
N SER A 16 10.58 2.29 -5.02
CA SER A 16 9.23 1.90 -5.40
C SER A 16 8.24 3.02 -5.09
N ARG A 17 7.21 3.14 -5.93
CA ARG A 17 6.19 4.18 -5.74
C ARG A 17 4.86 3.55 -5.38
N VAL A 18 4.44 2.55 -6.15
CA VAL A 18 3.18 1.87 -5.90
C VAL A 18 3.35 0.72 -4.92
N ILE A 19 2.54 0.72 -3.86
CA ILE A 19 2.61 -0.32 -2.85
C ILE A 19 1.49 -1.34 -3.02
N HIS A 20 1.86 -2.57 -3.39
CA HIS A 20 0.89 -3.64 -3.58
C HIS A 20 0.61 -4.35 -2.26
N ILE A 21 -0.61 -4.20 -1.77
CA ILE A 21 -1.01 -4.83 -0.51
C ILE A 21 -1.42 -6.29 -0.73
N ARG A 22 -0.83 -7.19 0.04
CA ARG A 22 -1.14 -8.61 -0.06
C ARG A 22 -1.81 -9.11 1.21
N LYS A 23 -2.64 -10.14 1.07
CA LYS A 23 -3.35 -10.71 2.22
C LYS A 23 -4.32 -9.68 2.80
N LEU A 24 -4.91 -8.87 1.93
CA LEU A 24 -5.86 -7.85 2.35
C LEU A 24 -7.21 -8.08 1.71
N PRO A 25 -8.28 -8.08 2.52
CA PRO A 25 -9.64 -8.29 2.04
C PRO A 25 -10.19 -7.02 1.38
N ILE A 26 -9.63 -6.68 0.22
CA ILE A 26 -10.06 -5.50 -0.52
C ILE A 26 -11.53 -5.20 -0.28
N ASP A 27 -11.78 -4.12 0.46
CA ASP A 27 -13.12 -3.68 0.81
C ASP A 27 -13.10 -3.00 2.17
N VAL A 28 -12.05 -3.28 2.95
CA VAL A 28 -11.89 -2.69 4.26
C VAL A 28 -11.97 -1.17 4.16
N THR A 29 -11.50 -0.47 5.18
CA THR A 29 -11.54 0.99 5.17
C THR A 29 -10.16 1.60 4.98
N GLU A 30 -10.12 2.73 4.28
CA GLU A 30 -8.87 3.43 4.02
C GLU A 30 -8.24 3.90 5.33
N GLY A 31 -9.05 4.51 6.19
CA GLY A 31 -8.55 4.98 7.46
C GLY A 31 -7.58 4.01 8.08
N GLU A 32 -7.75 2.73 7.78
CA GLU A 32 -6.88 1.69 8.29
C GLU A 32 -5.60 1.61 7.46
N VAL A 33 -5.78 1.44 6.15
CA VAL A 33 -4.64 1.35 5.24
C VAL A 33 -3.83 2.65 5.28
N ILE A 34 -4.49 3.76 4.97
CA ILE A 34 -3.85 5.06 4.97
C ILE A 34 -3.16 5.33 6.30
N SER A 35 -3.89 5.13 7.39
CA SER A 35 -3.35 5.35 8.73
C SER A 35 -1.93 4.79 8.83
N LEU A 36 -1.74 3.60 8.27
CA LEU A 36 -0.43 2.96 8.28
C LEU A 36 0.57 3.78 7.47
N GLY A 37 0.08 4.42 6.41
CA GLY A 37 0.93 5.23 5.57
C GLY A 37 1.17 6.61 6.14
N LEU A 38 0.25 7.06 7.00
CA LEU A 38 0.36 8.37 7.61
C LEU A 38 1.79 8.67 8.01
N PRO A 39 2.38 7.82 8.87
CA PRO A 39 3.76 7.98 9.34
C PRO A 39 4.76 7.80 8.20
N PHE A 40 4.50 6.83 7.33
CA PHE A 40 5.38 6.56 6.21
C PHE A 40 5.57 7.81 5.37
N GLY A 41 4.55 8.66 5.35
CA GLY A 41 4.62 9.90 4.59
C GLY A 41 3.25 10.43 4.24
N LYS A 42 2.85 10.26 2.99
CA LYS A 42 1.55 10.72 2.53
C LYS A 42 1.01 9.85 1.40
N VAL A 43 -0.27 9.52 1.45
CA VAL A 43 -0.90 8.71 0.43
C VAL A 43 -1.38 9.58 -0.72
N THR A 44 -0.89 9.29 -1.92
CA THR A 44 -1.26 10.06 -3.09
C THR A 44 -2.38 9.39 -3.88
N ASN A 45 -2.81 8.22 -3.40
CA ASN A 45 -3.87 7.47 -4.06
C ASN A 45 -4.15 6.16 -3.33
N LEU A 46 -5.40 5.71 -3.40
CA LEU A 46 -5.79 4.47 -2.74
C LEU A 46 -6.76 3.68 -3.62
N LEU A 47 -6.25 2.63 -4.25
CA LEU A 47 -7.06 1.79 -5.12
C LEU A 47 -7.17 0.37 -4.57
N MET A 48 -8.38 -0.01 -4.17
CA MET A 48 -8.61 -1.34 -3.62
C MET A 48 -9.21 -2.27 -4.69
N LEU A 49 -8.35 -3.09 -5.29
CA LEU A 49 -8.80 -4.03 -6.31
C LEU A 49 -9.39 -5.29 -5.69
N LYS A 50 -10.72 -5.32 -5.58
CA LYS A 50 -11.42 -6.46 -5.00
C LYS A 50 -10.93 -7.78 -5.60
N GLY A 51 -10.34 -7.70 -6.79
CA GLY A 51 -9.84 -8.89 -7.45
C GLY A 51 -8.50 -9.35 -6.89
N LYS A 52 -8.44 -10.61 -6.49
CA LYS A 52 -7.22 -11.18 -5.93
C LYS A 52 -6.91 -10.61 -4.55
N ASN A 53 -7.84 -9.83 -4.01
CA ASN A 53 -7.67 -9.24 -2.69
C ASN A 53 -6.33 -8.54 -2.59
N GLN A 54 -6.13 -7.51 -3.41
CA GLN A 54 -4.88 -6.75 -3.41
C GLN A 54 -5.15 -5.26 -3.59
N ALA A 55 -4.49 -4.45 -2.77
CA ALA A 55 -4.65 -3.01 -2.85
C ALA A 55 -3.40 -2.34 -3.40
N PHE A 56 -3.52 -1.07 -3.78
CA PHE A 56 -2.38 -0.34 -4.33
C PHE A 56 -2.44 1.14 -3.93
N ILE A 57 -1.45 1.58 -3.17
CA ILE A 57 -1.38 2.96 -2.72
C ILE A 57 -0.12 3.63 -3.26
N GLU A 58 -0.23 4.90 -3.62
CA GLU A 58 0.90 5.65 -4.16
C GLU A 58 1.38 6.70 -3.16
N MET A 59 2.67 6.63 -2.82
CA MET A 59 3.26 7.58 -1.88
C MET A 59 3.85 8.78 -2.63
N ASN A 60 3.65 9.97 -2.10
CA ASN A 60 4.15 11.19 -2.74
C ASN A 60 5.68 11.23 -2.72
N THR A 61 6.28 10.57 -1.74
CA THR A 61 7.74 10.56 -1.64
C THR A 61 8.27 9.13 -1.62
N GLU A 62 9.39 8.91 -2.29
CA GLU A 62 10.01 7.60 -2.36
C GLU A 62 10.26 7.05 -0.95
N GLU A 63 10.73 7.91 -0.07
CA GLU A 63 11.01 7.52 1.30
C GLU A 63 9.76 6.94 1.97
N ALA A 64 8.60 7.40 1.52
CA ALA A 64 7.33 6.92 2.05
C ALA A 64 7.05 5.49 1.59
N ALA A 65 7.11 5.28 0.28
CA ALA A 65 6.87 3.96 -0.30
C ALA A 65 7.71 2.89 0.40
N ASN A 66 9.03 3.05 0.31
CA ASN A 66 9.95 2.09 0.92
C ASN A 66 9.51 1.74 2.33
N THR A 67 9.59 2.71 3.24
CA THR A 67 9.20 2.49 4.63
C THR A 67 7.92 1.67 4.70
N MET A 68 7.01 1.89 3.77
CA MET A 68 5.75 1.16 3.73
C MET A 68 5.99 -0.34 3.81
N VAL A 69 6.63 -0.89 2.77
CA VAL A 69 6.92 -2.31 2.73
C VAL A 69 8.14 -2.65 3.58
N ASN A 70 9.22 -1.90 3.38
CA ASN A 70 10.45 -2.13 4.12
C ASN A 70 10.16 -2.41 5.59
N TYR A 71 9.47 -1.48 6.24
CA TYR A 71 9.12 -1.64 7.65
C TYR A 71 8.25 -2.86 7.88
N TYR A 72 7.18 -2.98 7.09
CA TYR A 72 6.26 -4.10 7.21
C TYR A 72 6.88 -5.38 6.64
N THR A 73 8.11 -5.27 6.14
CA THR A 73 8.80 -6.43 5.58
C THR A 73 8.80 -7.60 6.55
N SER A 74 8.60 -7.29 7.83
CA SER A 74 8.57 -8.31 8.87
C SER A 74 7.29 -8.21 9.70
N VAL A 75 7.01 -7.01 10.20
CA VAL A 75 5.82 -6.78 11.00
C VAL A 75 4.63 -6.38 10.13
N THR A 76 3.54 -7.13 10.24
CA THR A 76 2.35 -6.85 9.45
C THR A 76 1.32 -6.09 10.27
N PRO A 77 0.60 -5.14 9.66
CA PRO A 77 -0.41 -4.35 10.32
C PRO A 77 -1.81 -4.89 10.09
N VAL A 78 -2.41 -5.46 11.13
CA VAL A 78 -3.76 -6.01 11.04
C VAL A 78 -4.79 -5.04 11.61
N LEU A 79 -6.05 -5.47 11.56
CA LEU A 79 -7.15 -4.65 12.08
C LEU A 79 -8.32 -5.52 12.49
N ARG A 80 -8.73 -5.40 13.75
CA ARG A 80 -9.85 -6.19 14.27
C ARG A 80 -9.52 -7.68 14.22
N GLY A 81 -8.25 -7.99 13.99
CA GLY A 81 -7.83 -9.38 13.93
C GLY A 81 -7.68 -9.88 12.51
N GLN A 82 -7.53 -8.95 11.56
CA GLN A 82 -7.38 -9.32 10.16
C GLN A 82 -6.02 -8.87 9.63
N PRO A 83 -5.05 -9.79 9.61
CA PRO A 83 -3.69 -9.51 9.13
C PRO A 83 -3.64 -9.21 7.64
N ILE A 84 -3.27 -7.98 7.31
CA ILE A 84 -3.16 -7.57 5.92
C ILE A 84 -1.75 -7.09 5.60
N TYR A 85 -1.02 -7.90 4.84
CA TYR A 85 0.36 -7.57 4.47
C TYR A 85 0.42 -6.51 3.38
N ILE A 86 1.50 -5.72 3.40
CA ILE A 86 1.70 -4.67 2.43
C ILE A 86 3.06 -4.83 1.73
N GLN A 87 3.03 -5.21 0.45
CA GLN A 87 4.25 -5.41 -0.31
C GLN A 87 4.35 -4.42 -1.47
N PHE A 88 5.49 -4.42 -2.14
CA PHE A 88 5.70 -3.53 -3.29
C PHE A 88 4.88 -3.97 -4.49
N SER A 89 4.60 -3.04 -5.38
CA SER A 89 3.82 -3.34 -6.59
C SER A 89 4.63 -3.03 -7.84
N ASN A 90 4.41 -3.83 -8.89
CA ASN A 90 5.12 -3.63 -10.15
C ASN A 90 4.74 -2.30 -10.79
N HIS A 91 5.09 -1.22 -10.11
CA HIS A 91 4.79 0.13 -10.60
C HIS A 91 3.42 0.16 -11.27
N LYS A 92 3.39 -0.04 -12.58
CA LYS A 92 2.13 -0.02 -13.31
C LYS A 92 1.35 1.26 -12.99
N GLU A 93 1.74 2.35 -13.65
CA GLU A 93 1.08 3.64 -13.44
C GLU A 93 -0.43 3.48 -13.51
N LEU A 94 -1.10 3.81 -12.41
CA LEU A 94 -2.55 3.71 -12.34
C LEU A 94 -3.21 4.83 -13.14
N LYS A 95 -4.38 4.54 -13.69
CA LYS A 95 -5.12 5.52 -14.49
C LYS A 95 -6.60 5.52 -14.14
N THR A 96 -7.18 6.71 -14.02
CA THR A 96 -8.59 6.84 -13.69
C THR A 96 -9.31 7.72 -14.71
N ASP A 97 -10.47 7.26 -15.17
CA ASP A 97 -11.25 8.01 -16.15
C ASP A 97 -11.60 9.40 -15.61
N SER A 98 -12.24 10.21 -16.45
CA SER A 98 -12.63 11.56 -16.06
C SER A 98 -11.47 12.29 -15.39
N SER A 99 -10.57 12.83 -16.20
CA SER A 99 -9.41 13.55 -15.69
C SER A 99 -9.85 14.79 -14.92
N SER A 12 19.93 -4.71 -0.95
CA SER A 12 19.47 -4.02 -2.18
C SER A 12 18.22 -3.18 -1.92
N GLY A 13 17.98 -2.20 -2.78
CA GLY A 13 16.82 -1.35 -2.62
C GLY A 13 16.37 -0.72 -3.93
N VAL A 14 15.21 -0.07 -3.91
CA VAL A 14 14.68 0.57 -5.10
C VAL A 14 13.74 1.72 -4.74
N PRO A 15 13.49 2.63 -5.70
CA PRO A 15 12.60 3.76 -5.48
C PRO A 15 11.23 3.35 -4.93
N SER A 16 10.51 2.56 -5.72
CA SER A 16 9.18 2.10 -5.31
C SER A 16 8.18 3.25 -5.28
N ARG A 17 6.90 2.92 -5.34
CA ARG A 17 5.85 3.93 -5.31
C ARG A 17 4.49 3.28 -5.08
N VAL A 18 4.24 2.17 -5.76
CA VAL A 18 2.98 1.46 -5.63
C VAL A 18 3.12 0.23 -4.73
N ILE A 19 2.56 0.32 -3.52
CA ILE A 19 2.64 -0.78 -2.57
C ILE A 19 1.40 -1.68 -2.68
N HIS A 20 1.63 -2.91 -3.12
CA HIS A 20 0.54 -3.87 -3.27
C HIS A 20 0.27 -4.57 -1.94
N ILE A 21 -0.93 -4.39 -1.41
CA ILE A 21 -1.32 -5.00 -0.14
C ILE A 21 -1.89 -6.39 -0.34
N ARG A 22 -1.04 -7.40 -0.13
CA ARG A 22 -1.47 -8.79 -0.28
C ARG A 22 -2.26 -9.24 0.94
N LYS A 23 -2.76 -10.47 0.91
CA LYS A 23 -3.54 -11.00 2.01
C LYS A 23 -4.42 -9.92 2.62
N LEU A 24 -4.99 -9.08 1.76
CA LEU A 24 -5.84 -7.99 2.21
C LEU A 24 -7.22 -8.07 1.55
N PRO A 25 -8.21 -8.62 2.26
CA PRO A 25 -9.57 -8.74 1.75
C PRO A 25 -10.14 -7.40 1.33
N ILE A 26 -9.68 -6.88 0.19
CA ILE A 26 -10.14 -5.60 -0.32
C ILE A 26 -11.60 -5.36 0.03
N ASP A 27 -11.85 -4.30 0.78
CA ASP A 27 -13.18 -3.93 1.22
C ASP A 27 -13.11 -3.19 2.56
N VAL A 28 -11.99 -3.36 3.25
CA VAL A 28 -11.77 -2.71 4.54
C VAL A 28 -11.96 -1.20 4.41
N THR A 29 -11.30 -0.46 5.30
CA THR A 29 -11.40 0.99 5.27
C THR A 29 -10.10 1.65 4.86
N GLU A 30 -10.21 2.77 4.15
CA GLU A 30 -9.04 3.51 3.70
C GLU A 30 -8.26 4.07 4.89
N GLY A 31 -8.95 4.85 5.71
CA GLY A 31 -8.32 5.43 6.88
C GLY A 31 -7.37 4.46 7.55
N GLU A 32 -7.72 3.18 7.50
CA GLU A 32 -6.89 2.14 8.11
C GLU A 32 -5.58 1.99 7.33
N VAL A 33 -5.69 1.68 6.05
CA VAL A 33 -4.51 1.52 5.20
C VAL A 33 -3.68 2.80 5.19
N ILE A 34 -4.34 3.94 4.97
CA ILE A 34 -3.68 5.22 4.95
C ILE A 34 -3.10 5.55 6.32
N SER A 35 -3.85 5.19 7.37
CA SER A 35 -3.41 5.45 8.74
C SER A 35 -1.97 5.00 8.91
N LEU A 36 -1.65 3.85 8.33
CA LEU A 36 -0.30 3.31 8.41
C LEU A 36 0.65 4.13 7.54
N GLY A 37 0.13 4.65 6.44
CA GLY A 37 0.94 5.45 5.55
C GLY A 37 1.29 6.80 6.14
N LEU A 38 0.47 7.27 7.07
CA LEU A 38 0.69 8.56 7.73
C LEU A 38 2.17 8.73 8.06
N PRO A 39 2.72 7.82 8.88
CA PRO A 39 4.14 7.87 9.27
C PRO A 39 5.07 7.72 8.08
N PHE A 40 4.55 7.11 7.02
CA PHE A 40 5.33 6.90 5.80
C PHE A 40 5.44 8.19 5.01
N GLY A 41 4.35 8.96 4.99
CA GLY A 41 4.33 10.21 4.26
C GLY A 41 2.92 10.68 3.97
N LYS A 42 2.48 10.50 2.73
CA LYS A 42 1.14 10.91 2.33
C LYS A 42 0.60 10.02 1.22
N VAL A 43 -0.71 9.80 1.22
CA VAL A 43 -1.34 8.97 0.20
C VAL A 43 -1.71 9.81 -1.02
N THR A 44 -1.04 9.55 -2.13
CA THR A 44 -1.30 10.31 -3.35
C THR A 44 -2.41 9.66 -4.17
N ASN A 45 -2.76 8.42 -3.82
CA ASN A 45 -3.81 7.70 -4.52
C ASN A 45 -3.86 6.24 -4.06
N LEU A 46 -5.00 5.84 -3.50
CA LEU A 46 -5.16 4.47 -3.02
C LEU A 46 -6.37 3.81 -3.69
N LEU A 47 -6.11 2.74 -4.44
CA LEU A 47 -7.18 2.01 -5.12
C LEU A 47 -7.26 0.57 -4.62
N MET A 48 -8.46 0.16 -4.23
CA MET A 48 -8.68 -1.19 -3.73
C MET A 48 -9.40 -2.05 -4.77
N LEU A 49 -8.97 -3.30 -4.89
CA LEU A 49 -9.57 -4.22 -5.86
C LEU A 49 -10.14 -5.45 -5.14
N LYS A 50 -11.47 -5.47 -5.00
CA LYS A 50 -12.14 -6.58 -4.34
C LYS A 50 -11.78 -7.91 -4.99
N GLY A 51 -11.24 -7.84 -6.20
CA GLY A 51 -10.85 -9.06 -6.92
C GLY A 51 -9.47 -9.54 -6.52
N LYS A 52 -9.41 -10.73 -5.94
CA LYS A 52 -8.14 -11.31 -5.52
C LYS A 52 -7.71 -10.76 -4.16
N ASN A 53 -8.44 -9.75 -3.67
CA ASN A 53 -8.14 -9.14 -2.39
C ASN A 53 -6.75 -8.53 -2.39
N GLN A 54 -6.63 -7.35 -3.01
CA GLN A 54 -5.35 -6.66 -3.08
C GLN A 54 -5.55 -5.16 -3.26
N ALA A 55 -4.86 -4.37 -2.44
CA ALA A 55 -4.96 -2.92 -2.51
C ALA A 55 -3.67 -2.31 -3.05
N PHE A 56 -3.75 -1.07 -3.50
CA PHE A 56 -2.59 -0.39 -4.05
C PHE A 56 -2.60 1.10 -3.71
N ILE A 57 -1.61 1.53 -2.94
CA ILE A 57 -1.51 2.94 -2.55
C ILE A 57 -0.32 3.60 -3.24
N GLU A 58 -0.39 4.92 -3.40
CA GLU A 58 0.68 5.66 -4.04
C GLU A 58 1.22 6.74 -3.10
N MET A 59 2.51 6.65 -2.78
CA MET A 59 3.15 7.62 -1.90
C MET A 59 3.75 8.76 -2.71
N ASN A 60 3.67 9.97 -2.17
CA ASN A 60 4.21 11.14 -2.85
C ASN A 60 5.74 11.14 -2.81
N THR A 61 6.30 10.46 -1.82
CA THR A 61 7.75 10.39 -1.68
C THR A 61 8.21 8.95 -1.49
N GLU A 62 9.30 8.60 -2.17
CA GLU A 62 9.85 7.26 -2.09
C GLU A 62 9.97 6.80 -0.64
N GLU A 63 10.45 7.71 0.22
CA GLU A 63 10.61 7.41 1.63
C GLU A 63 9.30 6.87 2.23
N ALA A 64 8.18 7.30 1.66
CA ALA A 64 6.87 6.87 2.13
C ALA A 64 6.55 5.47 1.62
N ALA A 65 6.77 5.25 0.32
CA ALA A 65 6.52 3.94 -0.28
C ALA A 65 7.46 2.88 0.28
N ASN A 66 8.76 3.11 0.12
CA ASN A 66 9.77 2.17 0.61
C ASN A 66 9.57 1.89 2.10
N THR A 67 9.63 2.95 2.91
CA THR A 67 9.46 2.82 4.35
C THR A 67 8.33 1.84 4.68
N MET A 68 7.19 2.03 4.04
CA MET A 68 6.04 1.17 4.26
C MET A 68 6.45 -0.30 4.25
N VAL A 69 6.95 -0.76 3.11
CA VAL A 69 7.39 -2.14 2.97
C VAL A 69 8.63 -2.41 3.79
N ASN A 70 9.29 -1.34 4.22
CA ASN A 70 10.51 -1.47 5.02
C ASN A 70 10.18 -1.91 6.44
N TYR A 71 9.45 -1.07 7.16
CA TYR A 71 9.08 -1.38 8.54
C TYR A 71 8.23 -2.64 8.60
N TYR A 72 7.57 -2.96 7.49
CA TYR A 72 6.72 -4.15 7.42
C TYR A 72 7.49 -5.34 6.87
N THR A 73 8.83 -5.26 6.95
CA THR A 73 9.68 -6.33 6.47
C THR A 73 9.60 -7.54 7.38
N SER A 74 9.39 -7.29 8.68
CA SER A 74 9.30 -8.36 9.66
C SER A 74 7.93 -8.36 10.34
N VAL A 75 7.51 -7.20 10.81
CA VAL A 75 6.21 -7.06 11.46
C VAL A 75 5.09 -6.89 10.45
N THR A 76 4.14 -7.82 10.46
CA THR A 76 3.01 -7.79 9.54
C THR A 76 1.88 -6.94 10.10
N PRO A 77 1.19 -6.17 9.23
CA PRO A 77 0.08 -5.33 9.63
C PRO A 77 -1.26 -6.01 9.42
N VAL A 78 -2.20 -5.78 10.34
CA VAL A 78 -3.52 -6.37 10.24
C VAL A 78 -4.61 -5.31 10.39
N LEU A 79 -5.86 -5.75 10.33
CA LEU A 79 -7.00 -4.85 10.46
C LEU A 79 -8.12 -5.51 11.26
N ARG A 80 -8.33 -5.04 12.48
CA ARG A 80 -9.36 -5.59 13.34
C ARG A 80 -9.10 -7.07 13.61
N GLY A 81 -7.88 -7.51 13.30
CA GLY A 81 -7.51 -8.90 13.51
C GLY A 81 -7.28 -9.64 12.21
N GLN A 82 -7.28 -8.91 11.10
CA GLN A 82 -7.06 -9.50 9.80
C GLN A 82 -5.74 -9.02 9.19
N PRO A 83 -4.71 -9.88 9.22
CA PRO A 83 -3.39 -9.56 8.69
C PRO A 83 -3.41 -9.29 7.18
N ILE A 84 -2.98 -8.09 6.80
CA ILE A 84 -2.94 -7.71 5.39
C ILE A 84 -1.52 -7.31 4.99
N TYR A 85 -0.87 -8.17 4.22
CA TYR A 85 0.51 -7.94 3.77
C TYR A 85 0.62 -6.69 2.91
N ILE A 86 1.72 -5.96 3.11
CA ILE A 86 1.98 -4.74 2.36
C ILE A 86 3.36 -4.80 1.70
N GLN A 87 3.38 -4.96 0.39
CA GLN A 87 4.64 -5.04 -0.35
C GLN A 87 4.48 -4.55 -1.79
N PHE A 88 5.60 -4.38 -2.48
CA PHE A 88 5.58 -3.92 -3.87
C PHE A 88 5.15 -5.04 -4.81
N SER A 89 4.30 -4.69 -5.77
CA SER A 89 3.82 -5.65 -6.75
C SER A 89 3.46 -4.97 -8.07
N ASN A 90 4.47 -4.74 -8.90
CA ASN A 90 4.26 -4.09 -10.19
C ASN A 90 4.21 -2.58 -10.03
N HIS A 91 3.51 -1.92 -10.95
CA HIS A 91 3.38 -0.46 -10.90
C HIS A 91 1.96 -0.03 -11.25
N LYS A 92 1.52 -0.40 -12.45
CA LYS A 92 0.17 -0.04 -12.90
C LYS A 92 -0.20 1.37 -12.47
N GLU A 93 0.54 2.35 -12.99
CA GLU A 93 0.29 3.75 -12.66
C GLU A 93 -1.22 4.03 -12.56
N LEU A 94 -1.59 4.82 -11.56
CA LEU A 94 -3.00 5.16 -11.35
C LEU A 94 -3.38 6.40 -12.15
N LYS A 95 -4.21 6.20 -13.18
CA LYS A 95 -4.65 7.30 -14.03
C LYS A 95 -6.10 7.66 -13.73
N THR A 96 -6.29 8.83 -13.12
CA THR A 96 -7.62 9.30 -12.77
C THR A 96 -7.98 10.57 -13.55
N ASP A 97 -9.16 10.56 -14.15
CA ASP A 97 -9.63 11.71 -14.93
C ASP A 97 -10.00 12.88 -14.01
N SER A 98 -9.03 13.73 -13.71
CA SER A 98 -9.26 14.88 -12.85
C SER A 98 -7.96 15.61 -12.56
N SER A 99 -7.23 15.98 -13.62
CA SER A 99 -5.96 16.67 -13.47
C SER A 99 -6.19 18.17 -13.27
N SER A 12 17.72 5.10 -6.83
CA SER A 12 18.39 4.24 -5.82
C SER A 12 17.49 4.02 -4.61
N GLY A 13 17.87 3.07 -3.76
CA GLY A 13 17.09 2.78 -2.57
C GLY A 13 15.64 2.50 -2.88
N VAL A 14 14.80 3.52 -2.72
CA VAL A 14 13.37 3.37 -2.99
C VAL A 14 13.12 2.48 -4.21
N PRO A 15 12.54 1.29 -3.99
CA PRO A 15 12.26 0.34 -5.07
C PRO A 15 11.13 0.81 -5.97
N SER A 16 10.04 1.25 -5.37
CA SER A 16 8.88 1.73 -6.13
C SER A 16 8.01 2.65 -5.28
N ARG A 17 7.21 3.47 -5.94
CA ARG A 17 6.31 4.40 -5.26
C ARG A 17 5.00 3.72 -4.90
N VAL A 18 4.64 2.68 -5.65
CA VAL A 18 3.41 1.95 -5.40
C VAL A 18 3.62 0.84 -4.39
N ILE A 19 2.62 0.60 -3.56
CA ILE A 19 2.69 -0.44 -2.53
C ILE A 19 1.56 -1.46 -2.69
N HIS A 20 1.92 -2.65 -3.15
CA HIS A 20 0.94 -3.72 -3.34
C HIS A 20 0.60 -4.38 -2.02
N ILE A 21 -0.69 -4.36 -1.66
CA ILE A 21 -1.15 -4.95 -0.42
C ILE A 21 -1.77 -6.33 -0.66
N ARG A 22 -1.10 -7.37 -0.17
CA ARG A 22 -1.58 -8.73 -0.32
C ARG A 22 -2.34 -9.19 0.93
N LYS A 23 -2.94 -10.37 0.86
CA LYS A 23 -3.70 -10.91 1.97
C LYS A 23 -4.61 -9.85 2.57
N LEU A 24 -5.29 -9.10 1.70
CA LEU A 24 -6.18 -8.04 2.15
C LEU A 24 -7.50 -8.09 1.39
N PRO A 25 -8.59 -8.49 2.07
CA PRO A 25 -9.92 -8.57 1.46
C PRO A 25 -10.42 -7.21 1.03
N ILE A 26 -9.86 -6.69 -0.06
CA ILE A 26 -10.25 -5.38 -0.58
C ILE A 26 -11.71 -5.09 -0.30
N ASP A 27 -11.95 -4.04 0.50
CA ASP A 27 -13.29 -3.63 0.87
C ASP A 27 -13.26 -2.96 2.24
N VAL A 28 -12.20 -3.21 3.00
CA VAL A 28 -12.04 -2.63 4.32
C VAL A 28 -12.15 -1.11 4.27
N THR A 29 -11.56 -0.44 5.24
CA THR A 29 -11.59 1.01 5.29
C THR A 29 -10.22 1.62 5.05
N GLU A 30 -10.20 2.77 4.39
CA GLU A 30 -8.96 3.47 4.10
C GLU A 30 -8.30 3.95 5.39
N GLY A 31 -9.08 4.63 6.23
CA GLY A 31 -8.56 5.11 7.49
C GLY A 31 -7.66 4.11 8.16
N GLU A 32 -7.91 2.83 7.89
CA GLU A 32 -7.11 1.75 8.47
C GLU A 32 -5.80 1.60 7.73
N VAL A 33 -5.89 1.49 6.41
CA VAL A 33 -4.70 1.35 5.58
C VAL A 33 -3.89 2.64 5.56
N ILE A 34 -4.53 3.73 5.16
CA ILE A 34 -3.87 5.02 5.10
C ILE A 34 -3.24 5.37 6.44
N SER A 35 -3.94 5.07 7.53
CA SER A 35 -3.43 5.35 8.86
C SER A 35 -2.06 4.72 9.06
N LEU A 36 -1.91 3.47 8.60
CA LEU A 36 -0.65 2.77 8.72
C LEU A 36 0.37 3.30 7.72
N GLY A 37 -0.10 4.11 6.78
CA GLY A 37 0.78 4.67 5.79
C GLY A 37 1.11 6.13 6.04
N LEU A 38 0.26 6.81 6.80
CA LEU A 38 0.46 8.22 7.10
C LEU A 38 1.87 8.46 7.64
N PRO A 39 2.28 7.70 8.67
CA PRO A 39 3.62 7.83 9.26
C PRO A 39 4.72 7.56 8.23
N PHE A 40 4.37 6.81 7.20
CA PHE A 40 5.31 6.46 6.15
C PHE A 40 5.41 7.59 5.13
N GLY A 41 4.78 8.71 5.42
CA GLY A 41 4.82 9.85 4.51
C GLY A 41 3.43 10.35 4.18
N LYS A 42 3.01 10.12 2.95
CA LYS A 42 1.68 10.56 2.50
C LYS A 42 1.13 9.64 1.43
N VAL A 43 -0.20 9.46 1.44
CA VAL A 43 -0.85 8.60 0.46
C VAL A 43 -1.47 9.42 -0.66
N THR A 44 -0.74 9.53 -1.77
CA THR A 44 -1.21 10.30 -2.92
C THR A 44 -2.05 9.44 -3.85
N ASN A 45 -2.61 8.36 -3.31
CA ASN A 45 -3.44 7.45 -4.10
C ASN A 45 -3.79 6.19 -3.31
N LEU A 46 -4.97 5.64 -3.57
CA LEU A 46 -5.43 4.44 -2.88
C LEU A 46 -6.45 3.69 -3.73
N LEU A 47 -5.98 2.68 -4.46
CA LEU A 47 -6.86 1.88 -5.31
C LEU A 47 -7.13 0.52 -4.69
N MET A 48 -8.41 0.21 -4.47
CA MET A 48 -8.79 -1.07 -3.88
C MET A 48 -9.31 -2.02 -4.95
N LEU A 49 -8.62 -3.13 -5.14
CA LEU A 49 -9.00 -4.13 -6.13
C LEU A 49 -9.96 -5.15 -5.54
N LYS A 50 -11.25 -4.98 -5.82
CA LYS A 50 -12.28 -5.88 -5.31
C LYS A 50 -12.38 -7.14 -6.17
N GLY A 51 -11.23 -7.74 -6.47
CA GLY A 51 -11.21 -8.95 -7.28
C GLY A 51 -10.40 -10.06 -6.63
N LYS A 52 -9.11 -9.79 -6.41
CA LYS A 52 -8.23 -10.77 -5.79
C LYS A 52 -7.86 -10.35 -4.37
N ASN A 53 -8.59 -9.37 -3.85
CA ASN A 53 -8.35 -8.87 -2.51
C ASN A 53 -6.95 -8.27 -2.39
N GLN A 54 -6.71 -7.18 -3.12
CA GLN A 54 -5.41 -6.52 -3.09
C GLN A 54 -5.57 -5.01 -3.30
N ALA A 55 -4.88 -4.24 -2.48
CA ALA A 55 -4.95 -2.78 -2.58
C ALA A 55 -3.63 -2.22 -3.10
N PHE A 56 -3.68 -1.02 -3.67
CA PHE A 56 -2.48 -0.38 -4.21
C PHE A 56 -2.48 1.11 -3.92
N ILE A 57 -1.50 1.55 -3.13
CA ILE A 57 -1.38 2.97 -2.79
C ILE A 57 -0.10 3.55 -3.36
N GLU A 58 -0.20 4.76 -3.90
CA GLU A 58 0.96 5.43 -4.48
C GLU A 58 1.48 6.52 -3.57
N MET A 59 2.58 6.23 -2.88
CA MET A 59 3.18 7.20 -1.96
C MET A 59 3.66 8.43 -2.73
N ASN A 60 3.24 9.60 -2.26
CA ASN A 60 3.61 10.85 -2.91
C ASN A 60 5.11 10.91 -3.19
N THR A 61 5.90 10.43 -2.25
CA THR A 61 7.36 10.43 -2.42
C THR A 61 7.91 9.02 -2.41
N GLU A 62 9.16 8.89 -2.89
CA GLU A 62 9.80 7.58 -2.94
C GLU A 62 10.18 7.10 -1.54
N GLU A 63 10.73 8.00 -0.75
CA GLU A 63 11.13 7.66 0.61
C GLU A 63 9.95 7.09 1.38
N ALA A 64 8.75 7.55 1.03
CA ALA A 64 7.53 7.09 1.68
C ALA A 64 7.25 5.64 1.32
N ALA A 65 7.36 5.32 0.03
CA ALA A 65 7.12 3.97 -0.45
C ALA A 65 8.04 2.97 0.23
N ASN A 66 9.35 3.16 0.06
CA ASN A 66 10.34 2.27 0.65
C ASN A 66 9.96 1.89 2.08
N THR A 67 9.80 2.91 2.93
CA THR A 67 9.44 2.68 4.33
C THR A 67 8.22 1.77 4.44
N MET A 68 7.15 2.12 3.73
CA MET A 68 5.93 1.34 3.76
C MET A 68 6.22 -0.15 3.86
N VAL A 69 6.94 -0.68 2.86
CA VAL A 69 7.29 -2.09 2.84
C VAL A 69 8.47 -2.39 3.76
N ASN A 70 9.31 -1.39 3.99
CA ASN A 70 10.48 -1.55 4.85
C ASN A 70 10.07 -1.98 6.26
N TYR A 71 9.34 -1.11 6.95
CA TYR A 71 8.89 -1.40 8.30
C TYR A 71 7.93 -2.58 8.32
N TYR A 72 7.10 -2.68 7.29
CA TYR A 72 6.12 -3.76 7.18
C TYR A 72 6.73 -4.97 6.49
N THR A 73 8.06 -5.04 6.48
CA THR A 73 8.76 -6.16 5.85
C THR A 73 8.55 -7.44 6.64
N SER A 74 8.65 -7.34 7.96
CA SER A 74 8.47 -8.50 8.84
C SER A 74 7.24 -8.34 9.71
N VAL A 75 7.02 -7.11 10.19
CA VAL A 75 5.88 -6.82 11.03
C VAL A 75 4.62 -6.60 10.19
N THR A 76 3.70 -7.56 10.25
CA THR A 76 2.46 -7.48 9.51
C THR A 76 1.35 -6.86 10.34
N PRO A 77 0.76 -5.76 9.85
CA PRO A 77 -0.31 -5.08 10.53
C PRO A 77 -1.69 -5.49 10.00
N VAL A 78 -2.51 -6.02 10.88
CA VAL A 78 -3.85 -6.46 10.49
C VAL A 78 -4.87 -5.33 10.64
N LEU A 79 -6.12 -5.63 10.32
CA LEU A 79 -7.19 -4.64 10.43
C LEU A 79 -8.47 -5.29 10.93
N ARG A 80 -9.12 -4.65 11.90
CA ARG A 80 -10.35 -5.18 12.47
C ARG A 80 -10.28 -6.70 12.56
N GLY A 81 -9.08 -7.22 12.75
CA GLY A 81 -8.88 -8.66 12.84
C GLY A 81 -8.74 -9.32 11.49
N GLN A 82 -7.83 -8.80 10.67
CA GLN A 82 -7.59 -9.37 9.34
C GLN A 82 -6.17 -9.05 8.87
N PRO A 83 -5.24 -10.00 9.04
CA PRO A 83 -3.84 -9.83 8.64
C PRO A 83 -3.70 -9.44 7.17
N ILE A 84 -3.34 -8.18 6.93
CA ILE A 84 -3.16 -7.67 5.58
C ILE A 84 -1.71 -7.25 5.35
N TYR A 85 -0.98 -8.05 4.57
CA TYR A 85 0.42 -7.76 4.29
C TYR A 85 0.56 -6.56 3.36
N ILE A 86 1.66 -5.83 3.52
CA ILE A 86 1.93 -4.65 2.70
C ILE A 86 3.29 -4.77 2.01
N GLN A 87 3.26 -5.08 0.72
CA GLN A 87 4.50 -5.23 -0.05
C GLN A 87 4.47 -4.32 -1.27
N PHE A 88 5.61 -4.25 -1.97
CA PHE A 88 5.73 -3.41 -3.15
C PHE A 88 4.89 -3.98 -4.30
N SER A 89 5.01 -3.37 -5.47
CA SER A 89 4.27 -3.82 -6.64
C SER A 89 5.16 -3.89 -7.87
N ASN A 90 4.66 -4.47 -8.94
CA ASN A 90 5.41 -4.61 -10.18
C ASN A 90 4.81 -3.76 -11.29
N HIS A 91 4.43 -2.52 -10.95
CA HIS A 91 3.84 -1.61 -11.92
C HIS A 91 4.71 -0.37 -12.10
N LYS A 92 4.24 0.55 -12.93
CA LYS A 92 4.98 1.79 -13.19
C LYS A 92 4.33 2.97 -12.46
N GLU A 93 3.30 3.53 -13.06
CA GLU A 93 2.59 4.66 -12.46
C GLU A 93 1.09 4.58 -12.73
N LEU A 94 0.30 4.85 -11.71
CA LEU A 94 -1.16 4.80 -11.83
C LEU A 94 -1.68 6.01 -12.60
N LYS A 95 -2.60 5.76 -13.52
CA LYS A 95 -3.18 6.84 -14.33
C LYS A 95 -4.63 7.10 -13.92
N THR A 96 -4.91 8.36 -13.58
CA THR A 96 -6.26 8.75 -13.18
C THR A 96 -6.79 9.89 -14.05
N ASP A 97 -7.91 9.63 -14.72
CA ASP A 97 -8.52 10.63 -15.58
C ASP A 97 -7.45 11.36 -16.42
N SER A 98 -7.87 12.42 -17.10
CA SER A 98 -6.97 13.19 -17.93
C SER A 98 -7.24 14.69 -17.79
N SER A 99 -6.31 15.41 -17.18
CA SER A 99 -6.45 16.85 -16.98
C SER A 99 -7.72 17.16 -16.20
N SER A 12 21.03 1.32 -5.51
CA SER A 12 19.83 1.99 -4.94
C SER A 12 18.56 1.58 -5.67
N GLY A 13 18.28 2.25 -6.78
CA GLY A 13 17.09 1.93 -7.55
C GLY A 13 15.86 1.81 -6.68
N VAL A 14 15.14 2.91 -6.51
CA VAL A 14 13.93 2.91 -5.69
C VAL A 14 12.85 2.02 -6.31
N PRO A 15 12.26 1.14 -5.50
CA PRO A 15 11.21 0.23 -5.96
C PRO A 15 10.11 0.95 -6.73
N SER A 16 9.39 1.83 -6.03
CA SER A 16 8.31 2.59 -6.65
C SER A 16 7.43 3.24 -5.58
N ARG A 17 6.73 4.30 -5.98
CA ARG A 17 5.85 5.02 -5.06
C ARG A 17 4.60 4.19 -4.76
N VAL A 18 4.33 3.20 -5.60
CA VAL A 18 3.18 2.34 -5.42
C VAL A 18 3.49 1.16 -4.52
N ILE A 19 2.53 0.81 -3.66
CA ILE A 19 2.71 -0.30 -2.73
C ILE A 19 1.57 -1.31 -2.85
N HIS A 20 1.87 -2.48 -3.40
CA HIS A 20 0.86 -3.53 -3.56
C HIS A 20 0.63 -4.26 -2.25
N ILE A 21 -0.55 -4.06 -1.66
CA ILE A 21 -0.89 -4.70 -0.40
C ILE A 21 -1.41 -6.12 -0.62
N ARG A 22 -0.85 -7.06 0.13
CA ARG A 22 -1.24 -8.46 0.01
C ARG A 22 -1.96 -8.92 1.28
N LYS A 23 -2.42 -10.17 1.27
CA LYS A 23 -3.12 -10.73 2.43
C LYS A 23 -4.13 -9.72 2.98
N LEU A 24 -4.67 -8.89 2.10
CA LEU A 24 -5.64 -7.88 2.51
C LEU A 24 -6.99 -8.13 1.83
N PRO A 25 -8.02 -8.49 2.62
CA PRO A 25 -9.35 -8.74 2.09
C PRO A 25 -9.97 -7.48 1.50
N ILE A 26 -9.41 -7.04 0.37
CA ILE A 26 -9.90 -5.84 -0.29
C ILE A 26 -11.41 -5.70 -0.11
N ASP A 27 -11.79 -4.69 0.66
CA ASP A 27 -13.17 -4.40 0.97
C ASP A 27 -13.25 -3.74 2.34
N VAL A 28 -12.22 -3.98 3.15
CA VAL A 28 -12.13 -3.41 4.47
C VAL A 28 -12.21 -1.88 4.38
N THR A 29 -11.70 -1.19 5.39
CA THR A 29 -11.75 0.27 5.38
C THR A 29 -10.43 0.89 4.92
N GLU A 30 -10.55 2.00 4.19
CA GLU A 30 -9.38 2.70 3.68
C GLU A 30 -8.69 3.45 4.82
N GLY A 31 -9.47 4.19 5.59
CA GLY A 31 -8.91 4.95 6.70
C GLY A 31 -7.85 4.15 7.43
N GLU A 32 -8.02 2.83 7.45
CA GLU A 32 -7.06 1.95 8.12
C GLU A 32 -5.84 1.73 7.23
N VAL A 33 -6.08 1.34 5.98
CA VAL A 33 -4.99 1.10 5.03
C VAL A 33 -4.12 2.34 4.91
N ILE A 34 -4.75 3.48 4.65
CA ILE A 34 -4.04 4.74 4.51
C ILE A 34 -3.40 5.15 5.84
N SER A 35 -4.20 5.14 6.90
CA SER A 35 -3.71 5.50 8.22
C SER A 35 -2.37 4.84 8.49
N LEU A 36 -2.25 3.57 8.07
CA LEU A 36 -1.01 2.83 8.26
C LEU A 36 0.12 3.47 7.48
N GLY A 37 -0.18 3.89 6.26
CA GLY A 37 0.83 4.53 5.43
C GLY A 37 1.01 6.00 5.76
N LEU A 38 0.11 6.53 6.60
CA LEU A 38 0.18 7.93 6.98
C LEU A 38 1.55 8.26 7.58
N PRO A 39 1.92 7.59 8.67
CA PRO A 39 3.22 7.81 9.32
C PRO A 39 4.38 7.52 8.40
N PHE A 40 4.10 6.78 7.32
CA PHE A 40 5.11 6.43 6.33
C PHE A 40 5.42 7.62 5.43
N GLY A 41 4.68 8.70 5.59
CA GLY A 41 4.88 9.88 4.78
C GLY A 41 3.58 10.54 4.38
N LYS A 42 3.16 10.33 3.13
CA LYS A 42 1.92 10.91 2.64
C LYS A 42 1.31 10.03 1.55
N VAL A 43 -0.02 9.89 1.61
CA VAL A 43 -0.73 9.07 0.62
C VAL A 43 -1.14 9.93 -0.58
N THR A 44 -0.65 9.56 -1.75
CA THR A 44 -0.96 10.29 -2.97
C THR A 44 -2.14 9.66 -3.70
N ASN A 45 -2.53 8.46 -3.28
CA ASN A 45 -3.65 7.76 -3.89
C ASN A 45 -3.78 6.35 -3.31
N LEU A 46 -5.02 5.87 -3.22
CA LEU A 46 -5.29 4.54 -2.69
C LEU A 46 -6.46 3.89 -3.41
N LEU A 47 -6.23 2.70 -3.95
CA LEU A 47 -7.27 1.97 -4.67
C LEU A 47 -7.36 0.52 -4.19
N MET A 48 -8.54 0.13 -3.74
CA MET A 48 -8.76 -1.22 -3.26
C MET A 48 -9.20 -2.14 -4.41
N LEU A 49 -8.32 -3.05 -4.80
CA LEU A 49 -8.61 -3.98 -5.88
C LEU A 49 -9.38 -5.19 -5.39
N LYS A 50 -10.66 -5.26 -5.75
CA LYS A 50 -11.51 -6.38 -5.34
C LYS A 50 -11.38 -7.54 -6.32
N GLY A 51 -10.15 -7.86 -6.69
CA GLY A 51 -9.91 -8.97 -7.61
C GLY A 51 -9.13 -10.09 -6.98
N LYS A 52 -8.10 -9.75 -6.21
CA LYS A 52 -7.27 -10.74 -5.55
C LYS A 52 -6.94 -10.32 -4.12
N ASN A 53 -7.84 -9.53 -3.53
CA ASN A 53 -7.64 -9.06 -2.16
C ASN A 53 -6.33 -8.27 -2.04
N GLN A 54 -6.12 -7.33 -2.95
CA GLN A 54 -4.92 -6.52 -2.94
C GLN A 54 -5.23 -5.04 -3.13
N ALA A 55 -4.53 -4.19 -2.40
CA ALA A 55 -4.73 -2.75 -2.50
C ALA A 55 -3.52 -2.09 -3.16
N PHE A 56 -3.65 -0.80 -3.45
CA PHE A 56 -2.56 -0.05 -4.09
C PHE A 56 -2.54 1.40 -3.64
N ILE A 57 -1.47 1.79 -2.96
CA ILE A 57 -1.33 3.17 -2.49
C ILE A 57 -0.16 3.85 -3.19
N GLU A 58 -0.22 5.18 -3.26
CA GLU A 58 0.83 5.95 -3.90
C GLU A 58 1.50 6.89 -2.92
N MET A 59 2.81 6.76 -2.77
CA MET A 59 3.57 7.61 -1.87
C MET A 59 4.15 8.81 -2.60
N ASN A 60 3.99 10.00 -2.02
CA ASN A 60 4.50 11.21 -2.65
C ASN A 60 6.03 11.26 -2.59
N THR A 61 6.60 10.56 -1.60
CA THR A 61 8.04 10.54 -1.44
C THR A 61 8.57 9.10 -1.42
N GLU A 62 9.57 8.84 -2.25
CA GLU A 62 10.17 7.51 -2.33
C GLU A 62 10.40 6.93 -0.93
N GLU A 63 10.81 7.79 -0.01
CA GLU A 63 11.06 7.36 1.36
C GLU A 63 9.80 6.75 1.98
N ALA A 64 8.64 7.18 1.49
CA ALA A 64 7.37 6.68 1.99
C ALA A 64 7.08 5.28 1.46
N ALA A 65 7.17 5.12 0.15
CA ALA A 65 6.92 3.83 -0.49
C ALA A 65 7.84 2.75 0.08
N ASN A 66 9.14 2.91 -0.12
CA ASN A 66 10.12 1.96 0.38
C ASN A 66 9.81 1.57 1.82
N THR A 67 9.81 2.55 2.70
CA THR A 67 9.52 2.31 4.11
C THR A 67 8.27 1.45 4.27
N MET A 68 7.30 1.66 3.40
CA MET A 68 6.06 0.91 3.44
C MET A 68 6.33 -0.59 3.48
N VAL A 69 6.96 -1.11 2.44
CA VAL A 69 7.28 -2.52 2.34
C VAL A 69 8.49 -2.87 3.21
N ASN A 70 9.23 -1.85 3.61
CA ASN A 70 10.43 -2.06 4.44
C ASN A 70 10.04 -2.34 5.89
N TYR A 71 9.42 -1.36 6.54
CA TYR A 71 9.01 -1.52 7.93
C TYR A 71 8.09 -2.72 8.10
N TYR A 72 7.22 -2.94 7.13
CA TYR A 72 6.29 -4.06 7.17
C TYR A 72 6.94 -5.34 6.64
N THR A 73 8.25 -5.30 6.49
CA THR A 73 8.99 -6.46 5.98
C THR A 73 8.97 -7.60 6.99
N SER A 74 9.00 -7.25 8.28
CA SER A 74 8.98 -8.25 9.34
C SER A 74 7.68 -8.17 10.13
N VAL A 75 7.22 -6.95 10.40
CA VAL A 75 5.99 -6.74 11.15
C VAL A 75 4.79 -6.60 10.21
N THR A 76 3.61 -6.88 10.74
CA THR A 76 2.39 -6.79 9.96
C THR A 76 1.40 -5.81 10.60
N PRO A 77 0.59 -5.11 9.78
CA PRO A 77 -0.39 -4.16 10.27
C PRO A 77 -1.78 -4.77 10.36
N VAL A 78 -2.00 -5.58 11.39
CA VAL A 78 -3.30 -6.22 11.60
C VAL A 78 -4.35 -5.21 12.03
N LEU A 79 -5.61 -5.56 11.82
CA LEU A 79 -6.72 -4.68 12.19
C LEU A 79 -7.86 -5.46 12.83
N ARG A 80 -8.10 -5.21 14.12
CA ARG A 80 -9.15 -5.89 14.85
C ARG A 80 -9.05 -7.41 14.69
N GLY A 81 -7.87 -7.87 14.31
CA GLY A 81 -7.67 -9.30 14.13
C GLY A 81 -7.60 -9.70 12.67
N GLN A 82 -7.54 -8.70 11.79
CA GLN A 82 -7.46 -8.96 10.36
C GLN A 82 -6.07 -8.60 9.82
N PRO A 83 -5.20 -9.62 9.68
CA PRO A 83 -3.84 -9.43 9.18
C PRO A 83 -3.80 -9.07 7.69
N ILE A 84 -3.12 -7.97 7.37
CA ILE A 84 -3.01 -7.53 5.98
C ILE A 84 -1.58 -7.12 5.66
N TYR A 85 -0.89 -7.95 4.88
CA TYR A 85 0.50 -7.67 4.50
C TYR A 85 0.57 -6.58 3.45
N ILE A 86 1.69 -5.84 3.45
CA ILE A 86 1.91 -4.77 2.50
C ILE A 86 3.23 -4.96 1.77
N GLN A 87 3.17 -5.04 0.44
CA GLN A 87 4.36 -5.23 -0.37
C GLN A 87 4.42 -4.22 -1.52
N PHE A 88 5.55 -4.16 -2.20
CA PHE A 88 5.73 -3.25 -3.32
C PHE A 88 4.79 -3.59 -4.47
N SER A 89 4.87 -2.83 -5.55
CA SER A 89 4.03 -3.05 -6.71
C SER A 89 4.86 -3.51 -7.92
N ASN A 90 4.22 -3.57 -9.07
CA ASN A 90 4.90 -3.98 -10.30
C ASN A 90 4.72 -2.93 -11.40
N HIS A 91 3.52 -2.36 -11.48
CA HIS A 91 3.22 -1.35 -12.49
C HIS A 91 4.00 -0.07 -12.22
N LYS A 92 3.70 0.98 -12.97
CA LYS A 92 4.37 2.26 -12.82
C LYS A 92 3.40 3.32 -12.28
N GLU A 93 2.20 3.34 -12.82
CA GLU A 93 1.18 4.30 -12.39
C GLU A 93 -0.15 3.59 -12.10
N LEU A 94 -1.03 4.28 -11.39
CA LEU A 94 -2.33 3.73 -11.03
C LEU A 94 -3.29 3.81 -12.22
N LYS A 95 -3.75 2.66 -12.69
CA LYS A 95 -4.68 2.61 -13.81
C LYS A 95 -5.99 3.29 -13.46
N THR A 96 -6.35 4.32 -14.23
CA THR A 96 -7.58 5.05 -14.00
C THR A 96 -8.47 5.03 -15.24
N ASP A 97 -9.76 4.79 -15.04
CA ASP A 97 -10.71 4.75 -16.14
C ASP A 97 -11.50 6.05 -16.22
N SER A 98 -10.80 7.17 -16.24
CA SER A 98 -11.44 8.48 -16.32
C SER A 98 -10.76 9.35 -17.36
N SER A 99 -11.33 9.36 -18.58
CA SER A 99 -10.78 10.15 -19.67
C SER A 99 -9.57 9.47 -20.29
N SER A 12 21.55 4.76 -3.65
CA SER A 12 20.58 3.70 -3.30
C SER A 12 19.16 4.27 -3.17
N GLY A 13 18.55 4.57 -4.31
CA GLY A 13 17.20 5.11 -4.30
C GLY A 13 16.29 4.44 -5.31
N VAL A 14 16.06 3.15 -5.12
CA VAL A 14 15.19 2.39 -6.02
C VAL A 14 13.86 3.08 -6.22
N PRO A 15 13.54 3.46 -7.46
CA PRO A 15 12.29 4.14 -7.79
C PRO A 15 11.06 3.39 -7.28
N SER A 16 10.33 4.00 -6.36
CA SER A 16 9.14 3.39 -5.78
C SER A 16 8.03 4.41 -5.60
N ARG A 17 6.80 3.94 -5.48
CA ARG A 17 5.65 4.82 -5.29
C ARG A 17 4.40 4.02 -4.96
N VAL A 18 4.17 2.94 -5.72
CA VAL A 18 3.00 2.09 -5.49
C VAL A 18 3.30 1.01 -4.46
N ILE A 19 2.34 0.76 -3.58
CA ILE A 19 2.50 -0.25 -2.54
C ILE A 19 1.44 -1.35 -2.67
N HIS A 20 1.86 -2.51 -3.16
CA HIS A 20 0.97 -3.64 -3.34
C HIS A 20 0.71 -4.35 -2.01
N ILE A 21 -0.49 -4.16 -1.47
CA ILE A 21 -0.87 -4.78 -0.20
C ILE A 21 -1.38 -6.20 -0.40
N ARG A 22 -0.67 -7.16 0.21
CA ARG A 22 -1.05 -8.56 0.11
C ARG A 22 -1.78 -9.01 1.37
N LYS A 23 -2.36 -10.21 1.34
CA LYS A 23 -3.09 -10.73 2.48
C LYS A 23 -4.05 -9.67 3.03
N LEU A 24 -4.56 -8.84 2.13
CA LEU A 24 -5.49 -7.78 2.51
C LEU A 24 -6.85 -7.99 1.88
N PRO A 25 -7.91 -8.06 2.70
CA PRO A 25 -9.27 -8.24 2.22
C PRO A 25 -9.79 -6.99 1.52
N ILE A 26 -9.32 -6.77 0.29
CA ILE A 26 -9.72 -5.60 -0.49
C ILE A 26 -11.15 -5.18 -0.14
N ASP A 27 -11.40 -3.88 -0.26
CA ASP A 27 -12.71 -3.30 0.07
C ASP A 27 -12.70 -2.76 1.50
N VAL A 28 -11.51 -2.77 2.11
CA VAL A 28 -11.35 -2.26 3.47
C VAL A 28 -11.67 -0.78 3.52
N THR A 29 -11.06 -0.07 4.45
CA THR A 29 -11.32 1.36 4.58
C THR A 29 -10.05 2.18 4.40
N GLU A 30 -10.20 3.39 3.87
CA GLU A 30 -9.08 4.28 3.65
C GLU A 30 -8.45 4.72 4.97
N GLY A 31 -9.21 5.48 5.76
CA GLY A 31 -8.72 5.94 7.04
C GLY A 31 -7.94 4.88 7.77
N GLU A 32 -8.27 3.62 7.52
CA GLU A 32 -7.59 2.50 8.16
C GLU A 32 -6.30 2.16 7.41
N VAL A 33 -6.44 1.79 6.14
CA VAL A 33 -5.28 1.44 5.32
C VAL A 33 -4.27 2.59 5.30
N ILE A 34 -4.73 3.78 4.95
CA ILE A 34 -3.88 4.95 4.91
C ILE A 34 -3.33 5.25 6.30
N SER A 35 -4.13 4.98 7.32
CA SER A 35 -3.70 5.22 8.70
C SER A 35 -2.36 4.56 8.95
N LEU A 36 -2.15 3.40 8.33
CA LEU A 36 -0.90 2.68 8.46
C LEU A 36 0.22 3.41 7.73
N GLY A 37 -0.06 3.82 6.50
CA GLY A 37 0.92 4.54 5.71
C GLY A 37 1.08 5.98 6.15
N LEU A 38 0.13 6.45 6.97
CA LEU A 38 0.17 7.81 7.48
C LEU A 38 1.56 8.15 8.04
N PRO A 39 2.00 7.40 9.06
CA PRO A 39 3.31 7.61 9.68
C PRO A 39 4.44 7.42 8.68
N PHE A 40 4.26 6.48 7.76
CA PHE A 40 5.26 6.20 6.74
C PHE A 40 5.48 7.40 5.84
N GLY A 41 4.59 8.38 5.94
CA GLY A 41 4.70 9.57 5.14
C GLY A 41 3.35 10.16 4.79
N LYS A 42 2.94 10.01 3.53
CA LYS A 42 1.65 10.52 3.09
C LYS A 42 1.08 9.67 1.95
N VAL A 43 -0.24 9.61 1.87
CA VAL A 43 -0.91 8.85 0.83
C VAL A 43 -1.42 9.79 -0.27
N THR A 44 -0.96 9.56 -1.49
CA THR A 44 -1.37 10.40 -2.62
C THR A 44 -2.41 9.71 -3.49
N ASN A 45 -2.91 8.58 -3.01
CA ASN A 45 -3.91 7.82 -3.74
C ASN A 45 -4.16 6.46 -3.07
N LEU A 46 -5.36 5.92 -3.27
CA LEU A 46 -5.73 4.64 -2.69
C LEU A 46 -6.56 3.81 -3.66
N LEU A 47 -6.16 2.55 -3.84
CA LEU A 47 -6.87 1.65 -4.74
C LEU A 47 -7.07 0.27 -4.11
N MET A 48 -8.26 -0.28 -4.29
CA MET A 48 -8.56 -1.59 -3.72
C MET A 48 -9.06 -2.54 -4.82
N LEU A 49 -8.15 -3.33 -5.36
CA LEU A 49 -8.49 -4.28 -6.42
C LEU A 49 -9.20 -5.50 -5.83
N LYS A 50 -10.53 -5.45 -5.81
CA LYS A 50 -11.32 -6.55 -5.28
C LYS A 50 -11.07 -7.84 -6.07
N GLY A 51 -11.38 -8.98 -5.46
CA GLY A 51 -11.19 -10.26 -6.12
C GLY A 51 -9.98 -11.00 -5.59
N LYS A 52 -8.79 -10.53 -5.95
CA LYS A 52 -7.55 -11.17 -5.52
C LYS A 52 -7.16 -10.69 -4.13
N ASN A 53 -7.87 -9.67 -3.63
CA ASN A 53 -7.59 -9.12 -2.31
C ASN A 53 -6.24 -8.40 -2.30
N GLN A 54 -6.02 -7.55 -3.30
CA GLN A 54 -4.78 -6.79 -3.40
C GLN A 54 -5.07 -5.32 -3.61
N ALA A 55 -4.47 -4.48 -2.76
CA ALA A 55 -4.67 -3.03 -2.87
C ALA A 55 -3.40 -2.36 -3.35
N PHE A 56 -3.55 -1.13 -3.85
CA PHE A 56 -2.41 -0.38 -4.36
C PHE A 56 -2.49 1.09 -3.98
N ILE A 57 -1.54 1.56 -3.18
CA ILE A 57 -1.51 2.95 -2.76
C ILE A 57 -0.30 3.66 -3.35
N GLU A 58 -0.50 4.91 -3.76
CA GLU A 58 0.58 5.69 -4.37
C GLU A 58 1.13 6.71 -3.38
N MET A 59 2.30 6.41 -2.81
CA MET A 59 2.94 7.31 -1.87
C MET A 59 3.55 8.50 -2.60
N ASN A 60 3.56 9.65 -1.95
CA ASN A 60 4.11 10.87 -2.56
C ASN A 60 5.59 10.73 -2.83
N THR A 61 6.36 10.42 -1.80
CA THR A 61 7.80 10.28 -1.93
C THR A 61 8.24 8.82 -1.86
N GLU A 62 9.50 8.57 -2.17
CA GLU A 62 10.04 7.22 -2.14
C GLU A 62 10.20 6.75 -0.69
N GLU A 63 10.79 7.60 0.14
CA GLU A 63 10.99 7.26 1.54
C GLU A 63 9.69 6.74 2.16
N ALA A 64 8.57 7.26 1.66
CA ALA A 64 7.26 6.85 2.13
C ALA A 64 6.94 5.42 1.71
N ALA A 65 7.09 5.15 0.41
CA ALA A 65 6.81 3.84 -0.14
C ALA A 65 7.81 2.80 0.37
N ASN A 66 9.08 2.98 -0.04
CA ASN A 66 10.13 2.05 0.37
C ASN A 66 9.93 1.61 1.82
N THR A 67 9.64 2.56 2.69
CA THR A 67 9.43 2.26 4.11
C THR A 67 8.21 1.37 4.31
N MET A 68 7.07 1.79 3.76
CA MET A 68 5.83 1.04 3.88
C MET A 68 6.10 -0.47 3.84
N VAL A 69 6.60 -0.94 2.71
CA VAL A 69 6.90 -2.35 2.55
C VAL A 69 8.07 -2.78 3.43
N ASN A 70 9.14 -1.98 3.40
CA ASN A 70 10.33 -2.27 4.19
C ASN A 70 9.96 -2.65 5.62
N TYR A 71 9.39 -1.71 6.36
CA TYR A 71 8.99 -1.94 7.74
C TYR A 71 7.95 -3.05 7.83
N TYR A 72 7.03 -3.07 6.87
CA TYR A 72 5.97 -4.07 6.84
C TYR A 72 6.43 -5.32 6.10
N THR A 73 7.74 -5.49 5.98
CA THR A 73 8.31 -6.65 5.31
C THR A 73 8.40 -7.84 6.26
N SER A 74 8.69 -7.55 7.52
CA SER A 74 8.82 -8.60 8.53
C SER A 74 7.70 -8.49 9.57
N VAL A 75 7.38 -7.26 9.95
CA VAL A 75 6.32 -7.01 10.93
C VAL A 75 4.95 -7.19 10.31
N THR A 76 4.04 -7.81 11.05
CA THR A 76 2.69 -8.05 10.57
C THR A 76 1.77 -6.90 10.95
N PRO A 77 1.30 -6.14 9.95
CA PRO A 77 0.41 -5.03 10.15
C PRO A 77 -1.04 -5.40 9.90
N VAL A 78 -1.84 -5.46 10.97
CA VAL A 78 -3.25 -5.80 10.85
C VAL A 78 -4.13 -4.59 11.15
N LEU A 79 -5.36 -4.62 10.64
CA LEU A 79 -6.31 -3.54 10.86
C LEU A 79 -7.39 -3.96 11.85
N ARG A 80 -7.26 -3.53 13.09
CA ARG A 80 -8.22 -3.88 14.13
C ARG A 80 -8.10 -5.35 14.51
N GLY A 81 -8.26 -6.22 13.52
CA GLY A 81 -8.16 -7.64 13.77
C GLY A 81 -8.01 -8.45 12.49
N GLN A 82 -7.51 -7.79 11.44
CA GLN A 82 -7.31 -8.45 10.16
C GLN A 82 -5.89 -8.21 9.65
N PRO A 83 -5.03 -9.23 9.73
CA PRO A 83 -3.63 -9.13 9.29
C PRO A 83 -3.50 -8.88 7.79
N ILE A 84 -2.92 -7.73 7.44
CA ILE A 84 -2.74 -7.36 6.05
C ILE A 84 -1.30 -6.90 5.81
N TYR A 85 -0.55 -7.70 5.06
CA TYR A 85 0.85 -7.38 4.76
C TYR A 85 0.96 -6.32 3.67
N ILE A 86 2.15 -5.75 3.54
CA ILE A 86 2.40 -4.73 2.53
C ILE A 86 3.50 -5.17 1.57
N GLN A 87 3.34 -4.82 0.29
CA GLN A 87 4.31 -5.20 -0.73
C GLN A 87 4.50 -4.07 -1.74
N PHE A 88 5.50 -4.22 -2.61
CA PHE A 88 5.79 -3.23 -3.63
C PHE A 88 5.04 -3.53 -4.91
N SER A 89 5.03 -2.57 -5.84
CA SER A 89 4.35 -2.74 -7.11
C SER A 89 5.08 -2.00 -8.22
N ASN A 90 4.72 -2.29 -9.46
CA ASN A 90 5.35 -1.66 -10.62
C ASN A 90 4.72 -2.15 -11.92
N HIS A 91 3.40 -2.13 -11.99
CA HIS A 91 2.68 -2.57 -13.17
C HIS A 91 1.43 -1.73 -13.40
N LYS A 92 0.37 -2.04 -12.66
CA LYS A 92 -0.90 -1.32 -12.78
C LYS A 92 -0.79 0.06 -12.12
N GLU A 93 0.18 0.85 -12.56
CA GLU A 93 0.38 2.18 -12.01
C GLU A 93 -0.96 2.91 -11.83
N LEU A 94 -0.99 3.83 -10.88
CA LEU A 94 -2.21 4.59 -10.61
C LEU A 94 -2.04 6.06 -11.02
N LYS A 95 -2.98 6.56 -11.81
CA LYS A 95 -2.93 7.94 -12.29
C LYS A 95 -2.82 8.90 -11.11
N THR A 96 -2.10 10.00 -11.32
CA THR A 96 -1.93 11.01 -10.28
C THR A 96 -3.13 11.95 -10.21
N ASP A 97 -3.68 12.13 -9.03
CA ASP A 97 -4.82 13.01 -8.83
C ASP A 97 -5.03 13.32 -7.35
N SER A 98 -6.00 14.18 -7.06
CA SER A 98 -6.29 14.57 -5.70
C SER A 98 -7.13 13.51 -5.00
N SER A 99 -8.37 13.34 -5.46
CA SER A 99 -9.28 12.36 -4.88
C SER A 99 -9.46 11.17 -5.82
N SER A 12 16.05 8.52 -5.62
CA SER A 12 17.37 8.87 -5.03
C SER A 12 18.00 7.65 -4.37
N GLY A 13 17.16 6.79 -3.79
CA GLY A 13 17.66 5.60 -3.13
C GLY A 13 17.28 4.33 -3.85
N VAL A 14 16.21 3.69 -3.40
CA VAL A 14 15.74 2.46 -4.01
C VAL A 14 14.36 2.65 -4.65
N PRO A 15 14.20 2.18 -5.91
CA PRO A 15 12.94 2.29 -6.63
C PRO A 15 11.75 1.80 -5.82
N SER A 16 10.71 2.61 -5.74
CA SER A 16 9.51 2.25 -4.99
C SER A 16 8.52 3.41 -4.96
N ARG A 17 7.32 3.18 -5.49
CA ARG A 17 6.29 4.20 -5.53
C ARG A 17 4.92 3.60 -5.20
N VAL A 18 4.51 2.62 -5.99
CA VAL A 18 3.23 1.95 -5.79
C VAL A 18 3.35 0.78 -4.81
N ILE A 19 2.89 0.98 -3.59
CA ILE A 19 2.95 -0.06 -2.57
C ILE A 19 1.77 -1.02 -2.70
N HIS A 20 2.07 -2.29 -2.96
CA HIS A 20 1.03 -3.30 -3.09
C HIS A 20 0.59 -3.82 -1.73
N ILE A 21 -0.65 -4.30 -1.66
CA ILE A 21 -1.19 -4.83 -0.41
C ILE A 21 -1.67 -6.25 -0.58
N ARG A 22 -0.96 -7.20 0.02
CA ARG A 22 -1.34 -8.60 -0.07
C ARG A 22 -2.07 -9.06 1.20
N LYS A 23 -2.62 -10.27 1.15
CA LYS A 23 -3.35 -10.80 2.29
C LYS A 23 -4.28 -9.74 2.88
N LEU A 24 -4.91 -8.98 1.99
CA LEU A 24 -5.82 -7.92 2.42
C LEU A 24 -7.20 -8.10 1.82
N PRO A 25 -8.21 -8.30 2.67
CA PRO A 25 -9.60 -8.46 2.21
C PRO A 25 -10.13 -7.17 1.61
N ILE A 26 -9.67 -6.87 0.40
CA ILE A 26 -10.08 -5.66 -0.31
C ILE A 26 -11.49 -5.26 0.07
N ASP A 27 -11.74 -3.95 0.05
CA ASP A 27 -13.03 -3.37 0.43
C ASP A 27 -12.95 -2.82 1.85
N VAL A 28 -11.73 -2.76 2.38
CA VAL A 28 -11.49 -2.25 3.72
C VAL A 28 -11.80 -0.76 3.77
N THR A 29 -11.13 -0.04 4.65
CA THR A 29 -11.36 1.39 4.77
C THR A 29 -10.06 2.18 4.62
N GLU A 30 -10.16 3.36 4.01
CA GLU A 30 -9.00 4.21 3.80
C GLU A 30 -8.41 4.64 5.14
N GLY A 31 -9.19 5.39 5.91
CA GLY A 31 -8.72 5.84 7.20
C GLY A 31 -7.93 4.77 7.93
N GLU A 32 -8.30 3.52 7.68
CA GLU A 32 -7.62 2.39 8.29
C GLU A 32 -6.31 2.10 7.56
N VAL A 33 -6.42 1.71 6.30
CA VAL A 33 -5.24 1.42 5.48
C VAL A 33 -4.30 2.62 5.46
N ILE A 34 -4.77 3.72 4.90
CA ILE A 34 -3.98 4.94 4.82
C ILE A 34 -3.32 5.25 6.15
N SER A 35 -4.11 5.18 7.23
CA SER A 35 -3.59 5.45 8.56
C SER A 35 -2.23 4.79 8.75
N LEU A 36 -2.16 3.50 8.42
CA LEU A 36 -0.91 2.75 8.54
C LEU A 36 0.18 3.41 7.71
N GLY A 37 -0.23 4.03 6.60
CA GLY A 37 0.72 4.70 5.74
C GLY A 37 0.93 6.16 6.12
N LEU A 38 0.01 6.69 6.92
CA LEU A 38 0.09 8.08 7.35
C LEU A 38 1.48 8.40 7.89
N PRO A 39 1.95 7.64 8.90
CA PRO A 39 3.28 7.85 9.49
C PRO A 39 4.40 7.61 8.49
N PHE A 40 4.08 6.90 7.41
CA PHE A 40 5.06 6.59 6.38
C PHE A 40 5.30 7.80 5.49
N GLY A 41 4.41 8.77 5.59
CA GLY A 41 4.53 9.98 4.79
C GLY A 41 3.19 10.54 4.39
N LYS A 42 2.79 10.29 3.14
CA LYS A 42 1.51 10.78 2.65
C LYS A 42 0.96 9.84 1.58
N VAL A 43 -0.37 9.78 1.49
CA VAL A 43 -1.03 8.94 0.50
C VAL A 43 -1.50 9.78 -0.68
N THR A 44 -0.93 9.51 -1.84
CA THR A 44 -1.26 10.26 -3.05
C THR A 44 -2.31 9.53 -3.89
N ASN A 45 -2.78 8.39 -3.38
CA ASN A 45 -3.78 7.60 -4.09
C ASN A 45 -3.97 6.24 -3.42
N LEU A 46 -5.22 5.76 -3.38
CA LEU A 46 -5.53 4.48 -2.77
C LEU A 46 -6.65 3.77 -3.53
N LEU A 47 -6.31 2.62 -4.13
CA LEU A 47 -7.29 1.85 -4.88
C LEU A 47 -7.45 0.46 -4.27
N MET A 48 -8.69 -0.01 -4.21
CA MET A 48 -8.98 -1.32 -3.65
C MET A 48 -9.57 -2.25 -4.71
N LEU A 49 -8.75 -3.17 -5.20
CA LEU A 49 -9.20 -4.11 -6.22
C LEU A 49 -9.77 -5.38 -5.58
N LYS A 50 -11.08 -5.37 -5.36
CA LYS A 50 -11.76 -6.51 -4.74
C LYS A 50 -11.31 -7.82 -5.38
N GLY A 51 -10.87 -7.74 -6.63
CA GLY A 51 -10.42 -8.93 -7.33
C GLY A 51 -9.02 -9.35 -6.92
N LYS A 52 -8.90 -10.55 -6.36
CA LYS A 52 -7.61 -11.06 -5.93
C LYS A 52 -7.28 -10.59 -4.52
N ASN A 53 -8.08 -9.65 -4.01
CA ASN A 53 -7.87 -9.11 -2.67
C ASN A 53 -6.51 -8.41 -2.57
N GLN A 54 -6.30 -7.41 -3.41
CA GLN A 54 -5.04 -6.67 -3.40
C GLN A 54 -5.31 -5.17 -3.54
N ALA A 55 -4.65 -4.38 -2.70
CA ALA A 55 -4.81 -2.93 -2.74
C ALA A 55 -3.55 -2.27 -3.27
N PHE A 56 -3.67 -1.02 -3.71
CA PHE A 56 -2.54 -0.29 -4.24
C PHE A 56 -2.58 1.18 -3.86
N ILE A 57 -1.59 1.62 -3.10
CA ILE A 57 -1.51 3.01 -2.68
C ILE A 57 -0.35 3.71 -3.38
N GLU A 58 -0.44 5.01 -3.51
CA GLU A 58 0.62 5.78 -4.18
C GLU A 58 1.28 6.76 -3.22
N MET A 59 2.53 6.50 -2.88
CA MET A 59 3.29 7.37 -1.99
C MET A 59 3.82 8.57 -2.76
N ASN A 60 3.72 9.75 -2.16
CA ASN A 60 4.19 10.97 -2.81
C ASN A 60 5.69 10.93 -3.00
N THR A 61 6.39 10.45 -1.99
CA THR A 61 7.85 10.37 -2.02
C THR A 61 8.32 8.93 -1.89
N GLU A 62 9.64 8.72 -1.99
CA GLU A 62 10.21 7.40 -1.88
C GLU A 62 10.19 6.91 -0.43
N GLU A 63 10.68 7.74 0.48
CA GLU A 63 10.70 7.40 1.90
C GLU A 63 9.37 6.82 2.33
N ALA A 64 8.30 7.25 1.66
CA ALA A 64 6.96 6.76 1.98
C ALA A 64 6.74 5.36 1.45
N ALA A 65 7.03 5.16 0.16
CA ALA A 65 6.87 3.86 -0.47
C ALA A 65 7.80 2.83 0.15
N ASN A 66 9.11 3.08 0.05
CA ASN A 66 10.10 2.17 0.62
C ASN A 66 9.70 1.73 2.02
N THR A 67 9.60 2.69 2.93
CA THR A 67 9.22 2.39 4.31
C THR A 67 8.03 1.45 4.36
N MET A 68 6.96 1.82 3.64
CA MET A 68 5.75 1.00 3.59
C MET A 68 6.08 -0.48 3.65
N VAL A 69 6.83 -0.96 2.67
CA VAL A 69 7.21 -2.36 2.61
C VAL A 69 8.39 -2.65 3.54
N ASN A 70 9.47 -1.90 3.36
CA ASN A 70 10.66 -2.07 4.19
C ASN A 70 10.30 -2.37 5.64
N TYR A 71 9.66 -1.42 6.30
CA TYR A 71 9.26 -1.58 7.69
C TYR A 71 8.30 -2.76 7.85
N TYR A 72 7.31 -2.84 6.97
CA TYR A 72 6.33 -3.91 7.02
C TYR A 72 6.93 -5.24 6.54
N THR A 73 8.20 -5.21 6.16
CA THR A 73 8.88 -6.40 5.69
C THR A 73 8.89 -7.49 6.76
N SER A 74 9.03 -7.05 8.03
CA SER A 74 9.04 -7.98 9.14
C SER A 74 7.80 -7.79 10.02
N VAL A 75 7.46 -6.53 10.29
CA VAL A 75 6.30 -6.21 11.10
C VAL A 75 5.02 -6.27 10.28
N THR A 76 4.05 -7.04 10.76
CA THR A 76 2.79 -7.20 10.07
C THR A 76 1.78 -6.12 10.51
N PRO A 77 1.08 -5.51 9.55
CA PRO A 77 0.10 -4.48 9.83
C PRO A 77 -1.33 -5.04 9.87
N VAL A 78 -1.70 -5.64 10.98
CA VAL A 78 -3.04 -6.20 11.14
C VAL A 78 -3.99 -5.20 11.76
N LEU A 79 -5.29 -5.41 11.54
CA LEU A 79 -6.31 -4.52 12.07
C LEU A 79 -7.59 -5.28 12.40
N ARG A 80 -8.14 -5.04 13.59
CA ARG A 80 -9.37 -5.70 14.00
C ARG A 80 -9.24 -7.22 13.89
N GLY A 81 -8.01 -7.71 13.81
CA GLY A 81 -7.77 -9.13 13.70
C GLY A 81 -7.65 -9.60 12.26
N GLN A 82 -7.45 -8.64 11.35
CA GLN A 82 -7.30 -8.96 9.93
C GLN A 82 -5.89 -8.63 9.47
N PRO A 83 -5.02 -9.64 9.44
CA PRO A 83 -3.62 -9.48 9.04
C PRO A 83 -3.47 -9.17 7.54
N ILE A 84 -3.11 -7.93 7.24
CA ILE A 84 -2.92 -7.52 5.85
C ILE A 84 -1.47 -7.11 5.60
N TYR A 85 -0.76 -7.92 4.83
CA TYR A 85 0.65 -7.67 4.53
C TYR A 85 0.82 -6.75 3.32
N ILE A 86 1.93 -6.01 3.32
CA ILE A 86 2.24 -5.09 2.23
C ILE A 86 3.63 -5.37 1.66
N GLN A 87 3.76 -5.29 0.34
CA GLN A 87 5.04 -5.53 -0.31
C GLN A 87 5.10 -4.86 -1.68
N PHE A 88 6.28 -4.90 -2.29
CA PHE A 88 6.48 -4.29 -3.60
C PHE A 88 5.86 -5.13 -4.70
N SER A 89 5.04 -4.51 -5.55
CA SER A 89 4.39 -5.21 -6.64
C SER A 89 4.11 -4.26 -7.80
N ASN A 90 3.52 -4.79 -8.88
CA ASN A 90 3.20 -3.99 -10.04
C ASN A 90 4.44 -3.28 -10.58
N HIS A 91 4.23 -2.14 -11.23
CA HIS A 91 5.34 -1.37 -11.79
C HIS A 91 5.84 -0.33 -10.80
N LYS A 92 6.75 0.52 -11.25
CA LYS A 92 7.30 1.57 -10.40
C LYS A 92 6.31 2.72 -10.25
N GLU A 93 5.35 2.82 -11.16
CA GLU A 93 4.35 3.87 -11.13
C GLU A 93 2.95 3.29 -11.36
N LEU A 94 1.96 3.90 -10.72
CA LEU A 94 0.57 3.45 -10.85
C LEU A 94 -0.04 3.97 -12.15
N LYS A 95 -0.43 3.05 -13.02
CA LYS A 95 -1.02 3.41 -14.30
C LYS A 95 -2.55 3.55 -14.16
N THR A 96 -3.08 4.64 -14.72
CA THR A 96 -4.50 4.89 -14.66
C THR A 96 -5.10 5.05 -16.06
N ASP A 97 -5.92 4.08 -16.46
CA ASP A 97 -6.54 4.10 -17.78
C ASP A 97 -5.53 3.78 -18.87
N SER A 98 -5.39 2.51 -19.20
CA SER A 98 -4.46 2.08 -20.23
C SER A 98 -4.88 0.74 -20.83
N SER A 99 -5.32 -0.17 -19.97
CA SER A 99 -5.75 -1.50 -20.41
C SER A 99 -4.87 -2.01 -21.54
N SER A 12 19.24 5.62 -9.31
CA SER A 12 18.43 5.71 -8.08
C SER A 12 17.86 4.34 -7.69
N GLY A 13 17.02 3.78 -8.56
CA GLY A 13 16.42 2.49 -8.31
C GLY A 13 15.17 2.59 -7.47
N VAL A 14 15.33 2.42 -6.15
CA VAL A 14 14.20 2.49 -5.23
C VAL A 14 13.08 1.52 -5.63
N PRO A 15 12.28 1.07 -4.66
CA PRO A 15 11.18 0.14 -4.90
C PRO A 15 10.16 0.68 -5.90
N SER A 16 9.45 1.73 -5.49
CA SER A 16 8.44 2.34 -6.36
C SER A 16 7.44 3.14 -5.53
N ARG A 17 6.57 3.88 -6.22
CA ARG A 17 5.56 4.69 -5.56
C ARG A 17 4.29 3.88 -5.31
N VAL A 18 4.08 2.85 -6.12
CA VAL A 18 2.91 2.00 -5.99
C VAL A 18 3.17 0.85 -5.01
N ILE A 19 2.49 0.89 -3.87
CA ILE A 19 2.65 -0.14 -2.85
C ILE A 19 1.55 -1.18 -2.95
N HIS A 20 1.90 -2.35 -3.47
CA HIS A 20 0.94 -3.44 -3.62
C HIS A 20 0.72 -4.16 -2.29
N ILE A 21 -0.52 -4.16 -1.82
CA ILE A 21 -0.86 -4.80 -0.56
C ILE A 21 -1.41 -6.20 -0.79
N ARG A 22 -0.79 -7.19 -0.15
CA ARG A 22 -1.22 -8.57 -0.28
C ARG A 22 -1.90 -9.04 1.00
N LYS A 23 -2.50 -10.23 0.96
CA LYS A 23 -3.18 -10.78 2.12
C LYS A 23 -4.11 -9.74 2.73
N LEU A 24 -4.77 -8.98 1.86
CA LEU A 24 -5.68 -7.93 2.31
C LEU A 24 -7.04 -8.06 1.63
N PRO A 25 -8.01 -8.67 2.31
CA PRO A 25 -9.36 -8.85 1.78
C PRO A 25 -9.98 -7.51 1.39
N ILE A 26 -9.56 -6.99 0.23
CA ILE A 26 -10.06 -5.72 -0.27
C ILE A 26 -11.50 -5.49 0.15
N ASP A 27 -11.73 -4.35 0.81
CA ASP A 27 -13.05 -3.98 1.30
C ASP A 27 -12.91 -3.18 2.60
N VAL A 28 -11.73 -3.25 3.21
CA VAL A 28 -11.46 -2.54 4.44
C VAL A 28 -11.75 -1.05 4.29
N THR A 29 -11.10 -0.22 5.09
CA THR A 29 -11.31 1.22 5.02
C THR A 29 -10.01 1.96 4.81
N GLU A 30 -10.10 3.09 4.09
CA GLU A 30 -8.93 3.90 3.80
C GLU A 30 -8.40 4.53 5.08
N GLY A 31 -9.30 5.15 5.84
CA GLY A 31 -8.90 5.78 7.09
C GLY A 31 -7.97 4.89 7.90
N GLU A 32 -8.22 3.59 7.86
CA GLU A 32 -7.41 2.62 8.59
C GLU A 32 -6.14 2.30 7.80
N VAL A 33 -6.32 1.75 6.61
CA VAL A 33 -5.19 1.39 5.76
C VAL A 33 -4.26 2.59 5.58
N ILE A 34 -4.79 3.66 5.02
CA ILE A 34 -4.03 4.88 4.81
C ILE A 34 -3.38 5.33 6.12
N SER A 35 -4.14 5.23 7.20
CA SER A 35 -3.63 5.62 8.51
C SER A 35 -2.29 4.96 8.78
N LEU A 36 -2.17 3.69 8.40
CA LEU A 36 -0.95 2.95 8.58
C LEU A 36 0.16 3.55 7.72
N GLY A 37 -0.24 4.15 6.61
CA GLY A 37 0.71 4.76 5.70
C GLY A 37 1.15 6.14 6.17
N LEU A 38 0.34 6.76 7.02
CA LEU A 38 0.66 8.09 7.54
C LEU A 38 2.11 8.16 7.97
N PRO A 39 2.52 7.28 8.90
CA PRO A 39 3.90 7.23 9.40
C PRO A 39 4.88 6.98 8.25
N PHE A 40 4.35 6.45 7.16
CA PHE A 40 5.16 6.15 5.98
C PHE A 40 5.15 7.33 5.01
N GLY A 41 4.73 8.49 5.51
CA GLY A 41 4.67 9.68 4.68
C GLY A 41 3.24 10.10 4.39
N LYS A 42 2.83 9.95 3.14
CA LYS A 42 1.48 10.32 2.74
C LYS A 42 0.99 9.47 1.58
N VAL A 43 -0.33 9.33 1.47
CA VAL A 43 -0.93 8.56 0.39
C VAL A 43 -1.47 9.49 -0.69
N THR A 44 -0.91 9.38 -1.89
CA THR A 44 -1.33 10.23 -3.00
C THR A 44 -2.30 9.50 -3.92
N ASN A 45 -2.75 8.33 -3.49
CA ASN A 45 -3.70 7.54 -4.27
C ASN A 45 -3.97 6.20 -3.60
N LEU A 46 -5.22 5.73 -3.72
CA LEU A 46 -5.62 4.46 -3.12
C LEU A 46 -6.76 3.83 -3.90
N LEU A 47 -6.56 2.57 -4.30
CA LEU A 47 -7.58 1.85 -5.06
C LEU A 47 -7.65 0.40 -4.63
N MET A 48 -8.73 0.05 -3.92
CA MET A 48 -8.93 -1.31 -3.43
C MET A 48 -9.62 -2.16 -4.50
N LEU A 49 -8.93 -3.22 -4.92
CA LEU A 49 -9.47 -4.12 -5.94
C LEU A 49 -10.00 -5.40 -5.31
N LYS A 50 -11.31 -5.47 -5.15
CA LYS A 50 -11.95 -6.65 -4.55
C LYS A 50 -11.55 -7.91 -5.30
N GLY A 51 -11.05 -7.74 -6.53
CA GLY A 51 -10.64 -8.88 -7.33
C GLY A 51 -9.96 -9.96 -6.50
N LYS A 52 -8.64 -9.94 -6.48
CA LYS A 52 -7.88 -10.93 -5.73
C LYS A 52 -7.38 -10.36 -4.41
N ASN A 53 -8.29 -9.71 -3.67
CA ASN A 53 -7.95 -9.11 -2.39
C ASN A 53 -6.58 -8.45 -2.43
N GLN A 54 -6.50 -7.31 -3.12
CA GLN A 54 -5.25 -6.58 -3.24
C GLN A 54 -5.52 -5.08 -3.39
N ALA A 55 -4.78 -4.27 -2.63
CA ALA A 55 -4.94 -2.82 -2.68
C ALA A 55 -3.72 -2.18 -3.33
N PHE A 56 -3.87 -0.91 -3.72
CA PHE A 56 -2.77 -0.19 -4.36
C PHE A 56 -2.76 1.27 -3.93
N ILE A 57 -1.68 1.68 -3.26
CA ILE A 57 -1.53 3.04 -2.80
C ILE A 57 -0.28 3.68 -3.41
N GLU A 58 -0.41 4.94 -3.82
CA GLU A 58 0.71 5.65 -4.42
C GLU A 58 1.27 6.70 -3.47
N MET A 59 2.42 6.40 -2.87
CA MET A 59 3.07 7.34 -1.95
C MET A 59 3.61 8.54 -2.71
N ASN A 60 3.59 9.70 -2.09
CA ASN A 60 4.07 10.92 -2.71
C ASN A 60 5.57 10.87 -2.97
N THR A 61 6.32 10.45 -1.96
CA THR A 61 7.77 10.38 -2.07
C THR A 61 8.25 8.94 -2.00
N GLU A 62 9.52 8.73 -2.31
CA GLU A 62 10.12 7.41 -2.28
C GLU A 62 10.31 6.94 -0.85
N GLU A 63 10.86 7.80 -0.01
CA GLU A 63 11.09 7.47 1.38
C GLU A 63 9.82 6.92 2.01
N ALA A 64 8.68 7.33 1.47
CA ALA A 64 7.38 6.89 1.97
C ALA A 64 7.12 5.44 1.55
N ALA A 65 7.24 5.17 0.26
CA ALA A 65 7.01 3.83 -0.27
C ALA A 65 7.87 2.80 0.46
N ASN A 66 9.18 2.99 0.42
CA ASN A 66 10.10 2.08 1.08
C ASN A 66 9.64 1.74 2.49
N THR A 67 9.62 2.75 3.36
CA THR A 67 9.19 2.57 4.74
C THR A 67 7.98 1.64 4.82
N MET A 68 6.92 1.98 4.10
CA MET A 68 5.70 1.17 4.10
C MET A 68 6.03 -0.31 4.17
N VAL A 69 6.72 -0.82 3.15
CA VAL A 69 7.09 -2.22 3.10
C VAL A 69 8.37 -2.49 3.88
N ASN A 70 9.44 -1.81 3.50
CA ASN A 70 10.74 -1.96 4.15
C ASN A 70 10.57 -2.14 5.66
N TYR A 71 9.59 -1.43 6.22
CA TYR A 71 9.33 -1.50 7.66
C TYR A 71 8.56 -2.77 8.01
N TYR A 72 7.44 -2.99 7.32
CA TYR A 72 6.62 -4.16 7.57
C TYR A 72 7.36 -5.44 7.17
N THR A 73 8.50 -5.29 6.53
CA THR A 73 9.29 -6.44 6.10
C THR A 73 9.26 -7.54 7.15
N SER A 74 9.26 -7.13 8.42
CA SER A 74 9.23 -8.07 9.53
C SER A 74 7.89 -8.02 10.25
N VAL A 75 7.52 -6.84 10.72
CA VAL A 75 6.26 -6.64 11.43
C VAL A 75 5.10 -6.55 10.43
N THR A 76 4.13 -7.45 10.56
CA THR A 76 2.98 -7.45 9.68
C THR A 76 1.81 -6.68 10.29
N PRO A 77 1.06 -5.94 9.45
CA PRO A 77 -0.08 -5.15 9.88
C PRO A 77 -1.40 -5.87 9.63
N VAL A 78 -2.31 -5.80 10.61
CA VAL A 78 -3.60 -6.44 10.48
C VAL A 78 -4.73 -5.43 10.65
N LEU A 79 -5.97 -5.89 10.56
CA LEU A 79 -7.13 -5.02 10.71
C LEU A 79 -8.24 -5.72 11.48
N ARG A 80 -8.60 -5.15 12.63
CA ARG A 80 -9.65 -5.73 13.46
C ARG A 80 -9.42 -7.23 13.65
N GLY A 81 -8.17 -7.65 13.48
CA GLY A 81 -7.83 -9.06 13.63
C GLY A 81 -7.61 -9.74 12.30
N GLN A 82 -7.44 -8.94 11.24
CA GLN A 82 -7.21 -9.46 9.91
C GLN A 82 -5.87 -8.99 9.36
N PRO A 83 -4.84 -9.84 9.46
CA PRO A 83 -3.48 -9.52 8.99
C PRO A 83 -3.46 -9.17 7.50
N ILE A 84 -2.84 -8.04 7.19
CA ILE A 84 -2.72 -7.59 5.80
C ILE A 84 -1.29 -7.14 5.52
N TYR A 85 -0.58 -7.94 4.71
CA TYR A 85 0.81 -7.64 4.38
C TYR A 85 0.93 -6.60 3.28
N ILE A 86 1.98 -5.78 3.36
CA ILE A 86 2.23 -4.74 2.38
C ILE A 86 3.65 -4.88 1.81
N GLN A 87 3.75 -5.29 0.56
CA GLN A 87 5.05 -5.46 -0.08
C GLN A 87 5.02 -4.98 -1.53
N PHE A 88 6.20 -4.83 -2.13
CA PHE A 88 6.31 -4.39 -3.51
C PHE A 88 5.93 -5.51 -4.47
N SER A 89 4.91 -5.27 -5.28
CA SER A 89 4.45 -6.27 -6.24
C SER A 89 3.82 -5.62 -7.46
N ASN A 90 4.08 -6.18 -8.63
CA ASN A 90 3.54 -5.66 -9.88
C ASN A 90 4.18 -4.32 -10.23
N HIS A 91 3.77 -3.26 -9.55
CA HIS A 91 4.31 -1.93 -9.79
C HIS A 91 3.55 -1.24 -10.93
N LYS A 92 2.78 -2.02 -11.66
CA LYS A 92 2.00 -1.49 -12.78
C LYS A 92 1.11 -0.34 -12.32
N GLU A 93 1.65 0.87 -12.38
CA GLU A 93 0.91 2.06 -11.98
C GLU A 93 -0.54 2.00 -12.47
N LEU A 94 -1.38 2.89 -11.96
CA LEU A 94 -2.78 2.93 -12.36
C LEU A 94 -2.92 3.36 -13.82
N LYS A 95 -3.12 2.38 -14.69
CA LYS A 95 -3.29 2.66 -16.12
C LYS A 95 -4.39 1.80 -16.72
N THR A 96 -4.88 2.20 -17.89
CA THR A 96 -5.93 1.47 -18.57
C THR A 96 -5.35 0.44 -19.53
N ASP A 97 -5.36 -0.83 -19.12
CA ASP A 97 -4.83 -1.90 -19.95
C ASP A 97 -4.52 -3.13 -19.11
N SER A 98 -3.60 -2.98 -18.16
CA SER A 98 -3.21 -4.08 -17.29
C SER A 98 -4.12 -4.16 -16.07
N SER A 99 -5.30 -4.75 -16.25
CA SER A 99 -6.26 -4.88 -15.16
C SER A 99 -5.73 -5.83 -14.09
N SER A 12 18.29 8.30 -0.79
CA SER A 12 16.98 7.58 -0.73
C SER A 12 17.18 6.09 -0.48
N GLY A 13 16.11 5.33 -0.60
CA GLY A 13 16.18 3.90 -0.37
C GLY A 13 16.14 3.11 -1.68
N VAL A 14 14.96 2.58 -2.01
CA VAL A 14 14.80 1.81 -3.23
C VAL A 14 13.60 2.29 -4.04
N PRO A 15 13.70 2.24 -5.38
CA PRO A 15 12.62 2.66 -6.27
C PRO A 15 11.28 2.02 -5.92
N SER A 16 10.48 2.73 -5.13
CA SER A 16 9.17 2.23 -4.73
C SER A 16 8.13 3.34 -4.72
N ARG A 17 6.94 3.04 -5.21
CA ARG A 17 5.86 4.02 -5.26
C ARG A 17 4.51 3.32 -5.11
N VAL A 18 4.28 2.28 -5.90
CA VAL A 18 3.03 1.54 -5.85
C VAL A 18 3.08 0.43 -4.81
N ILE A 19 2.50 0.69 -3.64
CA ILE A 19 2.49 -0.29 -2.56
C ILE A 19 1.39 -1.32 -2.77
N HIS A 20 1.79 -2.54 -3.17
CA HIS A 20 0.84 -3.62 -3.40
C HIS A 20 0.51 -4.34 -2.09
N ILE A 21 -0.69 -4.13 -1.59
CA ILE A 21 -1.12 -4.76 -0.35
C ILE A 21 -1.64 -6.18 -0.60
N ARG A 22 -0.98 -7.15 0.02
CA ARG A 22 -1.38 -8.54 -0.13
C ARG A 22 -2.16 -9.02 1.08
N LYS A 23 -2.68 -10.24 1.01
CA LYS A 23 -3.45 -10.81 2.10
C LYS A 23 -4.40 -9.76 2.68
N LEU A 24 -5.05 -9.00 1.80
CA LEU A 24 -5.97 -7.96 2.22
C LEU A 24 -7.31 -8.12 1.51
N PRO A 25 -8.41 -8.09 2.27
CA PRO A 25 -9.75 -8.22 1.72
C PRO A 25 -10.22 -6.93 1.06
N ILE A 26 -9.67 -6.65 -0.12
CA ILE A 26 -10.03 -5.43 -0.86
C ILE A 26 -11.48 -5.06 -0.60
N ASP A 27 -11.65 -3.96 0.13
CA ASP A 27 -12.96 -3.45 0.50
C ASP A 27 -12.88 -2.79 1.87
N VAL A 28 -11.82 -3.12 2.61
CA VAL A 28 -11.59 -2.57 3.94
C VAL A 28 -11.69 -1.05 3.91
N THR A 29 -11.28 -0.39 4.99
CA THR A 29 -11.36 1.06 5.04
C THR A 29 -9.99 1.72 4.89
N GLU A 30 -9.98 2.88 4.25
CA GLU A 30 -8.74 3.62 4.04
C GLU A 30 -8.11 4.01 5.36
N GLY A 31 -8.92 4.53 6.27
CA GLY A 31 -8.42 4.93 7.56
C GLY A 31 -7.41 3.96 8.12
N GLU A 32 -7.61 2.68 7.86
CA GLU A 32 -6.70 1.64 8.33
C GLU A 32 -5.44 1.63 7.47
N VAL A 33 -5.63 1.58 6.15
CA VAL A 33 -4.50 1.57 5.23
C VAL A 33 -3.71 2.88 5.33
N ILE A 34 -4.38 3.98 5.02
CA ILE A 34 -3.76 5.30 5.07
C ILE A 34 -3.07 5.52 6.42
N SER A 35 -3.78 5.19 7.51
CA SER A 35 -3.24 5.35 8.84
C SER A 35 -1.81 4.82 8.92
N LEU A 36 -1.61 3.64 8.34
CA LEU A 36 -0.29 3.02 8.32
C LEU A 36 0.66 3.80 7.42
N GLY A 37 0.09 4.57 6.50
CA GLY A 37 0.89 5.37 5.59
C GLY A 37 1.26 6.72 6.17
N LEU A 38 0.41 7.24 7.04
CA LEU A 38 0.64 8.53 7.67
C LEU A 38 2.11 8.69 8.04
N PRO A 39 2.66 7.72 8.79
CA PRO A 39 4.07 7.75 9.21
C PRO A 39 5.02 7.63 8.03
N PHE A 40 4.61 6.86 7.03
CA PHE A 40 5.41 6.66 5.83
C PHE A 40 5.57 7.96 5.06
N GLY A 41 4.49 8.73 4.99
CA GLY A 41 4.51 9.99 4.28
C GLY A 41 3.14 10.56 4.03
N LYS A 42 2.62 10.33 2.83
CA LYS A 42 1.29 10.82 2.47
C LYS A 42 0.63 9.91 1.43
N VAL A 43 -0.67 9.70 1.58
CA VAL A 43 -1.41 8.84 0.66
C VAL A 43 -1.94 9.65 -0.52
N THR A 44 -1.10 9.80 -1.54
CA THR A 44 -1.46 10.55 -2.74
C THR A 44 -2.32 9.72 -3.67
N ASN A 45 -2.72 8.53 -3.22
CA ASN A 45 -3.55 7.64 -4.02
C ASN A 45 -3.69 6.27 -3.36
N LEU A 46 -4.90 5.73 -3.37
CA LEU A 46 -5.16 4.42 -2.78
C LEU A 46 -6.27 3.69 -3.54
N LEU A 47 -5.86 2.79 -4.43
CA LEU A 47 -6.82 2.02 -5.22
C LEU A 47 -7.05 0.64 -4.61
N MET A 48 -8.24 0.11 -4.78
CA MET A 48 -8.58 -1.20 -4.24
C MET A 48 -9.10 -2.13 -5.33
N LEU A 49 -8.32 -3.14 -5.66
CA LEU A 49 -8.69 -4.11 -6.69
C LEU A 49 -9.50 -5.26 -6.08
N LYS A 50 -10.82 -5.16 -6.16
CA LYS A 50 -11.70 -6.17 -5.62
C LYS A 50 -11.72 -7.41 -6.51
N GLY A 51 -10.96 -7.38 -7.59
CA GLY A 51 -10.91 -8.51 -8.50
C GLY A 51 -10.32 -9.75 -7.85
N LYS A 52 -9.77 -9.58 -6.65
CA LYS A 52 -9.17 -10.70 -5.92
C LYS A 52 -9.07 -10.37 -4.42
N ASN A 53 -8.26 -9.37 -4.10
CA ASN A 53 -8.05 -8.95 -2.72
C ASN A 53 -6.71 -8.27 -2.55
N GLN A 54 -6.38 -7.39 -3.50
CA GLN A 54 -5.11 -6.67 -3.46
C GLN A 54 -5.33 -5.17 -3.65
N ALA A 55 -4.69 -4.37 -2.80
CA ALA A 55 -4.80 -2.93 -2.88
C ALA A 55 -3.49 -2.31 -3.36
N PHE A 56 -3.56 -1.06 -3.80
CA PHE A 56 -2.37 -0.37 -4.28
C PHE A 56 -2.45 1.12 -3.99
N ILE A 57 -1.54 1.61 -3.16
CA ILE A 57 -1.50 3.03 -2.82
C ILE A 57 -0.25 3.70 -3.39
N GLU A 58 -0.43 4.89 -3.95
CA GLU A 58 0.67 5.63 -4.52
C GLU A 58 1.23 6.64 -3.53
N MET A 59 2.36 6.31 -2.92
CA MET A 59 2.99 7.20 -1.95
C MET A 59 3.49 8.47 -2.63
N ASN A 60 3.04 9.61 -2.13
CA ASN A 60 3.45 10.89 -2.70
C ASN A 60 4.90 10.85 -3.15
N THR A 61 5.72 10.08 -2.44
CA THR A 61 7.13 9.96 -2.77
C THR A 61 7.63 8.54 -2.50
N GLU A 62 8.89 8.29 -2.83
CA GLU A 62 9.48 6.98 -2.62
C GLU A 62 9.74 6.73 -1.13
N GLU A 63 10.30 7.72 -0.45
CA GLU A 63 10.58 7.61 0.97
C GLU A 63 9.37 7.10 1.74
N ALA A 64 8.19 7.33 1.18
CA ALA A 64 6.95 6.90 1.81
C ALA A 64 6.65 5.44 1.50
N ALA A 65 6.71 5.09 0.21
CA ALA A 65 6.45 3.72 -0.22
C ALA A 65 7.49 2.75 0.32
N ASN A 66 8.72 3.24 0.48
CA ASN A 66 9.81 2.42 0.99
C ASN A 66 9.60 2.08 2.47
N THR A 67 9.41 3.11 3.29
CA THR A 67 9.21 2.92 4.71
C THR A 67 8.02 2.00 4.97
N MET A 68 7.11 1.92 4.01
CA MET A 68 5.93 1.08 4.14
C MET A 68 6.30 -0.40 4.14
N VAL A 69 6.81 -0.87 3.01
CA VAL A 69 7.21 -2.27 2.88
C VAL A 69 8.41 -2.60 3.76
N ASN A 70 9.44 -1.76 3.68
CA ASN A 70 10.64 -1.96 4.48
C ASN A 70 10.31 -2.13 5.96
N TYR A 71 9.36 -1.33 6.43
CA TYR A 71 8.96 -1.39 7.83
C TYR A 71 8.24 -2.71 8.13
N TYR A 72 7.34 -3.11 7.25
CA TYR A 72 6.60 -4.35 7.42
C TYR A 72 7.37 -5.54 6.87
N THR A 73 8.65 -5.31 6.58
CA THR A 73 9.50 -6.37 6.05
C THR A 73 9.72 -7.47 7.09
N SER A 74 9.37 -7.18 8.34
CA SER A 74 9.52 -8.14 9.42
C SER A 74 8.21 -8.30 10.18
N VAL A 75 7.51 -7.19 10.40
CA VAL A 75 6.24 -7.21 11.12
C VAL A 75 5.07 -6.95 10.16
N THR A 76 3.99 -7.71 10.36
CA THR A 76 2.80 -7.56 9.52
C THR A 76 1.71 -6.79 10.25
N PRO A 77 0.97 -5.93 9.53
CA PRO A 77 -0.11 -5.15 10.09
C PRO A 77 -1.47 -5.82 9.92
N VAL A 78 -2.34 -5.66 10.90
CA VAL A 78 -3.68 -6.25 10.85
C VAL A 78 -4.75 -5.24 11.23
N LEU A 79 -6.00 -5.58 10.95
CA LEU A 79 -7.13 -4.70 11.26
C LEU A 79 -7.93 -5.27 12.43
N ARG A 80 -7.80 -4.64 13.59
CA ARG A 80 -8.52 -5.08 14.79
C ARG A 80 -8.77 -6.58 14.77
N GLY A 81 -7.83 -7.32 14.20
CA GLY A 81 -7.97 -8.76 14.14
C GLY A 81 -8.07 -9.30 12.72
N GLN A 82 -7.33 -8.68 11.79
CA GLN A 82 -7.34 -9.12 10.39
C GLN A 82 -6.01 -8.80 9.73
N PRO A 83 -5.11 -9.79 9.67
CA PRO A 83 -3.78 -9.62 9.07
C PRO A 83 -3.84 -9.26 7.59
N ILE A 84 -3.15 -8.16 7.25
CA ILE A 84 -3.10 -7.70 5.86
C ILE A 84 -1.69 -7.25 5.52
N TYR A 85 -1.02 -8.06 4.70
CA TYR A 85 0.36 -7.78 4.29
C TYR A 85 0.45 -6.56 3.37
N ILE A 86 1.56 -5.83 3.50
CA ILE A 86 1.79 -4.65 2.69
C ILE A 86 3.14 -4.75 1.98
N GLN A 87 3.11 -5.06 0.69
CA GLN A 87 4.34 -5.18 -0.08
C GLN A 87 4.30 -4.30 -1.33
N PHE A 88 5.41 -4.26 -2.05
CA PHE A 88 5.52 -3.44 -3.26
C PHE A 88 4.70 -4.06 -4.39
N SER A 89 4.50 -3.29 -5.45
CA SER A 89 3.73 -3.76 -6.60
C SER A 89 4.64 -4.02 -7.79
N ASN A 90 4.06 -4.53 -8.88
CA ASN A 90 4.82 -4.82 -10.08
C ASN A 90 4.75 -3.67 -11.08
N HIS A 91 4.86 -2.45 -10.57
CA HIS A 91 4.80 -1.27 -11.42
C HIS A 91 3.44 -1.14 -12.10
N LYS A 92 2.39 -1.56 -11.39
CA LYS A 92 1.04 -1.50 -11.92
C LYS A 92 0.50 -0.07 -11.89
N GLU A 93 0.97 0.75 -12.83
CA GLU A 93 0.54 2.14 -12.91
C GLU A 93 -0.98 2.24 -12.94
N LEU A 94 -1.51 3.22 -12.22
CA LEU A 94 -2.95 3.42 -12.15
C LEU A 94 -3.57 3.41 -13.55
N LYS A 95 -4.40 2.41 -13.81
CA LYS A 95 -5.04 2.29 -15.12
C LYS A 95 -6.55 2.56 -15.00
N THR A 96 -7.15 2.98 -16.11
CA THR A 96 -8.58 3.28 -16.13
C THR A 96 -9.41 1.99 -16.16
N ASP A 97 -10.29 1.85 -15.19
CA ASP A 97 -11.15 0.67 -15.11
C ASP A 97 -12.13 0.63 -16.28
N SER A 98 -12.33 -0.56 -16.84
CA SER A 98 -13.25 -0.74 -17.95
C SER A 98 -14.63 -1.15 -17.47
N SER A 99 -14.68 -1.70 -16.25
CA SER A 99 -15.94 -2.14 -15.68
C SER A 99 -16.98 -1.01 -15.68
N SER A 12 19.00 3.36 -3.44
CA SER A 12 19.42 4.72 -3.84
C SER A 12 18.60 5.23 -5.01
N GLY A 13 17.33 5.53 -4.74
CA GLY A 13 16.45 6.03 -5.79
C GLY A 13 16.08 4.96 -6.80
N VAL A 14 15.25 4.01 -6.36
CA VAL A 14 14.82 2.91 -7.22
C VAL A 14 13.31 2.95 -7.43
N PRO A 15 12.84 2.36 -8.54
CA PRO A 15 11.40 2.32 -8.87
C PRO A 15 10.56 1.80 -7.70
N SER A 16 10.16 2.72 -6.83
CA SER A 16 9.34 2.35 -5.67
C SER A 16 8.32 3.44 -5.36
N ARG A 17 7.10 3.26 -5.87
CA ARG A 17 6.03 4.24 -5.65
C ARG A 17 4.72 3.53 -5.35
N VAL A 18 4.43 2.46 -6.09
CA VAL A 18 3.21 1.69 -5.89
C VAL A 18 3.41 0.62 -4.83
N ILE A 19 2.45 0.51 -3.91
CA ILE A 19 2.51 -0.48 -2.84
C ILE A 19 1.39 -1.50 -2.96
N HIS A 20 1.71 -2.68 -3.46
CA HIS A 20 0.73 -3.75 -3.61
C HIS A 20 0.47 -4.43 -2.27
N ILE A 21 -0.75 -4.29 -1.76
CA ILE A 21 -1.11 -4.90 -0.49
C ILE A 21 -1.52 -6.35 -0.67
N ARG A 22 -0.89 -7.23 0.11
CA ARG A 22 -1.19 -8.66 0.04
C ARG A 22 -1.94 -9.11 1.29
N LYS A 23 -2.43 -10.35 1.26
CA LYS A 23 -3.16 -10.89 2.41
C LYS A 23 -4.15 -9.85 2.93
N LEU A 24 -4.69 -9.04 2.02
CA LEU A 24 -5.63 -8.00 2.40
C LEU A 24 -7.00 -8.26 1.79
N PRO A 25 -7.99 -8.61 2.63
CA PRO A 25 -9.35 -8.86 2.15
C PRO A 25 -10.01 -7.59 1.66
N ILE A 26 -9.40 -7.01 0.61
CA ILE A 26 -9.86 -5.77 0.00
C ILE A 26 -11.21 -5.32 0.53
N ASP A 27 -11.17 -4.28 1.37
CA ASP A 27 -12.35 -3.69 2.00
C ASP A 27 -12.17 -3.55 3.52
N VAL A 28 -10.91 -3.47 3.96
CA VAL A 28 -10.63 -3.31 5.38
C VAL A 28 -10.69 -1.86 5.80
N THR A 29 -11.14 -1.03 4.88
CA THR A 29 -11.29 0.41 5.10
C THR A 29 -10.03 1.16 4.71
N GLU A 30 -10.24 2.39 4.22
CA GLU A 30 -9.14 3.24 3.81
C GLU A 30 -8.43 3.81 5.04
N GLY A 31 -9.22 4.19 6.03
CA GLY A 31 -8.66 4.74 7.25
C GLY A 31 -7.62 3.82 7.86
N GLU A 32 -7.74 2.53 7.57
CA GLU A 32 -6.79 1.54 8.08
C GLU A 32 -5.52 1.53 7.24
N VAL A 33 -5.69 1.43 5.93
CA VAL A 33 -4.54 1.42 5.02
C VAL A 33 -3.76 2.73 5.11
N ILE A 34 -4.47 3.85 5.00
CA ILE A 34 -3.86 5.16 5.07
C ILE A 34 -3.26 5.39 6.46
N SER A 35 -4.00 4.97 7.49
CA SER A 35 -3.54 5.13 8.86
C SER A 35 -2.11 4.60 9.00
N LEU A 36 -1.80 3.56 8.24
CA LEU A 36 -0.47 2.97 8.26
C LEU A 36 0.52 3.85 7.53
N GLY A 37 0.05 4.50 6.46
CA GLY A 37 0.91 5.38 5.69
C GLY A 37 1.29 6.63 6.44
N LEU A 38 0.44 7.05 7.37
CA LEU A 38 0.69 8.25 8.16
C LEU A 38 2.17 8.38 8.49
N PRO A 39 2.72 7.40 9.22
CA PRO A 39 4.13 7.39 9.60
C PRO A 39 5.04 7.25 8.38
N PHE A 40 4.48 6.70 7.31
CA PHE A 40 5.22 6.51 6.07
C PHE A 40 5.28 7.80 5.26
N GLY A 41 4.69 8.86 5.79
CA GLY A 41 4.69 10.13 5.10
C GLY A 41 3.29 10.62 4.78
N LYS A 42 2.87 10.45 3.53
CA LYS A 42 1.54 10.88 3.12
C LYS A 42 1.00 10.02 1.99
N VAL A 43 -0.31 9.80 1.99
CA VAL A 43 -0.97 9.00 0.97
C VAL A 43 -1.39 9.87 -0.21
N THR A 44 -0.91 9.54 -1.39
CA THR A 44 -1.23 10.30 -2.60
C THR A 44 -2.34 9.62 -3.39
N ASN A 45 -2.62 8.36 -3.06
CA ASN A 45 -3.66 7.61 -3.73
C ASN A 45 -3.64 6.15 -3.28
N LEU A 46 -4.83 5.55 -3.16
CA LEU A 46 -4.93 4.17 -2.74
C LEU A 46 -6.15 3.50 -3.38
N LEU A 47 -5.92 2.79 -4.48
CA LEU A 47 -7.00 2.10 -5.20
C LEU A 47 -7.07 0.64 -4.76
N MET A 48 -8.27 0.21 -4.36
CA MET A 48 -8.48 -1.16 -3.92
C MET A 48 -8.98 -2.03 -5.07
N LEU A 49 -8.42 -3.24 -5.19
CA LEU A 49 -8.82 -4.16 -6.24
C LEU A 49 -9.28 -5.50 -5.65
N LYS A 50 -10.59 -5.69 -5.59
CA LYS A 50 -11.16 -6.92 -5.04
C LYS A 50 -10.69 -8.13 -5.82
N GLY A 51 -10.10 -7.90 -7.00
CA GLY A 51 -9.62 -8.99 -7.82
C GLY A 51 -9.07 -10.14 -7.00
N LYS A 52 -7.75 -10.14 -6.80
CA LYS A 52 -7.10 -11.19 -6.02
C LYS A 52 -6.72 -10.68 -4.64
N ASN A 53 -7.65 -9.96 -4.01
CA ASN A 53 -7.41 -9.41 -2.68
C ASN A 53 -6.07 -8.68 -2.62
N GLN A 54 -6.03 -7.49 -3.20
CA GLN A 54 -4.81 -6.69 -3.21
C GLN A 54 -5.14 -5.22 -3.43
N ALA A 55 -4.46 -4.35 -2.70
CA ALA A 55 -4.68 -2.91 -2.82
C ALA A 55 -3.50 -2.23 -3.48
N PHE A 56 -3.68 -0.98 -3.87
CA PHE A 56 -2.62 -0.22 -4.53
C PHE A 56 -2.57 1.22 -4.02
N ILE A 57 -1.47 1.58 -3.38
CA ILE A 57 -1.29 2.93 -2.86
C ILE A 57 0.02 3.53 -3.33
N GLU A 58 0.03 4.82 -3.60
CA GLU A 58 1.23 5.50 -4.06
C GLU A 58 1.62 6.63 -3.12
N MET A 59 2.90 6.68 -2.77
CA MET A 59 3.41 7.72 -1.88
C MET A 59 3.92 8.92 -2.68
N ASN A 60 3.86 10.09 -2.08
CA ASN A 60 4.30 11.31 -2.75
C ASN A 60 5.81 11.31 -2.93
N THR A 61 6.51 10.59 -2.05
CA THR A 61 7.97 10.51 -2.12
C THR A 61 8.44 9.06 -2.02
N GLU A 62 9.42 8.71 -2.84
CA GLU A 62 9.97 7.36 -2.84
C GLU A 62 10.34 6.92 -1.44
N GLU A 63 10.54 7.89 -0.55
CA GLU A 63 10.90 7.60 0.83
C GLU A 63 9.70 7.06 1.61
N ALA A 64 8.53 7.59 1.31
CA ALA A 64 7.31 7.16 1.98
C ALA A 64 6.96 5.72 1.61
N ALA A 65 6.96 5.43 0.32
CA ALA A 65 6.65 4.09 -0.16
C ALA A 65 7.57 3.05 0.47
N ASN A 66 8.87 3.23 0.30
CA ASN A 66 9.86 2.31 0.84
C ASN A 66 9.48 1.89 2.26
N THR A 67 9.55 2.83 3.19
CA THR A 67 9.21 2.55 4.59
C THR A 67 7.99 1.66 4.69
N MET A 68 6.92 2.03 3.99
CA MET A 68 5.68 1.26 4.00
C MET A 68 5.97 -0.23 4.03
N VAL A 69 6.58 -0.73 2.95
CA VAL A 69 6.91 -2.15 2.86
C VAL A 69 8.14 -2.48 3.69
N ASN A 70 9.26 -1.83 3.38
CA ASN A 70 10.51 -2.07 4.10
C ASN A 70 10.25 -2.18 5.60
N TYR A 71 9.20 -1.54 6.08
CA TYR A 71 8.85 -1.58 7.50
C TYR A 71 8.01 -2.81 7.82
N TYR A 72 7.02 -3.09 6.98
CA TYR A 72 6.14 -4.23 7.19
C TYR A 72 6.78 -5.51 6.63
N THR A 73 8.04 -5.41 6.25
CA THR A 73 8.77 -6.55 5.70
C THR A 73 9.04 -7.60 6.77
N SER A 74 9.06 -7.15 8.03
CA SER A 74 9.31 -8.04 9.15
C SER A 74 8.10 -8.10 10.07
N VAL A 75 7.39 -6.98 10.19
CA VAL A 75 6.21 -6.90 11.04
C VAL A 75 4.96 -6.68 10.21
N THR A 76 3.96 -7.54 10.41
CA THR A 76 2.71 -7.43 9.67
C THR A 76 1.65 -6.70 10.49
N PRO A 77 0.97 -5.72 9.89
CA PRO A 77 -0.06 -4.95 10.54
C PRO A 77 -1.46 -5.45 10.20
N VAL A 78 -2.22 -5.84 11.22
CA VAL A 78 -3.57 -6.33 11.01
C VAL A 78 -4.59 -5.22 11.19
N LEU A 79 -5.87 -5.55 11.02
CA LEU A 79 -6.94 -4.57 11.18
C LEU A 79 -8.13 -5.18 11.90
N ARG A 80 -8.44 -4.66 13.08
CA ARG A 80 -9.55 -5.16 13.88
C ARG A 80 -9.48 -6.67 14.01
N GLY A 81 -8.29 -7.23 13.82
CA GLY A 81 -8.12 -8.66 13.93
C GLY A 81 -7.93 -9.32 12.58
N GLN A 82 -7.62 -8.52 11.56
CA GLN A 82 -7.42 -9.04 10.21
C GLN A 82 -6.03 -8.66 9.69
N PRO A 83 -5.08 -9.59 9.78
CA PRO A 83 -3.71 -9.36 9.34
C PRO A 83 -3.60 -9.17 7.82
N ILE A 84 -3.39 -7.93 7.40
CA ILE A 84 -3.26 -7.61 5.99
C ILE A 84 -1.88 -7.00 5.70
N TYR A 85 -1.06 -7.74 4.96
CA TYR A 85 0.30 -7.30 4.64
C TYR A 85 0.30 -6.24 3.53
N ILE A 86 1.36 -5.44 3.52
CA ILE A 86 1.52 -4.38 2.53
C ILE A 86 2.86 -4.52 1.81
N GLN A 87 2.83 -5.01 0.58
CA GLN A 87 4.05 -5.20 -0.20
C GLN A 87 4.08 -4.27 -1.41
N PHE A 88 5.20 -4.30 -2.13
CA PHE A 88 5.37 -3.47 -3.32
C PHE A 88 4.54 -3.99 -4.48
N SER A 89 4.65 -3.31 -5.62
CA SER A 89 3.89 -3.70 -6.81
C SER A 89 4.85 -4.10 -7.94
N ASN A 90 4.30 -4.79 -8.94
CA ASN A 90 5.10 -5.23 -10.08
C ASN A 90 4.67 -4.53 -11.36
N HIS A 91 4.39 -3.23 -11.25
CA HIS A 91 3.98 -2.44 -12.41
C HIS A 91 4.55 -1.03 -12.33
N LYS A 92 4.73 -0.41 -13.50
CA LYS A 92 5.27 0.94 -13.56
C LYS A 92 4.23 1.97 -13.10
N GLU A 93 3.09 1.99 -13.79
CA GLU A 93 2.02 2.92 -13.45
C GLU A 93 0.77 2.17 -12.98
N LEU A 94 -0.10 2.87 -12.28
CA LEU A 94 -1.33 2.28 -11.77
C LEU A 94 -2.22 1.79 -12.90
N LYS A 95 -2.71 0.57 -12.79
CA LYS A 95 -3.57 -0.01 -13.81
C LYS A 95 -4.79 0.88 -14.07
N THR A 96 -4.84 1.48 -15.25
CA THR A 96 -5.94 2.36 -15.62
C THR A 96 -6.78 1.74 -16.73
N ASP A 97 -8.10 1.86 -16.60
CA ASP A 97 -9.01 1.31 -17.59
C ASP A 97 -9.40 2.37 -18.61
N SER A 98 -9.26 3.63 -18.23
CA SER A 98 -9.59 4.74 -19.12
C SER A 98 -8.94 6.04 -18.63
N SER A 99 -7.70 5.94 -18.19
CA SER A 99 -6.96 7.11 -17.71
C SER A 99 -7.66 7.73 -16.51
#